data_6HLV
# 
_entry.id   6HLV 
# 
_audit_conform.dict_name       mmcif_pdbx.dic 
_audit_conform.dict_version    5.383 
_audit_conform.dict_location   http://mmcif.pdb.org/dictionaries/ascii/mmcif_pdbx.dic 
# 
loop_
_database_2.database_id 
_database_2.database_code 
_database_2.pdbx_database_accession 
_database_2.pdbx_DOI 
PDB   6HLV         pdb_00006hlv 10.2210/pdb6hlv/pdb 
WWPDB D_1200011884 ?            ?                   
# 
loop_
_pdbx_audit_revision_history.ordinal 
_pdbx_audit_revision_history.data_content_type 
_pdbx_audit_revision_history.major_revision 
_pdbx_audit_revision_history.minor_revision 
_pdbx_audit_revision_history.revision_date 
1 'Structure model' 1 0 2019-07-24 
2 'Structure model' 1 1 2019-08-14 
3 'Structure model' 1 2 2024-01-24 
# 
_pdbx_audit_revision_details.ordinal             1 
_pdbx_audit_revision_details.revision_ordinal    1 
_pdbx_audit_revision_details.data_content_type   'Structure model' 
_pdbx_audit_revision_details.provider            repository 
_pdbx_audit_revision_details.type                'Initial release' 
_pdbx_audit_revision_details.description         ? 
_pdbx_audit_revision_details.details             ? 
# 
loop_
_pdbx_audit_revision_group.ordinal 
_pdbx_audit_revision_group.revision_ordinal 
_pdbx_audit_revision_group.data_content_type 
_pdbx_audit_revision_group.group 
1 2 'Structure model' 'Data collection'        
2 2 'Structure model' 'Database references'    
3 3 'Structure model' 'Data collection'        
4 3 'Structure model' 'Database references'    
5 3 'Structure model' 'Refinement description' 
# 
loop_
_pdbx_audit_revision_category.ordinal 
_pdbx_audit_revision_category.revision_ordinal 
_pdbx_audit_revision_category.data_content_type 
_pdbx_audit_revision_category.category 
1 2 'Structure model' citation                      
2 2 'Structure model' citation_author               
3 3 'Structure model' chem_comp_atom                
4 3 'Structure model' chem_comp_bond                
5 3 'Structure model' database_2                    
6 3 'Structure model' pdbx_initial_refinement_model 
# 
loop_
_pdbx_audit_revision_item.ordinal 
_pdbx_audit_revision_item.revision_ordinal 
_pdbx_audit_revision_item.data_content_type 
_pdbx_audit_revision_item.item 
1  2 'Structure model' '_citation.country'                   
2  2 'Structure model' '_citation.journal_abbrev'            
3  2 'Structure model' '_citation.journal_id_CSD'            
4  2 'Structure model' '_citation.journal_id_ISSN'           
5  2 'Structure model' '_citation.journal_volume'            
6  2 'Structure model' '_citation.page_first'                
7  2 'Structure model' '_citation.page_last'                 
8  2 'Structure model' '_citation.pdbx_database_id_DOI'      
9  2 'Structure model' '_citation.pdbx_database_id_PubMed'   
10 2 'Structure model' '_citation.title'                     
11 2 'Structure model' '_citation.year'                      
12 3 'Structure model' '_database_2.pdbx_DOI'                
13 3 'Structure model' '_database_2.pdbx_database_accession' 
# 
_pdbx_database_status.status_code                     REL 
_pdbx_database_status.status_code_sf                  REL 
_pdbx_database_status.status_code_mr                  ? 
_pdbx_database_status.entry_id                        6HLV 
_pdbx_database_status.recvd_initial_deposition_date   2018-09-11 
_pdbx_database_status.SG_entry                        N 
_pdbx_database_status.deposit_site                    PDBE 
_pdbx_database_status.process_site                    PDBE 
_pdbx_database_status.status_code_cs                  ? 
_pdbx_database_status.methods_development_category    ? 
_pdbx_database_status.pdb_format_compatible           Y 
_pdbx_database_status.status_code_nmr_data            ? 
# 
loop_
_audit_author.name 
_audit_author.pdbx_ordinal 
_audit_author.identifier_ORCID 
'Klima, M.' 1 ? 
'Boura, E.' 2 ? 
# 
_citation.abstract                  ? 
_citation.abstract_id_CAS           ? 
_citation.book_id_ISBN              ? 
_citation.book_publisher            ? 
_citation.book_publisher_city       ? 
_citation.book_title                ? 
_citation.coordinate_linkage        ? 
_citation.country                   US 
_citation.database_id_Medline       ? 
_citation.details                   ? 
_citation.id                        primary 
_citation.journal_abbrev            'Plos Pathog.' 
_citation.journal_id_ASTM           ? 
_citation.journal_id_CSD            ? 
_citation.journal_id_ISSN           1553-7374 
_citation.journal_full              ? 
_citation.journal_issue             ? 
_citation.journal_volume            15 
_citation.language                  ? 
_citation.page_first                e1007962 
_citation.page_last                 e1007962 
_citation.title                     
'Convergent evolution in the mechanisms of ACBD3 recruitment to picornavirus replication sites.' 
_citation.year                      2019 
_citation.database_id_CSD           ? 
_citation.pdbx_database_id_DOI      10.1371/journal.ppat.1007962 
_citation.pdbx_database_id_PubMed   31381608 
_citation.unpublished_flag          ? 
# 
loop_
_citation_author.citation_id 
_citation_author.name 
_citation_author.ordinal 
_citation_author.identifier_ORCID 
primary 'Horova, V.'            1  ?                   
primary 'Lyoo, H.'              2  0000-0001-5806-9463 
primary 'Rozycki, B.'           3  0000-0001-5938-7308 
primary 'Chalupska, D.'         4  ?                   
primary 'Smola, M.'             5  ?                   
primary 'Humpolickova, J.'      6  ?                   
primary 'Strating, J.R.P.M.'    7  0000-0003-2509-5213 
primary 'van Kuppeveld, F.J.M.' 8  ?                   
primary 'Boura, E.'             9  ?                   
primary 'Klima, M.'             10 0000-0002-9083-509X 
# 
loop_
_entity.id 
_entity.type 
_entity.src_method 
_entity.pdbx_description 
_entity.formula_weight 
_entity.pdbx_number_of_molecules 
_entity.pdbx_ec 
_entity.pdbx_mutation 
_entity.pdbx_fragment 
_entity.details 
1 polymer man 'Golgi resident protein GCP60' 19261.217 1 ? ? ? ? 
2 polymer man '3A protein'                   6667.495  1 ? ? ? ? 
# 
_entity_name_com.entity_id   1 
_entity_name_com.name        
;Acyl-CoA-binding domain-containing protein 3,Golgi complex-associated protein 1,GOCAP1,Golgi phosphoprotein 1,GOLPH1,PBR- and PKA-associated protein 7,Peripheral benzodiazepine receptor-associated protein PAP7
;
# 
loop_
_entity_poly.entity_id 
_entity_poly.type 
_entity_poly.nstd_linkage 
_entity_poly.nstd_monomer 
_entity_poly.pdbx_seq_one_letter_code 
_entity_poly.pdbx_seq_one_letter_code_can 
_entity_poly.pdbx_strand_id 
_entity_poly.pdbx_target_identifier 
1 'polypeptide(L)' no no 
;MESLPVIAAPSMWTRPQIKDFKEKIQQDADSVITVGRGEVVTVRVPTHEEGSYLFWEFATDNYDIGFGVYFEWTDSPNTA
VSVHVSESSDDDEEEEENIGCEEKAKKNANKPLLDEIVPVYRRDCHEEVYAGSHQYPGRGVYLLKFDNSYSLWRSKSVYY
RVYYTR
;
;MESLPVIAAPSMWTRPQIKDFKEKIQQDADSVITVGRGEVVTVRVPTHEEGSYLFWEFATDNYDIGFGVYFEWTDSPNTA
VSVHVSESSDDDEEEEENIGCEEKAKKNANKPLLDEIVPVYRRDCHEEVYAGSHQYPGRGVYLLKFDNSYSLWRSKSVYY
RVYYTR
;
A ? 
2 'polypeptide(L)' no no GPLQYKDLKIDIKTSPPPECINDALQAVDSQEVRDYCEKKGWIVNITSQVQTERNINR 
GPLQYKDLKIDIKTSPPPECINDALQAVDSQEVRDYCEKKGWIVNITSQVQTERNINR B ? 
# 
loop_
_entity_poly_seq.entity_id 
_entity_poly_seq.num 
_entity_poly_seq.mon_id 
_entity_poly_seq.hetero 
1 1   MET n 
1 2   GLU n 
1 3   SER n 
1 4   LEU n 
1 5   PRO n 
1 6   VAL n 
1 7   ILE n 
1 8   ALA n 
1 9   ALA n 
1 10  PRO n 
1 11  SER n 
1 12  MET n 
1 13  TRP n 
1 14  THR n 
1 15  ARG n 
1 16  PRO n 
1 17  GLN n 
1 18  ILE n 
1 19  LYS n 
1 20  ASP n 
1 21  PHE n 
1 22  LYS n 
1 23  GLU n 
1 24  LYS n 
1 25  ILE n 
1 26  GLN n 
1 27  GLN n 
1 28  ASP n 
1 29  ALA n 
1 30  ASP n 
1 31  SER n 
1 32  VAL n 
1 33  ILE n 
1 34  THR n 
1 35  VAL n 
1 36  GLY n 
1 37  ARG n 
1 38  GLY n 
1 39  GLU n 
1 40  VAL n 
1 41  VAL n 
1 42  THR n 
1 43  VAL n 
1 44  ARG n 
1 45  VAL n 
1 46  PRO n 
1 47  THR n 
1 48  HIS n 
1 49  GLU n 
1 50  GLU n 
1 51  GLY n 
1 52  SER n 
1 53  TYR n 
1 54  LEU n 
1 55  PHE n 
1 56  TRP n 
1 57  GLU n 
1 58  PHE n 
1 59  ALA n 
1 60  THR n 
1 61  ASP n 
1 62  ASN n 
1 63  TYR n 
1 64  ASP n 
1 65  ILE n 
1 66  GLY n 
1 67  PHE n 
1 68  GLY n 
1 69  VAL n 
1 70  TYR n 
1 71  PHE n 
1 72  GLU n 
1 73  TRP n 
1 74  THR n 
1 75  ASP n 
1 76  SER n 
1 77  PRO n 
1 78  ASN n 
1 79  THR n 
1 80  ALA n 
1 81  VAL n 
1 82  SER n 
1 83  VAL n 
1 84  HIS n 
1 85  VAL n 
1 86  SER n 
1 87  GLU n 
1 88  SER n 
1 89  SER n 
1 90  ASP n 
1 91  ASP n 
1 92  ASP n 
1 93  GLU n 
1 94  GLU n 
1 95  GLU n 
1 96  GLU n 
1 97  GLU n 
1 98  ASN n 
1 99  ILE n 
1 100 GLY n 
1 101 CYS n 
1 102 GLU n 
1 103 GLU n 
1 104 LYS n 
1 105 ALA n 
1 106 LYS n 
1 107 LYS n 
1 108 ASN n 
1 109 ALA n 
1 110 ASN n 
1 111 LYS n 
1 112 PRO n 
1 113 LEU n 
1 114 LEU n 
1 115 ASP n 
1 116 GLU n 
1 117 ILE n 
1 118 VAL n 
1 119 PRO n 
1 120 VAL n 
1 121 TYR n 
1 122 ARG n 
1 123 ARG n 
1 124 ASP n 
1 125 CYS n 
1 126 HIS n 
1 127 GLU n 
1 128 GLU n 
1 129 VAL n 
1 130 TYR n 
1 131 ALA n 
1 132 GLY n 
1 133 SER n 
1 134 HIS n 
1 135 GLN n 
1 136 TYR n 
1 137 PRO n 
1 138 GLY n 
1 139 ARG n 
1 140 GLY n 
1 141 VAL n 
1 142 TYR n 
1 143 LEU n 
1 144 LEU n 
1 145 LYS n 
1 146 PHE n 
1 147 ASP n 
1 148 ASN n 
1 149 SER n 
1 150 TYR n 
1 151 SER n 
1 152 LEU n 
1 153 TRP n 
1 154 ARG n 
1 155 SER n 
1 156 LYS n 
1 157 SER n 
1 158 VAL n 
1 159 TYR n 
1 160 TYR n 
1 161 ARG n 
1 162 VAL n 
1 163 TYR n 
1 164 TYR n 
1 165 THR n 
1 166 ARG n 
2 1   GLY n 
2 2   PRO n 
2 3   LEU n 
2 4   GLN n 
2 5   TYR n 
2 6   LYS n 
2 7   ASP n 
2 8   LEU n 
2 9   LYS n 
2 10  ILE n 
2 11  ASP n 
2 12  ILE n 
2 13  LYS n 
2 14  THR n 
2 15  SER n 
2 16  PRO n 
2 17  PRO n 
2 18  PRO n 
2 19  GLU n 
2 20  CYS n 
2 21  ILE n 
2 22  ASN n 
2 23  ASP n 
2 24  ALA n 
2 25  LEU n 
2 26  GLN n 
2 27  ALA n 
2 28  VAL n 
2 29  ASP n 
2 30  SER n 
2 31  GLN n 
2 32  GLU n 
2 33  VAL n 
2 34  ARG n 
2 35  ASP n 
2 36  TYR n 
2 37  CYS n 
2 38  GLU n 
2 39  LYS n 
2 40  LYS n 
2 41  GLY n 
2 42  TRP n 
2 43  ILE n 
2 44  VAL n 
2 45  ASN n 
2 46  ILE n 
2 47  THR n 
2 48  SER n 
2 49  GLN n 
2 50  VAL n 
2 51  GLN n 
2 52  THR n 
2 53  GLU n 
2 54  ARG n 
2 55  ASN n 
2 56  ILE n 
2 57  ASN n 
2 58  ARG n 
# 
loop_
_entity_src_gen.entity_id 
_entity_src_gen.pdbx_src_id 
_entity_src_gen.pdbx_alt_source_flag 
_entity_src_gen.pdbx_seq_type 
_entity_src_gen.pdbx_beg_seq_num 
_entity_src_gen.pdbx_end_seq_num 
_entity_src_gen.gene_src_common_name 
_entity_src_gen.gene_src_genus 
_entity_src_gen.pdbx_gene_src_gene 
_entity_src_gen.gene_src_species 
_entity_src_gen.gene_src_strain 
_entity_src_gen.gene_src_tissue 
_entity_src_gen.gene_src_tissue_fraction 
_entity_src_gen.gene_src_details 
_entity_src_gen.pdbx_gene_src_fragment 
_entity_src_gen.pdbx_gene_src_scientific_name 
_entity_src_gen.pdbx_gene_src_ncbi_taxonomy_id 
_entity_src_gen.pdbx_gene_src_variant 
_entity_src_gen.pdbx_gene_src_cell_line 
_entity_src_gen.pdbx_gene_src_atcc 
_entity_src_gen.pdbx_gene_src_organ 
_entity_src_gen.pdbx_gene_src_organelle 
_entity_src_gen.pdbx_gene_src_cell 
_entity_src_gen.pdbx_gene_src_cellular_location 
_entity_src_gen.host_org_common_name 
_entity_src_gen.pdbx_host_org_scientific_name 
_entity_src_gen.pdbx_host_org_ncbi_taxonomy_id 
_entity_src_gen.host_org_genus 
_entity_src_gen.pdbx_host_org_gene 
_entity_src_gen.pdbx_host_org_organ 
_entity_src_gen.host_org_species 
_entity_src_gen.pdbx_host_org_tissue 
_entity_src_gen.pdbx_host_org_tissue_fraction 
_entity_src_gen.pdbx_host_org_strain 
_entity_src_gen.pdbx_host_org_variant 
_entity_src_gen.pdbx_host_org_cell_line 
_entity_src_gen.pdbx_host_org_atcc 
_entity_src_gen.pdbx_host_org_culture_collection 
_entity_src_gen.pdbx_host_org_cell 
_entity_src_gen.pdbx_host_org_organelle 
_entity_src_gen.pdbx_host_org_cellular_location 
_entity_src_gen.pdbx_host_org_vector_type 
_entity_src_gen.pdbx_host_org_vector 
_entity_src_gen.host_org_details 
_entity_src_gen.expression_system_id 
_entity_src_gen.plasmid_name 
_entity_src_gen.plasmid_details 
_entity_src_gen.pdbx_description 
1 1 sample 'Biological sequence' 1 166 Human ? 'ACBD3, GCP60, GOCAP1, GOLPH1' ? ? ? ? ? ? 'Homo sapiens'                       
9606  ? ? ? ? ? ? ? ? 'Escherichia coli BL21(DE3)' 469008 ? ? ? ? ? ? ? ? ? ? ? ? ? ? ? ? ? ? ? ? ? 
2 1 sample 'Biological sequence' 1 58  ?     ? ?                              ? ? ? ? ? ? 'Poliovirus type 1 (strain Mahoney)' 
12081 ? ? ? ? ? ? ? ? 'Escherichia coli BL21(DE3)' 469008 ? ? ? ? ? ? ? ? ? ? ? ? ? ? ? ? ? ? ? ? ? 
# 
loop_
_chem_comp.id 
_chem_comp.type 
_chem_comp.mon_nstd_flag 
_chem_comp.name 
_chem_comp.pdbx_synonyms 
_chem_comp.formula 
_chem_comp.formula_weight 
ALA 'L-peptide linking' y ALANINE         ? 'C3 H7 N O2'     89.093  
ARG 'L-peptide linking' y ARGININE        ? 'C6 H15 N4 O2 1' 175.209 
ASN 'L-peptide linking' y ASPARAGINE      ? 'C4 H8 N2 O3'    132.118 
ASP 'L-peptide linking' y 'ASPARTIC ACID' ? 'C4 H7 N O4'     133.103 
CYS 'L-peptide linking' y CYSTEINE        ? 'C3 H7 N O2 S'   121.158 
GLN 'L-peptide linking' y GLUTAMINE       ? 'C5 H10 N2 O3'   146.144 
GLU 'L-peptide linking' y 'GLUTAMIC ACID' ? 'C5 H9 N O4'     147.129 
GLY 'peptide linking'   y GLYCINE         ? 'C2 H5 N O2'     75.067  
HIS 'L-peptide linking' y HISTIDINE       ? 'C6 H10 N3 O2 1' 156.162 
ILE 'L-peptide linking' y ISOLEUCINE      ? 'C6 H13 N O2'    131.173 
LEU 'L-peptide linking' y LEUCINE         ? 'C6 H13 N O2'    131.173 
LYS 'L-peptide linking' y LYSINE          ? 'C6 H15 N2 O2 1' 147.195 
MET 'L-peptide linking' y METHIONINE      ? 'C5 H11 N O2 S'  149.211 
PHE 'L-peptide linking' y PHENYLALANINE   ? 'C9 H11 N O2'    165.189 
PRO 'L-peptide linking' y PROLINE         ? 'C5 H9 N O2'     115.130 
SER 'L-peptide linking' y SERINE          ? 'C3 H7 N O3'     105.093 
THR 'L-peptide linking' y THREONINE       ? 'C4 H9 N O3'     119.119 
TRP 'L-peptide linking' y TRYPTOPHAN      ? 'C11 H12 N2 O2'  204.225 
TYR 'L-peptide linking' y TYROSINE        ? 'C9 H11 N O3'    181.189 
VAL 'L-peptide linking' y VALINE          ? 'C5 H11 N O2'    117.146 
# 
loop_
_pdbx_poly_seq_scheme.asym_id 
_pdbx_poly_seq_scheme.entity_id 
_pdbx_poly_seq_scheme.seq_id 
_pdbx_poly_seq_scheme.mon_id 
_pdbx_poly_seq_scheme.ndb_seq_num 
_pdbx_poly_seq_scheme.pdb_seq_num 
_pdbx_poly_seq_scheme.auth_seq_num 
_pdbx_poly_seq_scheme.pdb_mon_id 
_pdbx_poly_seq_scheme.auth_mon_id 
_pdbx_poly_seq_scheme.pdb_strand_id 
_pdbx_poly_seq_scheme.pdb_ins_code 
_pdbx_poly_seq_scheme.hetero 
A 1 1   MET 1   363 ?   ?   ?   A . n 
A 1 2   GLU 2   364 ?   ?   ?   A . n 
A 1 3   SER 3   365 365 SER SER A . n 
A 1 4   LEU 4   366 366 LEU LEU A . n 
A 1 5   PRO 5   367 367 PRO PRO A . n 
A 1 6   VAL 6   368 368 VAL VAL A . n 
A 1 7   ILE 7   369 369 ILE ILE A . n 
A 1 8   ALA 8   370 370 ALA ALA A . n 
A 1 9   ALA 9   371 371 ALA ALA A . n 
A 1 10  PRO 10  372 372 PRO PRO A . n 
A 1 11  SER 11  373 373 SER SER A . n 
A 1 12  MET 12  374 374 MET MET A . n 
A 1 13  TRP 13  375 375 TRP TRP A . n 
A 1 14  THR 14  376 376 THR THR A . n 
A 1 15  ARG 15  377 377 ARG ARG A . n 
A 1 16  PRO 16  378 378 PRO PRO A . n 
A 1 17  GLN 17  379 379 GLN GLN A . n 
A 1 18  ILE 18  380 380 ILE ILE A . n 
A 1 19  LYS 19  381 381 LYS LYS A . n 
A 1 20  ASP 20  382 382 ASP ASP A . n 
A 1 21  PHE 21  383 383 PHE PHE A . n 
A 1 22  LYS 22  384 384 LYS LYS A . n 
A 1 23  GLU 23  385 385 GLU GLU A . n 
A 1 24  LYS 24  386 386 LYS LYS A . n 
A 1 25  ILE 25  387 387 ILE ILE A . n 
A 1 26  GLN 26  388 388 GLN GLN A . n 
A 1 27  GLN 27  389 389 GLN GLN A . n 
A 1 28  ASP 28  390 390 ASP ASP A . n 
A 1 29  ALA 29  391 391 ALA ALA A . n 
A 1 30  ASP 30  392 392 ASP ASP A . n 
A 1 31  SER 31  393 393 SER SER A . n 
A 1 32  VAL 32  394 394 VAL VAL A . n 
A 1 33  ILE 33  395 395 ILE ILE A . n 
A 1 34  THR 34  396 396 THR THR A . n 
A 1 35  VAL 35  397 397 VAL VAL A . n 
A 1 36  GLY 36  398 398 GLY GLY A . n 
A 1 37  ARG 37  399 399 ARG ARG A . n 
A 1 38  GLY 38  400 400 GLY GLY A . n 
A 1 39  GLU 39  401 401 GLU GLU A . n 
A 1 40  VAL 40  402 402 VAL VAL A . n 
A 1 41  VAL 41  403 403 VAL VAL A . n 
A 1 42  THR 42  404 404 THR THR A . n 
A 1 43  VAL 43  405 405 VAL VAL A . n 
A 1 44  ARG 44  406 406 ARG ARG A . n 
A 1 45  VAL 45  407 407 VAL VAL A . n 
A 1 46  PRO 46  408 408 PRO PRO A . n 
A 1 47  THR 47  409 409 THR THR A . n 
A 1 48  HIS 48  410 410 HIS HIS A . n 
A 1 49  GLU 49  411 411 GLU GLU A . n 
A 1 50  GLU 50  412 412 GLU GLU A . n 
A 1 51  GLY 51  413 413 GLY GLY A . n 
A 1 52  SER 52  414 414 SER SER A . n 
A 1 53  TYR 53  415 415 TYR TYR A . n 
A 1 54  LEU 54  416 416 LEU LEU A . n 
A 1 55  PHE 55  417 417 PHE PHE A . n 
A 1 56  TRP 56  418 418 TRP TRP A . n 
A 1 57  GLU 57  419 419 GLU GLU A . n 
A 1 58  PHE 58  420 420 PHE PHE A . n 
A 1 59  ALA 59  421 421 ALA ALA A . n 
A 1 60  THR 60  422 422 THR THR A . n 
A 1 61  ASP 61  423 423 ASP ASP A . n 
A 1 62  ASN 62  424 424 ASN ASN A . n 
A 1 63  TYR 63  425 425 TYR TYR A . n 
A 1 64  ASP 64  426 426 ASP ASP A . n 
A 1 65  ILE 65  427 427 ILE ILE A . n 
A 1 66  GLY 66  428 428 GLY GLY A . n 
A 1 67  PHE 67  429 429 PHE PHE A . n 
A 1 68  GLY 68  430 430 GLY GLY A . n 
A 1 69  VAL 69  431 431 VAL VAL A . n 
A 1 70  TYR 70  432 432 TYR TYR A . n 
A 1 71  PHE 71  433 433 PHE PHE A . n 
A 1 72  GLU 72  434 434 GLU GLU A . n 
A 1 73  TRP 73  435 435 TRP TRP A . n 
A 1 74  THR 74  436 436 THR THR A . n 
A 1 75  ASP 75  437 ?   ?   ?   A . n 
A 1 76  SER 76  438 ?   ?   ?   A . n 
A 1 77  PRO 77  439 ?   ?   ?   A . n 
A 1 78  ASN 78  440 ?   ?   ?   A . n 
A 1 79  THR 79  441 ?   ?   ?   A . n 
A 1 80  ALA 80  442 ?   ?   ?   A . n 
A 1 81  VAL 81  443 ?   ?   ?   A . n 
A 1 82  SER 82  444 ?   ?   ?   A . n 
A 1 83  VAL 83  445 ?   ?   ?   A . n 
A 1 84  HIS 84  446 ?   ?   ?   A . n 
A 1 85  VAL 85  447 ?   ?   ?   A . n 
A 1 86  SER 86  448 ?   ?   ?   A . n 
A 1 87  GLU 87  449 ?   ?   ?   A . n 
A 1 88  SER 88  450 ?   ?   ?   A . n 
A 1 89  SER 89  451 ?   ?   ?   A . n 
A 1 90  ASP 90  452 ?   ?   ?   A . n 
A 1 91  ASP 91  453 ?   ?   ?   A . n 
A 1 92  ASP 92  454 ?   ?   ?   A . n 
A 1 93  GLU 93  455 ?   ?   ?   A . n 
A 1 94  GLU 94  456 ?   ?   ?   A . n 
A 1 95  GLU 95  457 ?   ?   ?   A . n 
A 1 96  GLU 96  458 ?   ?   ?   A . n 
A 1 97  GLU 97  459 ?   ?   ?   A . n 
A 1 98  ASN 98  460 ?   ?   ?   A . n 
A 1 99  ILE 99  461 ?   ?   ?   A . n 
A 1 100 GLY 100 462 ?   ?   ?   A . n 
A 1 101 CYS 101 463 ?   ?   ?   A . n 
A 1 102 GLU 102 464 ?   ?   ?   A . n 
A 1 103 GLU 103 465 ?   ?   ?   A . n 
A 1 104 LYS 104 466 ?   ?   ?   A . n 
A 1 105 ALA 105 467 ?   ?   ?   A . n 
A 1 106 LYS 106 468 ?   ?   ?   A . n 
A 1 107 LYS 107 469 ?   ?   ?   A . n 
A 1 108 ASN 108 470 ?   ?   ?   A . n 
A 1 109 ALA 109 471 ?   ?   ?   A . n 
A 1 110 ASN 110 472 ?   ?   ?   A . n 
A 1 111 LYS 111 473 ?   ?   ?   A . n 
A 1 112 PRO 112 474 474 PRO PRO A . n 
A 1 113 LEU 113 475 475 LEU LEU A . n 
A 1 114 LEU 114 476 476 LEU LEU A . n 
A 1 115 ASP 115 477 477 ASP ASP A . n 
A 1 116 GLU 116 478 478 GLU GLU A . n 
A 1 117 ILE 117 479 479 ILE ILE A . n 
A 1 118 VAL 118 480 480 VAL VAL A . n 
A 1 119 PRO 119 481 481 PRO PRO A . n 
A 1 120 VAL 120 482 482 VAL VAL A . n 
A 1 121 TYR 121 483 483 TYR TYR A . n 
A 1 122 ARG 122 484 484 ARG ARG A . n 
A 1 123 ARG 123 485 485 ARG ARG A . n 
A 1 124 ASP 124 486 486 ASP ASP A . n 
A 1 125 CYS 125 487 487 CYS CYS A . n 
A 1 126 HIS 126 488 488 HIS HIS A . n 
A 1 127 GLU 127 489 489 GLU GLU A . n 
A 1 128 GLU 128 490 490 GLU GLU A . n 
A 1 129 VAL 129 491 491 VAL VAL A . n 
A 1 130 TYR 130 492 492 TYR TYR A . n 
A 1 131 ALA 131 493 493 ALA ALA A . n 
A 1 132 GLY 132 494 494 GLY GLY A . n 
A 1 133 SER 133 495 495 SER SER A . n 
A 1 134 HIS 134 496 496 HIS HIS A . n 
A 1 135 GLN 135 497 497 GLN GLN A . n 
A 1 136 TYR 136 498 498 TYR TYR A . n 
A 1 137 PRO 137 499 499 PRO PRO A . n 
A 1 138 GLY 138 500 500 GLY GLY A . n 
A 1 139 ARG 139 501 501 ARG ARG A . n 
A 1 140 GLY 140 502 502 GLY GLY A . n 
A 1 141 VAL 141 503 503 VAL VAL A . n 
A 1 142 TYR 142 504 504 TYR TYR A . n 
A 1 143 LEU 143 505 505 LEU LEU A . n 
A 1 144 LEU 144 506 506 LEU LEU A . n 
A 1 145 LYS 145 507 507 LYS LYS A . n 
A 1 146 PHE 146 508 508 PHE PHE A . n 
A 1 147 ASP 147 509 509 ASP ASP A . n 
A 1 148 ASN 148 510 510 ASN ASN A . n 
A 1 149 SER 149 511 511 SER SER A . n 
A 1 150 TYR 150 512 512 TYR TYR A . n 
A 1 151 SER 151 513 513 SER SER A . n 
A 1 152 LEU 152 514 514 LEU LEU A . n 
A 1 153 TRP 153 515 515 TRP TRP A . n 
A 1 154 ARG 154 516 516 ARG ARG A . n 
A 1 155 SER 155 517 517 SER SER A . n 
A 1 156 LYS 156 518 518 LYS LYS A . n 
A 1 157 SER 157 519 519 SER SER A . n 
A 1 158 VAL 158 520 520 VAL VAL A . n 
A 1 159 TYR 159 521 521 TYR TYR A . n 
A 1 160 TYR 160 522 522 TYR TYR A . n 
A 1 161 ARG 161 523 523 ARG ARG A . n 
A 1 162 VAL 162 524 524 VAL VAL A . n 
A 1 163 TYR 163 525 525 TYR TYR A . n 
A 1 164 TYR 164 526 526 TYR TYR A . n 
A 1 165 THR 165 527 527 THR THR A . n 
A 1 166 ARG 166 528 528 ARG ARG A . n 
B 2 1   GLY 1   1   ?   ?   ?   B . n 
B 2 2   PRO 2   2   ?   ?   ?   B . n 
B 2 3   LEU 3   3   ?   ?   ?   B . n 
B 2 4   GLN 4   4   ?   ?   ?   B . n 
B 2 5   TYR 5   5   ?   ?   ?   B . n 
B 2 6   LYS 6   6   ?   ?   ?   B . n 
B 2 7   ASP 7   7   ?   ?   ?   B . n 
B 2 8   LEU 8   8   ?   ?   ?   B . n 
B 2 9   LYS 9   9   ?   ?   ?   B . n 
B 2 10  ILE 10  10  ?   ?   ?   B . n 
B 2 11  ASP 11  11  ?   ?   ?   B . n 
B 2 12  ILE 12  12  ?   ?   ?   B . n 
B 2 13  LYS 13  13  ?   ?   ?   B . n 
B 2 14  THR 14  14  ?   ?   ?   B . n 
B 2 15  SER 15  15  ?   ?   ?   B . n 
B 2 16  PRO 16  16  16  PRO PRO B . n 
B 2 17  PRO 17  17  17  PRO PRO B . n 
B 2 18  PRO 18  18  18  PRO PRO B . n 
B 2 19  GLU 19  19  19  GLU GLU B . n 
B 2 20  CYS 20  20  20  CYS CYS B . n 
B 2 21  ILE 21  21  21  ILE ILE B . n 
B 2 22  ASN 22  22  22  ASN ASN B . n 
B 2 23  ASP 23  23  23  ASP ASP B . n 
B 2 24  ALA 24  24  24  ALA ALA B . n 
B 2 25  LEU 25  25  25  LEU LEU B . n 
B 2 26  GLN 26  26  26  GLN GLN B . n 
B 2 27  ALA 27  27  27  ALA ALA B . n 
B 2 28  VAL 28  28  28  VAL VAL B . n 
B 2 29  ASP 29  29  29  ASP ASP B . n 
B 2 30  SER 30  30  30  SER SER B . n 
B 2 31  GLN 31  31  31  GLN GLN B . n 
B 2 32  GLU 32  32  32  GLU GLU B . n 
B 2 33  VAL 33  33  33  VAL VAL B . n 
B 2 34  ARG 34  34  34  ARG ARG B . n 
B 2 35  ASP 35  35  35  ASP ASP B . n 
B 2 36  TYR 36  36  36  TYR TYR B . n 
B 2 37  CYS 37  37  37  CYS CYS B . n 
B 2 38  GLU 38  38  38  GLU GLU B . n 
B 2 39  LYS 39  39  39  LYS LYS B . n 
B 2 40  LYS 40  40  40  LYS LYS B . n 
B 2 41  GLY 41  41  41  GLY GLY B . n 
B 2 42  TRP 42  42  42  TRP TRP B . n 
B 2 43  ILE 43  43  43  ILE ILE B . n 
B 2 44  VAL 44  44  44  VAL VAL B . n 
B 2 45  ASN 45  45  45  ASN ASN B . n 
B 2 46  ILE 46  46  46  ILE ILE B . n 
B 2 47  THR 47  47  47  THR THR B . n 
B 2 48  SER 48  48  48  SER SER B . n 
B 2 49  GLN 49  49  49  GLN GLN B . n 
B 2 50  VAL 50  50  50  VAL VAL B . n 
B 2 51  GLN 51  51  51  GLN GLN B . n 
B 2 52  THR 52  52  52  THR THR B . n 
B 2 53  GLU 53  53  53  GLU GLU B . n 
B 2 54  ARG 54  54  54  ARG ARG B . n 
B 2 55  ASN 55  55  55  ASN ASN B . n 
B 2 56  ILE 56  56  56  ILE ILE B . n 
B 2 57  ASN 57  57  ?   ?   ?   B . n 
B 2 58  ARG 58  58  ?   ?   ?   B . n 
# 
loop_
_pdbx_unobs_or_zero_occ_atoms.id 
_pdbx_unobs_or_zero_occ_atoms.PDB_model_num 
_pdbx_unobs_or_zero_occ_atoms.polymer_flag 
_pdbx_unobs_or_zero_occ_atoms.occupancy_flag 
_pdbx_unobs_or_zero_occ_atoms.auth_asym_id 
_pdbx_unobs_or_zero_occ_atoms.auth_comp_id 
_pdbx_unobs_or_zero_occ_atoms.auth_seq_id 
_pdbx_unobs_or_zero_occ_atoms.PDB_ins_code 
_pdbx_unobs_or_zero_occ_atoms.auth_atom_id 
_pdbx_unobs_or_zero_occ_atoms.label_alt_id 
_pdbx_unobs_or_zero_occ_atoms.label_asym_id 
_pdbx_unobs_or_zero_occ_atoms.label_comp_id 
_pdbx_unobs_or_zero_occ_atoms.label_seq_id 
_pdbx_unobs_or_zero_occ_atoms.label_atom_id 
1 1 Y 1 A LYS 381 ? CD  ? A LYS 19 CD  
2 1 Y 1 A LYS 381 ? CE  ? A LYS 19 CE  
3 1 Y 1 A LYS 381 ? NZ  ? A LYS 19 NZ  
4 1 Y 1 B GLU 19  ? CD  ? B GLU 19 CD  
5 1 Y 1 B GLU 19  ? OE1 ? B GLU 19 OE1 
6 1 Y 1 B GLU 19  ? OE2 ? B GLU 19 OE2 
# 
loop_
_software.citation_id 
_software.classification 
_software.compiler_name 
_software.compiler_version 
_software.contact_author 
_software.contact_author_email 
_software.date 
_software.description 
_software.dependencies 
_software.hardware 
_software.language 
_software.location 
_software.mods 
_software.name 
_software.os 
_software.os_version 
_software.type 
_software.version 
_software.pdbx_ordinal 
? refinement       ? ? ? ? ? ? ? ? ? ? ? PHENIX ? ? ? 1.9_1692    1 
? 'data reduction' ? ? ? ? ? ? ? ? ? ? ? XDS    ? ? ? 11-Sep-2018 2 
? 'data scaling'   ? ? ? ? ? ? ? ? ? ? ? XDS    ? ? ? 11-Sep-2018 3 
? phasing          ? ? ? ? ? ? ? ? ? ? ? PHASER ? ? ? 2.5.6       4 
# 
_cell.angle_alpha                  90.00 
_cell.angle_alpha_esd              ? 
_cell.angle_beta                   107.64 
_cell.angle_beta_esd               ? 
_cell.angle_gamma                  90.00 
_cell.angle_gamma_esd              ? 
_cell.entry_id                     6HLV 
_cell.details                      ? 
_cell.formula_units_Z              ? 
_cell.length_a                     90.656 
_cell.length_a_esd                 ? 
_cell.length_b                     53.787 
_cell.length_b_esd                 ? 
_cell.length_c                     62.813 
_cell.length_c_esd                 ? 
_cell.volume                       ? 
_cell.volume_esd                   ? 
_cell.Z_PDB                        4 
_cell.reciprocal_angle_alpha       ? 
_cell.reciprocal_angle_beta        ? 
_cell.reciprocal_angle_gamma       ? 
_cell.reciprocal_angle_alpha_esd   ? 
_cell.reciprocal_angle_beta_esd    ? 
_cell.reciprocal_angle_gamma_esd   ? 
_cell.reciprocal_length_a          ? 
_cell.reciprocal_length_b          ? 
_cell.reciprocal_length_c          ? 
_cell.reciprocal_length_a_esd      ? 
_cell.reciprocal_length_b_esd      ? 
_cell.reciprocal_length_c_esd      ? 
_cell.pdbx_unique_axis             ? 
# 
_symmetry.entry_id                         6HLV 
_symmetry.cell_setting                     ? 
_symmetry.Int_Tables_number                5 
_symmetry.space_group_name_Hall            ? 
_symmetry.space_group_name_H-M             'C 1 2 1' 
_symmetry.pdbx_full_space_group_name_H-M   ? 
# 
_exptl.absorpt_coefficient_mu     ? 
_exptl.absorpt_correction_T_max   ? 
_exptl.absorpt_correction_T_min   ? 
_exptl.absorpt_correction_type    ? 
_exptl.absorpt_process_details    ? 
_exptl.entry_id                   6HLV 
_exptl.crystals_number            1 
_exptl.details                    ? 
_exptl.method                     'X-RAY DIFFRACTION' 
_exptl.method_details             ? 
# 
_exptl_crystal.colour                      ? 
_exptl_crystal.density_diffrn              ? 
_exptl_crystal.density_Matthews            2.81 
_exptl_crystal.density_method              ? 
_exptl_crystal.density_percent_sol         56.29 
_exptl_crystal.description                 ? 
_exptl_crystal.F_000                       ? 
_exptl_crystal.id                          1 
_exptl_crystal.preparation                 ? 
_exptl_crystal.size_max                    ? 
_exptl_crystal.size_mid                    ? 
_exptl_crystal.size_min                    ? 
_exptl_crystal.size_rad                    ? 
_exptl_crystal.colour_lustre               ? 
_exptl_crystal.colour_modifier             ? 
_exptl_crystal.colour_primary              ? 
_exptl_crystal.density_meas                ? 
_exptl_crystal.density_meas_esd            ? 
_exptl_crystal.density_meas_gt             ? 
_exptl_crystal.density_meas_lt             ? 
_exptl_crystal.density_meas_temp           ? 
_exptl_crystal.density_meas_temp_esd       ? 
_exptl_crystal.density_meas_temp_gt        ? 
_exptl_crystal.density_meas_temp_lt        ? 
_exptl_crystal.pdbx_crystal_image_url      ? 
_exptl_crystal.pdbx_crystal_image_format   ? 
_exptl_crystal.pdbx_mosaicity              ? 
_exptl_crystal.pdbx_mosaicity_esd          ? 
# 
_exptl_crystal_grow.apparatus       ? 
_exptl_crystal_grow.atmosphere      ? 
_exptl_crystal_grow.crystal_id      1 
_exptl_crystal_grow.details         ? 
_exptl_crystal_grow.method          'VAPOR DIFFUSION, SITTING DROP' 
_exptl_crystal_grow.method_ref      ? 
_exptl_crystal_grow.pH              ? 
_exptl_crystal_grow.pressure        ? 
_exptl_crystal_grow.pressure_esd    ? 
_exptl_crystal_grow.seeding         ? 
_exptl_crystal_grow.seeding_ref     ? 
_exptl_crystal_grow.temp            291 
_exptl_crystal_grow.temp_details    ? 
_exptl_crystal_grow.temp_esd        ? 
_exptl_crystal_grow.time            ? 
_exptl_crystal_grow.pdbx_details    
;12,5% w/v PEG 4000, 20% v/v 1,2,6-hexanetriol, 4% v/v tert-butanol, 1 mM rubidium chloride, 1 mM strontium chloride, 1 mM cesium acetate, 1 mM barium acetate, 100 mM GlyGly/AMPD pH 8.5
;
_exptl_crystal_grow.pdbx_pH_range   ? 
# 
_diffrn.ambient_environment              ? 
_diffrn.ambient_temp                     100 
_diffrn.ambient_temp_details             ? 
_diffrn.ambient_temp_esd                 ? 
_diffrn.crystal_id                       1 
_diffrn.crystal_support                  ? 
_diffrn.crystal_treatment                ? 
_diffrn.details                          ? 
_diffrn.id                               1 
_diffrn.ambient_pressure                 ? 
_diffrn.ambient_pressure_esd             ? 
_diffrn.ambient_pressure_gt              ? 
_diffrn.ambient_pressure_lt              ? 
_diffrn.ambient_temp_gt                  ? 
_diffrn.ambient_temp_lt                  ? 
_diffrn.pdbx_serial_crystal_experiment   ? 
# 
_diffrn_detector.details                      ? 
_diffrn_detector.detector                     PIXEL 
_diffrn_detector.diffrn_id                    1 
_diffrn_detector.type                         'DECTRIS PILATUS 6M' 
_diffrn_detector.area_resol_mean              ? 
_diffrn_detector.dtime                        ? 
_diffrn_detector.pdbx_frames_total            ? 
_diffrn_detector.pdbx_collection_time_total   ? 
_diffrn_detector.pdbx_collection_date         2018-03-02 
_diffrn_detector.pdbx_frequency               ? 
# 
_diffrn_radiation.collimation                      ? 
_diffrn_radiation.diffrn_id                        1 
_diffrn_radiation.filter_edge                      ? 
_diffrn_radiation.inhomogeneity                    ? 
_diffrn_radiation.monochromator                    ? 
_diffrn_radiation.polarisn_norm                    ? 
_diffrn_radiation.polarisn_ratio                   ? 
_diffrn_radiation.probe                            ? 
_diffrn_radiation.type                             ? 
_diffrn_radiation.xray_symbol                      ? 
_diffrn_radiation.wavelength_id                    1 
_diffrn_radiation.pdbx_monochromatic_or_laue_m_l   M 
_diffrn_radiation.pdbx_wavelength_list             ? 
_diffrn_radiation.pdbx_wavelength                  ? 
_diffrn_radiation.pdbx_diffrn_protocol             'SINGLE WAVELENGTH' 
_diffrn_radiation.pdbx_analyzer                    ? 
_diffrn_radiation.pdbx_scattering_type             x-ray 
# 
_diffrn_radiation_wavelength.id           1 
_diffrn_radiation_wavelength.wavelength   0.9184 
_diffrn_radiation_wavelength.wt           1.0 
# 
_diffrn_source.current                     ? 
_diffrn_source.details                     ? 
_diffrn_source.diffrn_id                   1 
_diffrn_source.power                       ? 
_diffrn_source.size                        ? 
_diffrn_source.source                      SYNCHROTRON 
_diffrn_source.target                      ? 
_diffrn_source.type                        'BESSY BEAMLINE 14.1' 
_diffrn_source.voltage                     ? 
_diffrn_source.take-off_angle              ? 
_diffrn_source.pdbx_wavelength_list        0.9184 
_diffrn_source.pdbx_wavelength             ? 
_diffrn_source.pdbx_synchrotron_beamline   14.1 
_diffrn_source.pdbx_synchrotron_site       BESSY 
# 
_reflns.B_iso_Wilson_estimate            55.88 
_reflns.entry_id                         6HLV 
_reflns.data_reduction_details           ? 
_reflns.data_reduction_method            ? 
_reflns.d_resolution_high                2.5 
_reflns.d_resolution_low                 43.2 
_reflns.details                          ? 
_reflns.limit_h_max                      ? 
_reflns.limit_h_min                      ? 
_reflns.limit_k_max                      ? 
_reflns.limit_k_min                      ? 
_reflns.limit_l_max                      ? 
_reflns.limit_l_min                      ? 
_reflns.number_all                       ? 
_reflns.number_obs                       10009 
_reflns.observed_criterion               ? 
_reflns.observed_criterion_F_max         ? 
_reflns.observed_criterion_F_min         ? 
_reflns.observed_criterion_I_max         ? 
_reflns.observed_criterion_I_min         ? 
_reflns.observed_criterion_sigma_F       ? 
_reflns.observed_criterion_sigma_I       ? 
_reflns.percent_possible_obs             98.89 
_reflns.R_free_details                   ? 
_reflns.Rmerge_F_all                     ? 
_reflns.Rmerge_F_obs                     ? 
_reflns.Friedel_coverage                 ? 
_reflns.number_gt                        ? 
_reflns.threshold_expression             ? 
_reflns.pdbx_redundancy                  3.4 
_reflns.pdbx_Rmerge_I_obs                0.1171 
_reflns.pdbx_Rmerge_I_all                ? 
_reflns.pdbx_Rsym_value                  ? 
_reflns.pdbx_netI_over_av_sigmaI         ? 
_reflns.pdbx_netI_over_sigmaI            7.43 
_reflns.pdbx_res_netI_over_av_sigmaI_2   ? 
_reflns.pdbx_res_netI_over_sigmaI_2      ? 
_reflns.pdbx_chi_squared                 ? 
_reflns.pdbx_scaling_rejects             ? 
_reflns.pdbx_d_res_high_opt              ? 
_reflns.pdbx_d_res_low_opt               ? 
_reflns.pdbx_d_res_opt_method            ? 
_reflns.phase_calculation_details        ? 
_reflns.pdbx_Rrim_I_all                  0.1398 
_reflns.pdbx_Rpim_I_all                  ? 
_reflns.pdbx_d_opt                       ? 
_reflns.pdbx_number_measured_all         ? 
_reflns.pdbx_diffrn_id                   1 
_reflns.pdbx_ordinal                     1 
_reflns.pdbx_CC_half                     0.993 
_reflns.pdbx_R_split                     ? 
# 
_reflns_shell.d_res_high                  2.5 
_reflns_shell.d_res_low                   2.589 
_reflns_shell.meanI_over_sigI_all         ? 
_reflns_shell.meanI_over_sigI_obs         1.24 
_reflns_shell.number_measured_all         ? 
_reflns_shell.number_measured_obs         ? 
_reflns_shell.number_possible             ? 
_reflns_shell.number_unique_all           ? 
_reflns_shell.number_unique_obs           983 
_reflns_shell.percent_possible_all        98.89 
_reflns_shell.percent_possible_obs        ? 
_reflns_shell.Rmerge_F_all                ? 
_reflns_shell.Rmerge_F_obs                ? 
_reflns_shell.Rmerge_I_all                ? 
_reflns_shell.Rmerge_I_obs                1.022 
_reflns_shell.meanI_over_sigI_gt          ? 
_reflns_shell.meanI_over_uI_all           ? 
_reflns_shell.meanI_over_uI_gt            ? 
_reflns_shell.number_measured_gt          ? 
_reflns_shell.number_unique_gt            ? 
_reflns_shell.percent_possible_gt         ? 
_reflns_shell.Rmerge_F_gt                 ? 
_reflns_shell.Rmerge_I_gt                 ? 
_reflns_shell.pdbx_redundancy             3.5 
_reflns_shell.pdbx_Rsym_value             ? 
_reflns_shell.pdbx_chi_squared            ? 
_reflns_shell.pdbx_netI_over_sigmaI_all   ? 
_reflns_shell.pdbx_netI_over_sigmaI_obs   ? 
_reflns_shell.pdbx_Rrim_I_all             ? 
_reflns_shell.pdbx_Rpim_I_all             ? 
_reflns_shell.pdbx_rejects                ? 
_reflns_shell.pdbx_ordinal                1 
_reflns_shell.pdbx_diffrn_id              1 
_reflns_shell.pdbx_CC_half                0.542 
_reflns_shell.pdbx_R_split                ? 
# 
_refine.aniso_B[1][1]                            ? 
_refine.aniso_B[1][2]                            ? 
_refine.aniso_B[1][3]                            ? 
_refine.aniso_B[2][2]                            ? 
_refine.aniso_B[2][3]                            ? 
_refine.aniso_B[3][3]                            ? 
_refine.B_iso_max                                ? 
_refine.B_iso_mean                               52.00 
_refine.B_iso_min                                ? 
_refine.correlation_coeff_Fo_to_Fc               ? 
_refine.correlation_coeff_Fo_to_Fc_free          ? 
_refine.details                                  ? 
_refine.diff_density_max                         ? 
_refine.diff_density_max_esd                     ? 
_refine.diff_density_min                         ? 
_refine.diff_density_min_esd                     ? 
_refine.diff_density_rms                         ? 
_refine.diff_density_rms_esd                     ? 
_refine.entry_id                                 6HLV 
_refine.pdbx_refine_id                           'X-RAY DIFFRACTION' 
_refine.ls_abs_structure_details                 ? 
_refine.ls_abs_structure_Flack                   ? 
_refine.ls_abs_structure_Flack_esd               ? 
_refine.ls_abs_structure_Rogers                  ? 
_refine.ls_abs_structure_Rogers_esd              ? 
_refine.ls_d_res_high                            2.500 
_refine.ls_d_res_low                             43.2 
_refine.ls_extinction_coef                       ? 
_refine.ls_extinction_coef_esd                   ? 
_refine.ls_extinction_expression                 ? 
_refine.ls_extinction_method                     ? 
_refine.ls_goodness_of_fit_all                   ? 
_refine.ls_goodness_of_fit_all_esd               ? 
_refine.ls_goodness_of_fit_obs                   ? 
_refine.ls_goodness_of_fit_obs_esd               ? 
_refine.ls_hydrogen_treatment                    ? 
_refine.ls_matrix_type                           ? 
_refine.ls_number_constraints                    ? 
_refine.ls_number_parameters                     ? 
_refine.ls_number_reflns_all                     ? 
_refine.ls_number_reflns_obs                     10000 
_refine.ls_number_reflns_R_free                  500 
_refine.ls_number_reflns_R_work                  ? 
_refine.ls_number_restraints                     ? 
_refine.ls_percent_reflns_obs                    98.80 
_refine.ls_percent_reflns_R_free                 5.00 
_refine.ls_R_factor_all                          ? 
_refine.ls_R_factor_obs                          0.2163 
_refine.ls_R_factor_R_free                       0.2414 
_refine.ls_R_factor_R_free_error                 ? 
_refine.ls_R_factor_R_free_error_details         ? 
_refine.ls_R_factor_R_work                       0.2149 
_refine.ls_R_Fsqd_factor_obs                     ? 
_refine.ls_R_I_factor_obs                        ? 
_refine.ls_redundancy_reflns_all                 ? 
_refine.ls_redundancy_reflns_obs                 ? 
_refine.ls_restrained_S_all                      ? 
_refine.ls_restrained_S_obs                      ? 
_refine.ls_shift_over_esd_max                    ? 
_refine.ls_shift_over_esd_mean                   ? 
_refine.ls_structure_factor_coef                 ? 
_refine.ls_weighting_details                     ? 
_refine.ls_weighting_scheme                      ? 
_refine.ls_wR_factor_all                         ? 
_refine.ls_wR_factor_obs                         ? 
_refine.ls_wR_factor_R_free                      ? 
_refine.ls_wR_factor_R_work                      ? 
_refine.occupancy_max                            ? 
_refine.occupancy_min                            ? 
_refine.solvent_model_details                    ? 
_refine.solvent_model_param_bsol                 ? 
_refine.solvent_model_param_ksol                 ? 
_refine.ls_R_factor_gt                           ? 
_refine.ls_goodness_of_fit_gt                    ? 
_refine.ls_goodness_of_fit_ref                   ? 
_refine.ls_shift_over_su_max                     ? 
_refine.ls_shift_over_su_max_lt                  ? 
_refine.ls_shift_over_su_mean                    ? 
_refine.ls_shift_over_su_mean_lt                 ? 
_refine.pdbx_ls_sigma_I                          ? 
_refine.pdbx_ls_sigma_F                          1.36 
_refine.pdbx_ls_sigma_Fsqd                       ? 
_refine.pdbx_data_cutoff_high_absF               ? 
_refine.pdbx_data_cutoff_high_rms_absF           ? 
_refine.pdbx_data_cutoff_low_absF                ? 
_refine.pdbx_isotropic_thermal_model             ? 
_refine.pdbx_ls_cross_valid_method               'FREE R-VALUE' 
_refine.pdbx_method_to_determine_struct          'MOLECULAR REPLACEMENT' 
_refine.pdbx_starting_model                      5LZ1 
_refine.pdbx_stereochemistry_target_values       ? 
_refine.pdbx_R_Free_selection_details            'random selection' 
_refine.pdbx_stereochem_target_val_spec_case     ? 
_refine.pdbx_overall_ESU_R                       ? 
_refine.pdbx_overall_ESU_R_Free                  ? 
_refine.pdbx_solvent_vdw_probe_radii             1.11 
_refine.pdbx_solvent_ion_probe_radii             ? 
_refine.pdbx_solvent_shrinkage_radii             0.90 
_refine.pdbx_real_space_R                        ? 
_refine.pdbx_density_correlation                 ? 
_refine.pdbx_pd_number_of_powder_patterns        ? 
_refine.pdbx_pd_number_of_points                 ? 
_refine.pdbx_pd_meas_number_of_points            ? 
_refine.pdbx_pd_proc_ls_prof_R_factor            ? 
_refine.pdbx_pd_proc_ls_prof_wR_factor           ? 
_refine.pdbx_pd_Marquardt_correlation_coeff      ? 
_refine.pdbx_pd_Fsqrd_R_factor                   ? 
_refine.pdbx_pd_ls_matrix_band_width             ? 
_refine.pdbx_overall_phase_error                 27.45 
_refine.pdbx_overall_SU_R_free_Cruickshank_DPI   ? 
_refine.pdbx_overall_SU_R_free_Blow_DPI          ? 
_refine.pdbx_overall_SU_R_Blow_DPI               ? 
_refine.pdbx_TLS_residual_ADP_flag               ? 
_refine.pdbx_diffrn_id                           1 
_refine.overall_SU_B                             ? 
_refine.overall_SU_ML                            0.33 
_refine.overall_SU_R_Cruickshank_DPI             ? 
_refine.overall_SU_R_free                        ? 
_refine.overall_FOM_free_R_set                   ? 
_refine.overall_FOM_work_R_set                   ? 
_refine.pdbx_average_fsc_overall                 ? 
_refine.pdbx_average_fsc_work                    ? 
_refine.pdbx_average_fsc_free                    ? 
# 
_refine_hist.pdbx_refine_id                   'X-RAY DIFFRACTION' 
_refine_hist.cycle_id                         LAST 
_refine_hist.pdbx_number_atoms_protein        1383 
_refine_hist.pdbx_number_atoms_nucleic_acid   0 
_refine_hist.pdbx_number_atoms_ligand         0 
_refine_hist.number_atoms_solvent             0 
_refine_hist.number_atoms_total               1383 
_refine_hist.d_res_high                       2.500 
_refine_hist.d_res_low                        43.2 
# 
loop_
_refine_ls_restr.pdbx_refine_id 
_refine_ls_restr.criterion 
_refine_ls_restr.dev_ideal 
_refine_ls_restr.dev_ideal_target 
_refine_ls_restr.number 
_refine_ls_restr.rejects 
_refine_ls_restr.type 
_refine_ls_restr.weight 
_refine_ls_restr.pdbx_restraint_function 
'X-RAY DIFFRACTION' ? 0.003  ? 1422 ? f_bond_d           ? ? 
'X-RAY DIFFRACTION' ? 0.824  ? 1935 ? f_angle_d          ? ? 
'X-RAY DIFFRACTION' ? 12.382 ? 515  ? f_dihedral_angle_d ? ? 
'X-RAY DIFFRACTION' ? 0.033  ? 204  ? f_chiral_restr     ? ? 
'X-RAY DIFFRACTION' ? 0.003  ? 247  ? f_plane_restr      ? ? 
# 
loop_
_refine_ls_shell.pdbx_refine_id 
_refine_ls_shell.d_res_high 
_refine_ls_shell.d_res_low 
_refine_ls_shell.number_reflns_all 
_refine_ls_shell.number_reflns_obs 
_refine_ls_shell.number_reflns_R_free 
_refine_ls_shell.number_reflns_R_work 
_refine_ls_shell.percent_reflns_obs 
_refine_ls_shell.percent_reflns_R_free 
_refine_ls_shell.R_factor_all 
_refine_ls_shell.R_factor_obs 
_refine_ls_shell.R_factor_R_free 
_refine_ls_shell.R_factor_R_free_error 
_refine_ls_shell.R_factor_R_work 
_refine_ls_shell.redundancy_reflns_all 
_refine_ls_shell.redundancy_reflns_obs 
_refine_ls_shell.wR_factor_all 
_refine_ls_shell.wR_factor_obs 
_refine_ls_shell.wR_factor_R_free 
_refine_ls_shell.wR_factor_R_work 
_refine_ls_shell.pdbx_total_number_of_bins_used 
_refine_ls_shell.pdbx_phase_error 
_refine_ls_shell.pdbx_fsc_work 
_refine_ls_shell.pdbx_fsc_free 
'X-RAY DIFFRACTION' 2.5000 2.7515  . . 122 2341 99.00 . . . 0.3419 . 0.2912 . . . . . . . . . . 
'X-RAY DIFFRACTION' 2.7515 3.1496  . . 125 2364 99.00 . . . 0.3067 . 0.2723 . . . . . . . . . . 
'X-RAY DIFFRACTION' 3.1496 3.9677  . . 124 2365 99.00 . . . 0.2394 . 0.2162 . . . . . . . . . . 
'X-RAY DIFFRACTION' 3.9677 43.2038 . . 129 2430 99.00 . . . 0.2066 . 0.1851 . . . . . . . . . . 
# 
_struct.entry_id                     6HLV 
_struct.title                        
'Crystal structure of human ACBD3 GOLD domain in complex with 3A protein of poliovirus-1 (L24A mutant)' 
_struct.pdbx_model_details           ? 
_struct.pdbx_formula_weight          ? 
_struct.pdbx_formula_weight_method   ? 
_struct.pdbx_model_type_details      ? 
_struct.pdbx_CASP_flag               N 
# 
_struct_keywords.entry_id        6HLV 
_struct_keywords.text            'complex, Golgi, enterovirus, picornavirus, VIRAL PROTEIN' 
_struct_keywords.pdbx_keywords   'VIRAL PROTEIN' 
# 
loop_
_struct_asym.id 
_struct_asym.pdbx_blank_PDB_chainid_flag 
_struct_asym.pdbx_modified 
_struct_asym.entity_id 
_struct_asym.details 
A N N 1 ? 
B N N 2 ? 
# 
loop_
_struct_ref.id 
_struct_ref.db_name 
_struct_ref.db_code 
_struct_ref.pdbx_db_accession 
_struct_ref.pdbx_db_isoform 
_struct_ref.entity_id 
_struct_ref.pdbx_seq_one_letter_code 
_struct_ref.pdbx_align_begin 
1 UNP GCP60_HUMAN Q9H3P7 ? 1 
;ESLPVIAAPSMWTRPQIKDFKEKIQQDADSVITVGRGEVVTVRVPTHEEGSYLFWEFATDNYDIGFGVYFEWTDSPNTAV
SVHVSESSDDDEEEEENIGCEEKAKKNANKPLLDEIVPVYRRDCHEEVYAGSHQYPGRGVYLLKFDNSYSLWRSKSVYYR
VYYTR
;
364  
2 UNP POLG_POL1M  P03300 ? 2 GPLQYKDLKIDIKTSPPPECINDLLQAVDSQEVRDYCEKKGWIVNITSQVQTERNINR 1457 
# 
loop_
_struct_ref_seq.align_id 
_struct_ref_seq.ref_id 
_struct_ref_seq.pdbx_PDB_id_code 
_struct_ref_seq.pdbx_strand_id 
_struct_ref_seq.seq_align_beg 
_struct_ref_seq.pdbx_seq_align_beg_ins_code 
_struct_ref_seq.seq_align_end 
_struct_ref_seq.pdbx_seq_align_end_ins_code 
_struct_ref_seq.pdbx_db_accession 
_struct_ref_seq.db_align_beg 
_struct_ref_seq.pdbx_db_align_beg_ins_code 
_struct_ref_seq.db_align_end 
_struct_ref_seq.pdbx_db_align_end_ins_code 
_struct_ref_seq.pdbx_auth_seq_align_beg 
_struct_ref_seq.pdbx_auth_seq_align_end 
1 1 6HLV A 2 ? 166 ? Q9H3P7 364  ? 528  ? 364 528 
2 2 6HLV B 1 ? 58  ? P03300 1457 ? 1514 ? 1   58  
# 
loop_
_struct_ref_seq_dif.align_id 
_struct_ref_seq_dif.pdbx_pdb_id_code 
_struct_ref_seq_dif.mon_id 
_struct_ref_seq_dif.pdbx_pdb_strand_id 
_struct_ref_seq_dif.seq_num 
_struct_ref_seq_dif.pdbx_pdb_ins_code 
_struct_ref_seq_dif.pdbx_seq_db_name 
_struct_ref_seq_dif.pdbx_seq_db_accession_code 
_struct_ref_seq_dif.db_mon_id 
_struct_ref_seq_dif.pdbx_seq_db_seq_num 
_struct_ref_seq_dif.details 
_struct_ref_seq_dif.pdbx_auth_seq_num 
_struct_ref_seq_dif.pdbx_ordinal 
1 6HLV MET A 1  ? UNP Q9H3P7 ?   ?    'initiating methionine' 363 1 
2 6HLV ALA B 24 ? UNP P03300 LEU 1480 'engineered mutation'   24  2 
# 
_pdbx_struct_assembly.id                   1 
_pdbx_struct_assembly.details              author_and_software_defined_assembly 
_pdbx_struct_assembly.method_details       PISA 
_pdbx_struct_assembly.oligomeric_details   dimeric 
_pdbx_struct_assembly.oligomeric_count     2 
# 
loop_
_pdbx_struct_assembly_prop.biol_id 
_pdbx_struct_assembly_prop.type 
_pdbx_struct_assembly_prop.value 
_pdbx_struct_assembly_prop.details 
1 'ABSA (A^2)' 2700 ? 
1 MORE         -11  ? 
1 'SSA (A^2)'  8830 ? 
# 
_pdbx_struct_assembly_gen.assembly_id       1 
_pdbx_struct_assembly_gen.oper_expression   1 
_pdbx_struct_assembly_gen.asym_id_list      A,B 
# 
_pdbx_struct_assembly_auth_evidence.id                     1 
_pdbx_struct_assembly_auth_evidence.assembly_id            1 
_pdbx_struct_assembly_auth_evidence.experimental_support   'gel filtration' 
_pdbx_struct_assembly_auth_evidence.details                ? 
# 
_pdbx_struct_oper_list.id                   1 
_pdbx_struct_oper_list.type                 'identity operation' 
_pdbx_struct_oper_list.name                 1_555 
_pdbx_struct_oper_list.symmetry_operation   x,y,z 
_pdbx_struct_oper_list.matrix[1][1]         1.0000000000 
_pdbx_struct_oper_list.matrix[1][2]         0.0000000000 
_pdbx_struct_oper_list.matrix[1][3]         0.0000000000 
_pdbx_struct_oper_list.vector[1]            0.0000000000 
_pdbx_struct_oper_list.matrix[2][1]         0.0000000000 
_pdbx_struct_oper_list.matrix[2][2]         1.0000000000 
_pdbx_struct_oper_list.matrix[2][3]         0.0000000000 
_pdbx_struct_oper_list.vector[2]            0.0000000000 
_pdbx_struct_oper_list.matrix[3][1]         0.0000000000 
_pdbx_struct_oper_list.matrix[3][2]         0.0000000000 
_pdbx_struct_oper_list.matrix[3][3]         1.0000000000 
_pdbx_struct_oper_list.vector[3]            0.0000000000 
# 
loop_
_struct_conf.conf_type_id 
_struct_conf.id 
_struct_conf.pdbx_PDB_helix_id 
_struct_conf.beg_label_comp_id 
_struct_conf.beg_label_asym_id 
_struct_conf.beg_label_seq_id 
_struct_conf.pdbx_beg_PDB_ins_code 
_struct_conf.end_label_comp_id 
_struct_conf.end_label_asym_id 
_struct_conf.end_label_seq_id 
_struct_conf.pdbx_end_PDB_ins_code 
_struct_conf.beg_auth_comp_id 
_struct_conf.beg_auth_asym_id 
_struct_conf.beg_auth_seq_id 
_struct_conf.end_auth_comp_id 
_struct_conf.end_auth_asym_id 
_struct_conf.end_auth_seq_id 
_struct_conf.pdbx_PDB_helix_class 
_struct_conf.details 
_struct_conf.pdbx_PDB_helix_length 
HELX_P HELX_P1 AA1 GLN A 17 ? GLN A 26 ? GLN A 379 GLN A 388 1 ? 10 
HELX_P HELX_P2 AA2 GLN A 27 ? ASP A 30 ? GLN A 389 ASP A 392 5 ? 4  
HELX_P HELX_P3 AA3 PRO B 17 ? ASP B 29 ? PRO B 17  ASP B 29  1 ? 13 
HELX_P HELX_P4 AA4 SER B 30 ? LYS B 40 ? SER B 30  LYS B 40  1 ? 11 
HELX_P HELX_P5 AA5 THR B 47 ? VAL B 50 ? THR B 47  VAL B 50  5 ? 4  
# 
_struct_conf_type.id          HELX_P 
_struct_conf_type.criteria    ? 
_struct_conf_type.reference   ? 
# 
loop_
_struct_sheet.id 
_struct_sheet.type 
_struct_sheet.number_strands 
_struct_sheet.details 
AA1 ? 5 ? 
AA2 ? 5 ? 
AA3 ? 5 ? 
# 
loop_
_struct_sheet_order.sheet_id 
_struct_sheet_order.range_id_1 
_struct_sheet_order.range_id_2 
_struct_sheet_order.offset 
_struct_sheet_order.sense 
AA1 1 2 ? anti-parallel 
AA1 2 3 ? anti-parallel 
AA1 3 4 ? anti-parallel 
AA1 4 5 ? anti-parallel 
AA2 1 2 ? anti-parallel 
AA2 2 3 ? anti-parallel 
AA2 3 4 ? anti-parallel 
AA2 4 5 ? anti-parallel 
AA3 1 2 ? anti-parallel 
AA3 2 3 ? anti-parallel 
AA3 3 4 ? anti-parallel 
AA3 4 5 ? anti-parallel 
# 
loop_
_struct_sheet_range.sheet_id 
_struct_sheet_range.id 
_struct_sheet_range.beg_label_comp_id 
_struct_sheet_range.beg_label_asym_id 
_struct_sheet_range.beg_label_seq_id 
_struct_sheet_range.pdbx_beg_PDB_ins_code 
_struct_sheet_range.end_label_comp_id 
_struct_sheet_range.end_label_asym_id 
_struct_sheet_range.end_label_seq_id 
_struct_sheet_range.pdbx_end_PDB_ins_code 
_struct_sheet_range.beg_auth_comp_id 
_struct_sheet_range.beg_auth_asym_id 
_struct_sheet_range.beg_auth_seq_id 
_struct_sheet_range.end_auth_comp_id 
_struct_sheet_range.end_auth_asym_id 
_struct_sheet_range.end_auth_seq_id 
AA1 1 SER A 11  ? ARG A 15  ? SER A 373 ARG A 377 
AA1 2 VAL A 129 ? GLN A 135 ? VAL A 491 GLN A 497 
AA1 3 TYR A 53  ? THR A 60  ? TYR A 415 THR A 422 
AA1 4 LYS A 156 ? THR A 165 ? LYS A 518 THR A 527 
AA1 5 VAL A 32  ? VAL A 35  ? VAL A 394 VAL A 397 
AA2 1 SER A 11  ? ARG A 15  ? SER A 373 ARG A 377 
AA2 2 VAL A 129 ? GLN A 135 ? VAL A 491 GLN A 497 
AA2 3 TYR A 53  ? THR A 60  ? TYR A 415 THR A 422 
AA2 4 LYS A 156 ? THR A 165 ? LYS A 518 THR A 527 
AA2 5 ILE B 43  ? ASN B 45  ? ILE B 43  ASN B 45  
AA3 1 LEU A 114 ? ARG A 123 ? LEU A 476 ARG A 485 
AA3 2 ILE A 65  ? TRP A 73  ? ILE A 427 TRP A 435 
AA3 3 GLY A 140 ? ASP A 147 ? GLY A 502 ASP A 509 
AA3 4 VAL A 40  ? HIS A 48  ? VAL A 402 HIS A 410 
AA3 5 GLN B 51  ? ASN B 55  ? GLN B 51  ASN B 55  
# 
loop_
_pdbx_struct_sheet_hbond.sheet_id 
_pdbx_struct_sheet_hbond.range_id_1 
_pdbx_struct_sheet_hbond.range_id_2 
_pdbx_struct_sheet_hbond.range_1_label_atom_id 
_pdbx_struct_sheet_hbond.range_1_label_comp_id 
_pdbx_struct_sheet_hbond.range_1_label_asym_id 
_pdbx_struct_sheet_hbond.range_1_label_seq_id 
_pdbx_struct_sheet_hbond.range_1_PDB_ins_code 
_pdbx_struct_sheet_hbond.range_1_auth_atom_id 
_pdbx_struct_sheet_hbond.range_1_auth_comp_id 
_pdbx_struct_sheet_hbond.range_1_auth_asym_id 
_pdbx_struct_sheet_hbond.range_1_auth_seq_id 
_pdbx_struct_sheet_hbond.range_2_label_atom_id 
_pdbx_struct_sheet_hbond.range_2_label_comp_id 
_pdbx_struct_sheet_hbond.range_2_label_asym_id 
_pdbx_struct_sheet_hbond.range_2_label_seq_id 
_pdbx_struct_sheet_hbond.range_2_PDB_ins_code 
_pdbx_struct_sheet_hbond.range_2_auth_atom_id 
_pdbx_struct_sheet_hbond.range_2_auth_comp_id 
_pdbx_struct_sheet_hbond.range_2_auth_asym_id 
_pdbx_struct_sheet_hbond.range_2_auth_seq_id 
AA1 1 2 N TRP A 13  ? N TRP A 375 O ALA A 131 ? O ALA A 493 
AA1 2 3 O TYR A 130 ? O TYR A 492 N PHE A 58  ? N PHE A 420 
AA1 3 4 N ALA A 59  ? N ALA A 421 O TYR A 159 ? O TYR A 521 
AA1 4 5 O LYS A 156 ? O LYS A 518 N VAL A 35  ? N VAL A 397 
AA2 1 2 N TRP A 13  ? N TRP A 375 O ALA A 131 ? O ALA A 493 
AA2 2 3 O TYR A 130 ? O TYR A 492 N PHE A 58  ? N PHE A 420 
AA2 3 4 N ALA A 59  ? N ALA A 421 O TYR A 159 ? O TYR A 521 
AA2 4 5 N TYR A 164 ? N TYR A 526 O VAL B 44  ? O VAL B 44  
AA3 1 2 O TYR A 121 ? O TYR A 483 N PHE A 67  ? N PHE A 429 
AA3 2 3 N GLU A 72  ? N GLU A 434 O VAL A 141 ? O VAL A 503 
AA3 3 4 O LEU A 144 ? O LEU A 506 N VAL A 43  ? N VAL A 405 
AA3 4 5 N THR A 42  ? N THR A 404 O GLU B 53  ? O GLU B 53  
# 
loop_
_pdbx_validate_torsion.id 
_pdbx_validate_torsion.PDB_model_num 
_pdbx_validate_torsion.auth_comp_id 
_pdbx_validate_torsion.auth_asym_id 
_pdbx_validate_torsion.auth_seq_id 
_pdbx_validate_torsion.PDB_ins_code 
_pdbx_validate_torsion.label_alt_id 
_pdbx_validate_torsion.phi 
_pdbx_validate_torsion.psi 
1 1 ASP A 423 ? ? -82.86 -76.10 
2 1 ILE A 479 ? ? -90.39 -63.01 
# 
loop_
_pdbx_unobs_or_zero_occ_residues.id 
_pdbx_unobs_or_zero_occ_residues.PDB_model_num 
_pdbx_unobs_or_zero_occ_residues.polymer_flag 
_pdbx_unobs_or_zero_occ_residues.occupancy_flag 
_pdbx_unobs_or_zero_occ_residues.auth_asym_id 
_pdbx_unobs_or_zero_occ_residues.auth_comp_id 
_pdbx_unobs_or_zero_occ_residues.auth_seq_id 
_pdbx_unobs_or_zero_occ_residues.PDB_ins_code 
_pdbx_unobs_or_zero_occ_residues.label_asym_id 
_pdbx_unobs_or_zero_occ_residues.label_comp_id 
_pdbx_unobs_or_zero_occ_residues.label_seq_id 
1  1 Y 1 A MET 363 ? A MET 1   
2  1 Y 1 A GLU 364 ? A GLU 2   
3  1 Y 1 A ASP 437 ? A ASP 75  
4  1 Y 1 A SER 438 ? A SER 76  
5  1 Y 1 A PRO 439 ? A PRO 77  
6  1 Y 1 A ASN 440 ? A ASN 78  
7  1 Y 1 A THR 441 ? A THR 79  
8  1 Y 1 A ALA 442 ? A ALA 80  
9  1 Y 1 A VAL 443 ? A VAL 81  
10 1 Y 1 A SER 444 ? A SER 82  
11 1 Y 1 A VAL 445 ? A VAL 83  
12 1 Y 1 A HIS 446 ? A HIS 84  
13 1 Y 1 A VAL 447 ? A VAL 85  
14 1 Y 1 A SER 448 ? A SER 86  
15 1 Y 1 A GLU 449 ? A GLU 87  
16 1 Y 1 A SER 450 ? A SER 88  
17 1 Y 1 A SER 451 ? A SER 89  
18 1 Y 1 A ASP 452 ? A ASP 90  
19 1 Y 1 A ASP 453 ? A ASP 91  
20 1 Y 1 A ASP 454 ? A ASP 92  
21 1 Y 1 A GLU 455 ? A GLU 93  
22 1 Y 1 A GLU 456 ? A GLU 94  
23 1 Y 1 A GLU 457 ? A GLU 95  
24 1 Y 1 A GLU 458 ? A GLU 96  
25 1 Y 1 A GLU 459 ? A GLU 97  
26 1 Y 1 A ASN 460 ? A ASN 98  
27 1 Y 1 A ILE 461 ? A ILE 99  
28 1 Y 1 A GLY 462 ? A GLY 100 
29 1 Y 1 A CYS 463 ? A CYS 101 
30 1 Y 1 A GLU 464 ? A GLU 102 
31 1 Y 1 A GLU 465 ? A GLU 103 
32 1 Y 1 A LYS 466 ? A LYS 104 
33 1 Y 1 A ALA 467 ? A ALA 105 
34 1 Y 1 A LYS 468 ? A LYS 106 
35 1 Y 1 A LYS 469 ? A LYS 107 
36 1 Y 1 A ASN 470 ? A ASN 108 
37 1 Y 1 A ALA 471 ? A ALA 109 
38 1 Y 1 A ASN 472 ? A ASN 110 
39 1 Y 1 A LYS 473 ? A LYS 111 
40 1 Y 1 B GLY 1   ? B GLY 1   
41 1 Y 1 B PRO 2   ? B PRO 2   
42 1 Y 1 B LEU 3   ? B LEU 3   
43 1 Y 1 B GLN 4   ? B GLN 4   
44 1 Y 1 B TYR 5   ? B TYR 5   
45 1 Y 1 B LYS 6   ? B LYS 6   
46 1 Y 1 B ASP 7   ? B ASP 7   
47 1 Y 1 B LEU 8   ? B LEU 8   
48 1 Y 1 B LYS 9   ? B LYS 9   
49 1 Y 1 B ILE 10  ? B ILE 10  
50 1 Y 1 B ASP 11  ? B ASP 11  
51 1 Y 1 B ILE 12  ? B ILE 12  
52 1 Y 1 B LYS 13  ? B LYS 13  
53 1 Y 1 B THR 14  ? B THR 14  
54 1 Y 1 B SER 15  ? B SER 15  
55 1 Y 1 B ASN 57  ? B ASN 57  
56 1 Y 1 B ARG 58  ? B ARG 58  
# 
loop_
_chem_comp_atom.comp_id 
_chem_comp_atom.atom_id 
_chem_comp_atom.type_symbol 
_chem_comp_atom.pdbx_aromatic_flag 
_chem_comp_atom.pdbx_stereo_config 
_chem_comp_atom.pdbx_ordinal 
ALA N    N N N 1   
ALA CA   C N S 2   
ALA C    C N N 3   
ALA O    O N N 4   
ALA CB   C N N 5   
ALA OXT  O N N 6   
ALA H    H N N 7   
ALA H2   H N N 8   
ALA HA   H N N 9   
ALA HB1  H N N 10  
ALA HB2  H N N 11  
ALA HB3  H N N 12  
ALA HXT  H N N 13  
ARG N    N N N 14  
ARG CA   C N S 15  
ARG C    C N N 16  
ARG O    O N N 17  
ARG CB   C N N 18  
ARG CG   C N N 19  
ARG CD   C N N 20  
ARG NE   N N N 21  
ARG CZ   C N N 22  
ARG NH1  N N N 23  
ARG NH2  N N N 24  
ARG OXT  O N N 25  
ARG H    H N N 26  
ARG H2   H N N 27  
ARG HA   H N N 28  
ARG HB2  H N N 29  
ARG HB3  H N N 30  
ARG HG2  H N N 31  
ARG HG3  H N N 32  
ARG HD2  H N N 33  
ARG HD3  H N N 34  
ARG HE   H N N 35  
ARG HH11 H N N 36  
ARG HH12 H N N 37  
ARG HH21 H N N 38  
ARG HH22 H N N 39  
ARG HXT  H N N 40  
ASN N    N N N 41  
ASN CA   C N S 42  
ASN C    C N N 43  
ASN O    O N N 44  
ASN CB   C N N 45  
ASN CG   C N N 46  
ASN OD1  O N N 47  
ASN ND2  N N N 48  
ASN OXT  O N N 49  
ASN H    H N N 50  
ASN H2   H N N 51  
ASN HA   H N N 52  
ASN HB2  H N N 53  
ASN HB3  H N N 54  
ASN HD21 H N N 55  
ASN HD22 H N N 56  
ASN HXT  H N N 57  
ASP N    N N N 58  
ASP CA   C N S 59  
ASP C    C N N 60  
ASP O    O N N 61  
ASP CB   C N N 62  
ASP CG   C N N 63  
ASP OD1  O N N 64  
ASP OD2  O N N 65  
ASP OXT  O N N 66  
ASP H    H N N 67  
ASP H2   H N N 68  
ASP HA   H N N 69  
ASP HB2  H N N 70  
ASP HB3  H N N 71  
ASP HD2  H N N 72  
ASP HXT  H N N 73  
CYS N    N N N 74  
CYS CA   C N R 75  
CYS C    C N N 76  
CYS O    O N N 77  
CYS CB   C N N 78  
CYS SG   S N N 79  
CYS OXT  O N N 80  
CYS H    H N N 81  
CYS H2   H N N 82  
CYS HA   H N N 83  
CYS HB2  H N N 84  
CYS HB3  H N N 85  
CYS HG   H N N 86  
CYS HXT  H N N 87  
GLN N    N N N 88  
GLN CA   C N S 89  
GLN C    C N N 90  
GLN O    O N N 91  
GLN CB   C N N 92  
GLN CG   C N N 93  
GLN CD   C N N 94  
GLN OE1  O N N 95  
GLN NE2  N N N 96  
GLN OXT  O N N 97  
GLN H    H N N 98  
GLN H2   H N N 99  
GLN HA   H N N 100 
GLN HB2  H N N 101 
GLN HB3  H N N 102 
GLN HG2  H N N 103 
GLN HG3  H N N 104 
GLN HE21 H N N 105 
GLN HE22 H N N 106 
GLN HXT  H N N 107 
GLU N    N N N 108 
GLU CA   C N S 109 
GLU C    C N N 110 
GLU O    O N N 111 
GLU CB   C N N 112 
GLU CG   C N N 113 
GLU CD   C N N 114 
GLU OE1  O N N 115 
GLU OE2  O N N 116 
GLU OXT  O N N 117 
GLU H    H N N 118 
GLU H2   H N N 119 
GLU HA   H N N 120 
GLU HB2  H N N 121 
GLU HB3  H N N 122 
GLU HG2  H N N 123 
GLU HG3  H N N 124 
GLU HE2  H N N 125 
GLU HXT  H N N 126 
GLY N    N N N 127 
GLY CA   C N N 128 
GLY C    C N N 129 
GLY O    O N N 130 
GLY OXT  O N N 131 
GLY H    H N N 132 
GLY H2   H N N 133 
GLY HA2  H N N 134 
GLY HA3  H N N 135 
GLY HXT  H N N 136 
HIS N    N N N 137 
HIS CA   C N S 138 
HIS C    C N N 139 
HIS O    O N N 140 
HIS CB   C N N 141 
HIS CG   C Y N 142 
HIS ND1  N Y N 143 
HIS CD2  C Y N 144 
HIS CE1  C Y N 145 
HIS NE2  N Y N 146 
HIS OXT  O N N 147 
HIS H    H N N 148 
HIS H2   H N N 149 
HIS HA   H N N 150 
HIS HB2  H N N 151 
HIS HB3  H N N 152 
HIS HD1  H N N 153 
HIS HD2  H N N 154 
HIS HE1  H N N 155 
HIS HE2  H N N 156 
HIS HXT  H N N 157 
ILE N    N N N 158 
ILE CA   C N S 159 
ILE C    C N N 160 
ILE O    O N N 161 
ILE CB   C N S 162 
ILE CG1  C N N 163 
ILE CG2  C N N 164 
ILE CD1  C N N 165 
ILE OXT  O N N 166 
ILE H    H N N 167 
ILE H2   H N N 168 
ILE HA   H N N 169 
ILE HB   H N N 170 
ILE HG12 H N N 171 
ILE HG13 H N N 172 
ILE HG21 H N N 173 
ILE HG22 H N N 174 
ILE HG23 H N N 175 
ILE HD11 H N N 176 
ILE HD12 H N N 177 
ILE HD13 H N N 178 
ILE HXT  H N N 179 
LEU N    N N N 180 
LEU CA   C N S 181 
LEU C    C N N 182 
LEU O    O N N 183 
LEU CB   C N N 184 
LEU CG   C N N 185 
LEU CD1  C N N 186 
LEU CD2  C N N 187 
LEU OXT  O N N 188 
LEU H    H N N 189 
LEU H2   H N N 190 
LEU HA   H N N 191 
LEU HB2  H N N 192 
LEU HB3  H N N 193 
LEU HG   H N N 194 
LEU HD11 H N N 195 
LEU HD12 H N N 196 
LEU HD13 H N N 197 
LEU HD21 H N N 198 
LEU HD22 H N N 199 
LEU HD23 H N N 200 
LEU HXT  H N N 201 
LYS N    N N N 202 
LYS CA   C N S 203 
LYS C    C N N 204 
LYS O    O N N 205 
LYS CB   C N N 206 
LYS CG   C N N 207 
LYS CD   C N N 208 
LYS CE   C N N 209 
LYS NZ   N N N 210 
LYS OXT  O N N 211 
LYS H    H N N 212 
LYS H2   H N N 213 
LYS HA   H N N 214 
LYS HB2  H N N 215 
LYS HB3  H N N 216 
LYS HG2  H N N 217 
LYS HG3  H N N 218 
LYS HD2  H N N 219 
LYS HD3  H N N 220 
LYS HE2  H N N 221 
LYS HE3  H N N 222 
LYS HZ1  H N N 223 
LYS HZ2  H N N 224 
LYS HZ3  H N N 225 
LYS HXT  H N N 226 
MET N    N N N 227 
MET CA   C N S 228 
MET C    C N N 229 
MET O    O N N 230 
MET CB   C N N 231 
MET CG   C N N 232 
MET SD   S N N 233 
MET CE   C N N 234 
MET OXT  O N N 235 
MET H    H N N 236 
MET H2   H N N 237 
MET HA   H N N 238 
MET HB2  H N N 239 
MET HB3  H N N 240 
MET HG2  H N N 241 
MET HG3  H N N 242 
MET HE1  H N N 243 
MET HE2  H N N 244 
MET HE3  H N N 245 
MET HXT  H N N 246 
PHE N    N N N 247 
PHE CA   C N S 248 
PHE C    C N N 249 
PHE O    O N N 250 
PHE CB   C N N 251 
PHE CG   C Y N 252 
PHE CD1  C Y N 253 
PHE CD2  C Y N 254 
PHE CE1  C Y N 255 
PHE CE2  C Y N 256 
PHE CZ   C Y N 257 
PHE OXT  O N N 258 
PHE H    H N N 259 
PHE H2   H N N 260 
PHE HA   H N N 261 
PHE HB2  H N N 262 
PHE HB3  H N N 263 
PHE HD1  H N N 264 
PHE HD2  H N N 265 
PHE HE1  H N N 266 
PHE HE2  H N N 267 
PHE HZ   H N N 268 
PHE HXT  H N N 269 
PRO N    N N N 270 
PRO CA   C N S 271 
PRO C    C N N 272 
PRO O    O N N 273 
PRO CB   C N N 274 
PRO CG   C N N 275 
PRO CD   C N N 276 
PRO OXT  O N N 277 
PRO H    H N N 278 
PRO HA   H N N 279 
PRO HB2  H N N 280 
PRO HB3  H N N 281 
PRO HG2  H N N 282 
PRO HG3  H N N 283 
PRO HD2  H N N 284 
PRO HD3  H N N 285 
PRO HXT  H N N 286 
SER N    N N N 287 
SER CA   C N S 288 
SER C    C N N 289 
SER O    O N N 290 
SER CB   C N N 291 
SER OG   O N N 292 
SER OXT  O N N 293 
SER H    H N N 294 
SER H2   H N N 295 
SER HA   H N N 296 
SER HB2  H N N 297 
SER HB3  H N N 298 
SER HG   H N N 299 
SER HXT  H N N 300 
THR N    N N N 301 
THR CA   C N S 302 
THR C    C N N 303 
THR O    O N N 304 
THR CB   C N R 305 
THR OG1  O N N 306 
THR CG2  C N N 307 
THR OXT  O N N 308 
THR H    H N N 309 
THR H2   H N N 310 
THR HA   H N N 311 
THR HB   H N N 312 
THR HG1  H N N 313 
THR HG21 H N N 314 
THR HG22 H N N 315 
THR HG23 H N N 316 
THR HXT  H N N 317 
TRP N    N N N 318 
TRP CA   C N S 319 
TRP C    C N N 320 
TRP O    O N N 321 
TRP CB   C N N 322 
TRP CG   C Y N 323 
TRP CD1  C Y N 324 
TRP CD2  C Y N 325 
TRP NE1  N Y N 326 
TRP CE2  C Y N 327 
TRP CE3  C Y N 328 
TRP CZ2  C Y N 329 
TRP CZ3  C Y N 330 
TRP CH2  C Y N 331 
TRP OXT  O N N 332 
TRP H    H N N 333 
TRP H2   H N N 334 
TRP HA   H N N 335 
TRP HB2  H N N 336 
TRP HB3  H N N 337 
TRP HD1  H N N 338 
TRP HE1  H N N 339 
TRP HE3  H N N 340 
TRP HZ2  H N N 341 
TRP HZ3  H N N 342 
TRP HH2  H N N 343 
TRP HXT  H N N 344 
TYR N    N N N 345 
TYR CA   C N S 346 
TYR C    C N N 347 
TYR O    O N N 348 
TYR CB   C N N 349 
TYR CG   C Y N 350 
TYR CD1  C Y N 351 
TYR CD2  C Y N 352 
TYR CE1  C Y N 353 
TYR CE2  C Y N 354 
TYR CZ   C Y N 355 
TYR OH   O N N 356 
TYR OXT  O N N 357 
TYR H    H N N 358 
TYR H2   H N N 359 
TYR HA   H N N 360 
TYR HB2  H N N 361 
TYR HB3  H N N 362 
TYR HD1  H N N 363 
TYR HD2  H N N 364 
TYR HE1  H N N 365 
TYR HE2  H N N 366 
TYR HH   H N N 367 
TYR HXT  H N N 368 
VAL N    N N N 369 
VAL CA   C N S 370 
VAL C    C N N 371 
VAL O    O N N 372 
VAL CB   C N N 373 
VAL CG1  C N N 374 
VAL CG2  C N N 375 
VAL OXT  O N N 376 
VAL H    H N N 377 
VAL H2   H N N 378 
VAL HA   H N N 379 
VAL HB   H N N 380 
VAL HG11 H N N 381 
VAL HG12 H N N 382 
VAL HG13 H N N 383 
VAL HG21 H N N 384 
VAL HG22 H N N 385 
VAL HG23 H N N 386 
VAL HXT  H N N 387 
# 
loop_
_chem_comp_bond.comp_id 
_chem_comp_bond.atom_id_1 
_chem_comp_bond.atom_id_2 
_chem_comp_bond.value_order 
_chem_comp_bond.pdbx_aromatic_flag 
_chem_comp_bond.pdbx_stereo_config 
_chem_comp_bond.pdbx_ordinal 
ALA N   CA   sing N N 1   
ALA N   H    sing N N 2   
ALA N   H2   sing N N 3   
ALA CA  C    sing N N 4   
ALA CA  CB   sing N N 5   
ALA CA  HA   sing N N 6   
ALA C   O    doub N N 7   
ALA C   OXT  sing N N 8   
ALA CB  HB1  sing N N 9   
ALA CB  HB2  sing N N 10  
ALA CB  HB3  sing N N 11  
ALA OXT HXT  sing N N 12  
ARG N   CA   sing N N 13  
ARG N   H    sing N N 14  
ARG N   H2   sing N N 15  
ARG CA  C    sing N N 16  
ARG CA  CB   sing N N 17  
ARG CA  HA   sing N N 18  
ARG C   O    doub N N 19  
ARG C   OXT  sing N N 20  
ARG CB  CG   sing N N 21  
ARG CB  HB2  sing N N 22  
ARG CB  HB3  sing N N 23  
ARG CG  CD   sing N N 24  
ARG CG  HG2  sing N N 25  
ARG CG  HG3  sing N N 26  
ARG CD  NE   sing N N 27  
ARG CD  HD2  sing N N 28  
ARG CD  HD3  sing N N 29  
ARG NE  CZ   sing N N 30  
ARG NE  HE   sing N N 31  
ARG CZ  NH1  sing N N 32  
ARG CZ  NH2  doub N N 33  
ARG NH1 HH11 sing N N 34  
ARG NH1 HH12 sing N N 35  
ARG NH2 HH21 sing N N 36  
ARG NH2 HH22 sing N N 37  
ARG OXT HXT  sing N N 38  
ASN N   CA   sing N N 39  
ASN N   H    sing N N 40  
ASN N   H2   sing N N 41  
ASN CA  C    sing N N 42  
ASN CA  CB   sing N N 43  
ASN CA  HA   sing N N 44  
ASN C   O    doub N N 45  
ASN C   OXT  sing N N 46  
ASN CB  CG   sing N N 47  
ASN CB  HB2  sing N N 48  
ASN CB  HB3  sing N N 49  
ASN CG  OD1  doub N N 50  
ASN CG  ND2  sing N N 51  
ASN ND2 HD21 sing N N 52  
ASN ND2 HD22 sing N N 53  
ASN OXT HXT  sing N N 54  
ASP N   CA   sing N N 55  
ASP N   H    sing N N 56  
ASP N   H2   sing N N 57  
ASP CA  C    sing N N 58  
ASP CA  CB   sing N N 59  
ASP CA  HA   sing N N 60  
ASP C   O    doub N N 61  
ASP C   OXT  sing N N 62  
ASP CB  CG   sing N N 63  
ASP CB  HB2  sing N N 64  
ASP CB  HB3  sing N N 65  
ASP CG  OD1  doub N N 66  
ASP CG  OD2  sing N N 67  
ASP OD2 HD2  sing N N 68  
ASP OXT HXT  sing N N 69  
CYS N   CA   sing N N 70  
CYS N   H    sing N N 71  
CYS N   H2   sing N N 72  
CYS CA  C    sing N N 73  
CYS CA  CB   sing N N 74  
CYS CA  HA   sing N N 75  
CYS C   O    doub N N 76  
CYS C   OXT  sing N N 77  
CYS CB  SG   sing N N 78  
CYS CB  HB2  sing N N 79  
CYS CB  HB3  sing N N 80  
CYS SG  HG   sing N N 81  
CYS OXT HXT  sing N N 82  
GLN N   CA   sing N N 83  
GLN N   H    sing N N 84  
GLN N   H2   sing N N 85  
GLN CA  C    sing N N 86  
GLN CA  CB   sing N N 87  
GLN CA  HA   sing N N 88  
GLN C   O    doub N N 89  
GLN C   OXT  sing N N 90  
GLN CB  CG   sing N N 91  
GLN CB  HB2  sing N N 92  
GLN CB  HB3  sing N N 93  
GLN CG  CD   sing N N 94  
GLN CG  HG2  sing N N 95  
GLN CG  HG3  sing N N 96  
GLN CD  OE1  doub N N 97  
GLN CD  NE2  sing N N 98  
GLN NE2 HE21 sing N N 99  
GLN NE2 HE22 sing N N 100 
GLN OXT HXT  sing N N 101 
GLU N   CA   sing N N 102 
GLU N   H    sing N N 103 
GLU N   H2   sing N N 104 
GLU CA  C    sing N N 105 
GLU CA  CB   sing N N 106 
GLU CA  HA   sing N N 107 
GLU C   O    doub N N 108 
GLU C   OXT  sing N N 109 
GLU CB  CG   sing N N 110 
GLU CB  HB2  sing N N 111 
GLU CB  HB3  sing N N 112 
GLU CG  CD   sing N N 113 
GLU CG  HG2  sing N N 114 
GLU CG  HG3  sing N N 115 
GLU CD  OE1  doub N N 116 
GLU CD  OE2  sing N N 117 
GLU OE2 HE2  sing N N 118 
GLU OXT HXT  sing N N 119 
GLY N   CA   sing N N 120 
GLY N   H    sing N N 121 
GLY N   H2   sing N N 122 
GLY CA  C    sing N N 123 
GLY CA  HA2  sing N N 124 
GLY CA  HA3  sing N N 125 
GLY C   O    doub N N 126 
GLY C   OXT  sing N N 127 
GLY OXT HXT  sing N N 128 
HIS N   CA   sing N N 129 
HIS N   H    sing N N 130 
HIS N   H2   sing N N 131 
HIS CA  C    sing N N 132 
HIS CA  CB   sing N N 133 
HIS CA  HA   sing N N 134 
HIS C   O    doub N N 135 
HIS C   OXT  sing N N 136 
HIS CB  CG   sing N N 137 
HIS CB  HB2  sing N N 138 
HIS CB  HB3  sing N N 139 
HIS CG  ND1  sing Y N 140 
HIS CG  CD2  doub Y N 141 
HIS ND1 CE1  doub Y N 142 
HIS ND1 HD1  sing N N 143 
HIS CD2 NE2  sing Y N 144 
HIS CD2 HD2  sing N N 145 
HIS CE1 NE2  sing Y N 146 
HIS CE1 HE1  sing N N 147 
HIS NE2 HE2  sing N N 148 
HIS OXT HXT  sing N N 149 
ILE N   CA   sing N N 150 
ILE N   H    sing N N 151 
ILE N   H2   sing N N 152 
ILE CA  C    sing N N 153 
ILE CA  CB   sing N N 154 
ILE CA  HA   sing N N 155 
ILE C   O    doub N N 156 
ILE C   OXT  sing N N 157 
ILE CB  CG1  sing N N 158 
ILE CB  CG2  sing N N 159 
ILE CB  HB   sing N N 160 
ILE CG1 CD1  sing N N 161 
ILE CG1 HG12 sing N N 162 
ILE CG1 HG13 sing N N 163 
ILE CG2 HG21 sing N N 164 
ILE CG2 HG22 sing N N 165 
ILE CG2 HG23 sing N N 166 
ILE CD1 HD11 sing N N 167 
ILE CD1 HD12 sing N N 168 
ILE CD1 HD13 sing N N 169 
ILE OXT HXT  sing N N 170 
LEU N   CA   sing N N 171 
LEU N   H    sing N N 172 
LEU N   H2   sing N N 173 
LEU CA  C    sing N N 174 
LEU CA  CB   sing N N 175 
LEU CA  HA   sing N N 176 
LEU C   O    doub N N 177 
LEU C   OXT  sing N N 178 
LEU CB  CG   sing N N 179 
LEU CB  HB2  sing N N 180 
LEU CB  HB3  sing N N 181 
LEU CG  CD1  sing N N 182 
LEU CG  CD2  sing N N 183 
LEU CG  HG   sing N N 184 
LEU CD1 HD11 sing N N 185 
LEU CD1 HD12 sing N N 186 
LEU CD1 HD13 sing N N 187 
LEU CD2 HD21 sing N N 188 
LEU CD2 HD22 sing N N 189 
LEU CD2 HD23 sing N N 190 
LEU OXT HXT  sing N N 191 
LYS N   CA   sing N N 192 
LYS N   H    sing N N 193 
LYS N   H2   sing N N 194 
LYS CA  C    sing N N 195 
LYS CA  CB   sing N N 196 
LYS CA  HA   sing N N 197 
LYS C   O    doub N N 198 
LYS C   OXT  sing N N 199 
LYS CB  CG   sing N N 200 
LYS CB  HB2  sing N N 201 
LYS CB  HB3  sing N N 202 
LYS CG  CD   sing N N 203 
LYS CG  HG2  sing N N 204 
LYS CG  HG3  sing N N 205 
LYS CD  CE   sing N N 206 
LYS CD  HD2  sing N N 207 
LYS CD  HD3  sing N N 208 
LYS CE  NZ   sing N N 209 
LYS CE  HE2  sing N N 210 
LYS CE  HE3  sing N N 211 
LYS NZ  HZ1  sing N N 212 
LYS NZ  HZ2  sing N N 213 
LYS NZ  HZ3  sing N N 214 
LYS OXT HXT  sing N N 215 
MET N   CA   sing N N 216 
MET N   H    sing N N 217 
MET N   H2   sing N N 218 
MET CA  C    sing N N 219 
MET CA  CB   sing N N 220 
MET CA  HA   sing N N 221 
MET C   O    doub N N 222 
MET C   OXT  sing N N 223 
MET CB  CG   sing N N 224 
MET CB  HB2  sing N N 225 
MET CB  HB3  sing N N 226 
MET CG  SD   sing N N 227 
MET CG  HG2  sing N N 228 
MET CG  HG3  sing N N 229 
MET SD  CE   sing N N 230 
MET CE  HE1  sing N N 231 
MET CE  HE2  sing N N 232 
MET CE  HE3  sing N N 233 
MET OXT HXT  sing N N 234 
PHE N   CA   sing N N 235 
PHE N   H    sing N N 236 
PHE N   H2   sing N N 237 
PHE CA  C    sing N N 238 
PHE CA  CB   sing N N 239 
PHE CA  HA   sing N N 240 
PHE C   O    doub N N 241 
PHE C   OXT  sing N N 242 
PHE CB  CG   sing N N 243 
PHE CB  HB2  sing N N 244 
PHE CB  HB3  sing N N 245 
PHE CG  CD1  doub Y N 246 
PHE CG  CD2  sing Y N 247 
PHE CD1 CE1  sing Y N 248 
PHE CD1 HD1  sing N N 249 
PHE CD2 CE2  doub Y N 250 
PHE CD2 HD2  sing N N 251 
PHE CE1 CZ   doub Y N 252 
PHE CE1 HE1  sing N N 253 
PHE CE2 CZ   sing Y N 254 
PHE CE2 HE2  sing N N 255 
PHE CZ  HZ   sing N N 256 
PHE OXT HXT  sing N N 257 
PRO N   CA   sing N N 258 
PRO N   CD   sing N N 259 
PRO N   H    sing N N 260 
PRO CA  C    sing N N 261 
PRO CA  CB   sing N N 262 
PRO CA  HA   sing N N 263 
PRO C   O    doub N N 264 
PRO C   OXT  sing N N 265 
PRO CB  CG   sing N N 266 
PRO CB  HB2  sing N N 267 
PRO CB  HB3  sing N N 268 
PRO CG  CD   sing N N 269 
PRO CG  HG2  sing N N 270 
PRO CG  HG3  sing N N 271 
PRO CD  HD2  sing N N 272 
PRO CD  HD3  sing N N 273 
PRO OXT HXT  sing N N 274 
SER N   CA   sing N N 275 
SER N   H    sing N N 276 
SER N   H2   sing N N 277 
SER CA  C    sing N N 278 
SER CA  CB   sing N N 279 
SER CA  HA   sing N N 280 
SER C   O    doub N N 281 
SER C   OXT  sing N N 282 
SER CB  OG   sing N N 283 
SER CB  HB2  sing N N 284 
SER CB  HB3  sing N N 285 
SER OG  HG   sing N N 286 
SER OXT HXT  sing N N 287 
THR N   CA   sing N N 288 
THR N   H    sing N N 289 
THR N   H2   sing N N 290 
THR CA  C    sing N N 291 
THR CA  CB   sing N N 292 
THR CA  HA   sing N N 293 
THR C   O    doub N N 294 
THR C   OXT  sing N N 295 
THR CB  OG1  sing N N 296 
THR CB  CG2  sing N N 297 
THR CB  HB   sing N N 298 
THR OG1 HG1  sing N N 299 
THR CG2 HG21 sing N N 300 
THR CG2 HG22 sing N N 301 
THR CG2 HG23 sing N N 302 
THR OXT HXT  sing N N 303 
TRP N   CA   sing N N 304 
TRP N   H    sing N N 305 
TRP N   H2   sing N N 306 
TRP CA  C    sing N N 307 
TRP CA  CB   sing N N 308 
TRP CA  HA   sing N N 309 
TRP C   O    doub N N 310 
TRP C   OXT  sing N N 311 
TRP CB  CG   sing N N 312 
TRP CB  HB2  sing N N 313 
TRP CB  HB3  sing N N 314 
TRP CG  CD1  doub Y N 315 
TRP CG  CD2  sing Y N 316 
TRP CD1 NE1  sing Y N 317 
TRP CD1 HD1  sing N N 318 
TRP CD2 CE2  doub Y N 319 
TRP CD2 CE3  sing Y N 320 
TRP NE1 CE2  sing Y N 321 
TRP NE1 HE1  sing N N 322 
TRP CE2 CZ2  sing Y N 323 
TRP CE3 CZ3  doub Y N 324 
TRP CE3 HE3  sing N N 325 
TRP CZ2 CH2  doub Y N 326 
TRP CZ2 HZ2  sing N N 327 
TRP CZ3 CH2  sing Y N 328 
TRP CZ3 HZ3  sing N N 329 
TRP CH2 HH2  sing N N 330 
TRP OXT HXT  sing N N 331 
TYR N   CA   sing N N 332 
TYR N   H    sing N N 333 
TYR N   H2   sing N N 334 
TYR CA  C    sing N N 335 
TYR CA  CB   sing N N 336 
TYR CA  HA   sing N N 337 
TYR C   O    doub N N 338 
TYR C   OXT  sing N N 339 
TYR CB  CG   sing N N 340 
TYR CB  HB2  sing N N 341 
TYR CB  HB3  sing N N 342 
TYR CG  CD1  doub Y N 343 
TYR CG  CD2  sing Y N 344 
TYR CD1 CE1  sing Y N 345 
TYR CD1 HD1  sing N N 346 
TYR CD2 CE2  doub Y N 347 
TYR CD2 HD2  sing N N 348 
TYR CE1 CZ   doub Y N 349 
TYR CE1 HE1  sing N N 350 
TYR CE2 CZ   sing Y N 351 
TYR CE2 HE2  sing N N 352 
TYR CZ  OH   sing N N 353 
TYR OH  HH   sing N N 354 
TYR OXT HXT  sing N N 355 
VAL N   CA   sing N N 356 
VAL N   H    sing N N 357 
VAL N   H2   sing N N 358 
VAL CA  C    sing N N 359 
VAL CA  CB   sing N N 360 
VAL CA  HA   sing N N 361 
VAL C   O    doub N N 362 
VAL C   OXT  sing N N 363 
VAL CB  CG1  sing N N 364 
VAL CB  CG2  sing N N 365 
VAL CB  HB   sing N N 366 
VAL CG1 HG11 sing N N 367 
VAL CG1 HG12 sing N N 368 
VAL CG1 HG13 sing N N 369 
VAL CG2 HG21 sing N N 370 
VAL CG2 HG22 sing N N 371 
VAL CG2 HG23 sing N N 372 
VAL OXT HXT  sing N N 373 
# 
_pdbx_audit_support.funding_organization   'Czech Science Foundation' 
_pdbx_audit_support.country                'Czech Republic' 
_pdbx_audit_support.grant_number           17-07058Y 
_pdbx_audit_support.ordinal                1 
# 
_pdbx_initial_refinement_model.id               1 
_pdbx_initial_refinement_model.entity_id_list   ? 
_pdbx_initial_refinement_model.type             'experimental model' 
_pdbx_initial_refinement_model.source_name      PDB 
_pdbx_initial_refinement_model.accession_code   5LZ1 
_pdbx_initial_refinement_model.details          ? 
# 
_atom_sites.entry_id                    6HLV 
_atom_sites.fract_transf_matrix[1][1]   0.00999905 
_atom_sites.fract_transf_matrix[1][2]   0.00568765 
_atom_sites.fract_transf_matrix[1][3]   -0.00128517 
_atom_sites.fract_transf_matrix[2][1]   -0.00312321 
_atom_sites.fract_transf_matrix[2][2]   0.00136080 
_atom_sites.fract_transf_matrix[2][3]   -0.01827721 
_atom_sites.fract_transf_matrix[3][1]   -0.00318877 
_atom_sites.fract_transf_matrix[3][2]   0.01630426 
_atom_sites.fract_transf_matrix[3][3]   0.00175880 
_atom_sites.fract_transf_vector[1]      -0.091141 
_atom_sites.fract_transf_vector[2]      0.125250 
_atom_sites.fract_transf_vector[3]      0.163194 
# 
loop_
_atom_type.symbol 
C 
N 
O 
S 
# 
loop_
_atom_site.group_PDB 
_atom_site.id 
_atom_site.type_symbol 
_atom_site.label_atom_id 
_atom_site.label_alt_id 
_atom_site.label_comp_id 
_atom_site.label_asym_id 
_atom_site.label_entity_id 
_atom_site.label_seq_id 
_atom_site.pdbx_PDB_ins_code 
_atom_site.Cartn_x 
_atom_site.Cartn_y 
_atom_site.Cartn_z 
_atom_site.occupancy 
_atom_site.B_iso_or_equiv 
_atom_site.pdbx_formal_charge 
_atom_site.auth_seq_id 
_atom_site.auth_comp_id 
_atom_site.auth_asym_id 
_atom_site.auth_atom_id 
_atom_site.pdbx_PDB_model_num 
ATOM 1    N N   . SER A 1 3   ? -6.392  -9.440  27.612  1.00 75.60  ? 365 SER A N   1 
ATOM 2    C CA  . SER A 1 3   ? -7.108  -9.629  26.356  1.00 77.74  ? 365 SER A CA  1 
ATOM 3    C C   . SER A 1 3   ? -6.158  -9.565  25.167  1.00 74.27  ? 365 SER A C   1 
ATOM 4    O O   . SER A 1 3   ? -5.025  -9.100  25.294  1.00 81.59  ? 365 SER A O   1 
ATOM 5    C CB  . SER A 1 3   ? -8.203  -8.572  26.201  1.00 76.93  ? 365 SER A CB  1 
ATOM 6    O OG  . SER A 1 3   ? -8.845  -8.690  24.943  1.00 66.01  ? 365 SER A OG  1 
ATOM 7    N N   . LEU A 1 4   ? -6.621  -10.036 24.013  1.00 67.23  ? 366 LEU A N   1 
ATOM 8    C CA  . LEU A 1 4   ? -5.836  -9.939  22.789  1.00 69.01  ? 366 LEU A CA  1 
ATOM 9    C C   . LEU A 1 4   ? -5.884  -8.506  22.270  1.00 74.82  ? 366 LEU A C   1 
ATOM 10   O O   . LEU A 1 4   ? -6.874  -7.806  22.484  1.00 70.10  ? 366 LEU A O   1 
ATOM 11   C CB  . LEU A 1 4   ? -6.353  -10.905 21.717  1.00 64.63  ? 366 LEU A CB  1 
ATOM 12   C CG  . LEU A 1 4   ? -5.953  -12.380 21.813  1.00 49.22  ? 366 LEU A CG  1 
ATOM 13   C CD1 . LEU A 1 4   ? -6.530  -13.145 20.636  1.00 44.91  ? 366 LEU A CD1 1 
ATOM 14   C CD2 . LEU A 1 4   ? -4.443  -12.552 21.868  1.00 47.75  ? 366 LEU A CD2 1 
ATOM 15   N N   . PRO A 1 5   ? -4.814  -8.063  21.587  1.00 76.80  ? 367 PRO A N   1 
ATOM 16   C CA  . PRO A 1 5   ? -4.765  -6.688  21.076  1.00 74.82  ? 367 PRO A CA  1 
ATOM 17   C C   . PRO A 1 5   ? -5.950  -6.327  20.191  1.00 82.22  ? 367 PRO A C   1 
ATOM 18   O O   . PRO A 1 5   ? -6.291  -7.086  19.283  1.00 82.21  ? 367 PRO A O   1 
ATOM 19   C CB  . PRO A 1 5   ? -3.469  -6.663  20.260  1.00 69.26  ? 367 PRO A CB  1 
ATOM 20   C CG  . PRO A 1 5   ? -2.629  -7.731  20.842  1.00 79.56  ? 367 PRO A CG  1 
ATOM 21   C CD  . PRO A 1 5   ? -3.576  -8.803  21.284  1.00 69.02  ? 367 PRO A CD  1 
ATOM 22   N N   . VAL A 1 6   ? -6.575  -5.186  20.461  1.00 89.00  ? 368 VAL A N   1 
ATOM 23   C CA  . VAL A 1 6   ? -7.574  -4.648  19.550  1.00 87.41  ? 368 VAL A CA  1 
ATOM 24   C C   . VAL A 1 6   ? -6.845  -3.998  18.384  1.00 81.64  ? 368 VAL A C   1 
ATOM 25   O O   . VAL A 1 6   ? -5.935  -3.192  18.578  1.00 78.61  ? 368 VAL A O   1 
ATOM 26   C CB  . VAL A 1 6   ? -8.517  -3.623  20.227  1.00 84.11  ? 368 VAL A CB  1 
ATOM 27   C CG1 . VAL A 1 6   ? -9.486  -4.331  21.161  1.00 81.27  ? 368 VAL A CG1 1 
ATOM 28   C CG2 . VAL A 1 6   ? -7.732  -2.539  20.967  1.00 92.80  ? 368 VAL A CG2 1 
ATOM 29   N N   . ILE A 1 7   ? -7.237  -4.376  17.174  1.00 76.15  ? 369 ILE A N   1 
ATOM 30   C CA  . ILE A 1 7   ? -6.613  -3.862  15.965  1.00 60.35  ? 369 ILE A CA  1 
ATOM 31   C C   . ILE A 1 7   ? -7.467  -2.741  15.392  1.00 57.20  ? 369 ILE A C   1 
ATOM 32   O O   . ILE A 1 7   ? -8.692  -2.844  15.343  1.00 59.94  ? 369 ILE A O   1 
ATOM 33   C CB  . ILE A 1 7   ? -6.413  -4.981  14.925  1.00 60.28  ? 369 ILE A CB  1 
ATOM 34   C CG1 . ILE A 1 7   ? -5.370  -5.974  15.448  1.00 61.97  ? 369 ILE A CG1 1 
ATOM 35   C CG2 . ILE A 1 7   ? -5.985  -4.404  13.583  1.00 56.88  ? 369 ILE A CG2 1 
ATOM 36   C CD1 . ILE A 1 7   ? -5.146  -7.172  14.566  1.00 57.27  ? 369 ILE A CD1 1 
ATOM 37   N N   . ALA A 1 8   ? -6.811  -1.665  14.974  1.00 53.09  ? 370 ALA A N   1 
ATOM 38   C CA  . ALA A 1 8   ? -7.510  -0.492  14.467  1.00 47.77  ? 370 ALA A CA  1 
ATOM 39   C C   . ALA A 1 8   ? -8.086  -0.757  13.083  1.00 46.68  ? 370 ALA A C   1 
ATOM 40   O O   . ALA A 1 8   ? -7.506  -1.494  12.290  1.00 47.74  ? 370 ALA A O   1 
ATOM 41   C CB  . ALA A 1 8   ? -6.573  0.702   14.430  1.00 47.92  ? 370 ALA A CB  1 
ATOM 42   N N   . ALA A 1 9   ? -9.234  -0.154  12.801  1.00 47.26  ? 371 ALA A N   1 
ATOM 43   C CA  . ALA A 1 9   ? -9.843  -0.260  11.485  1.00 50.18  ? 371 ALA A CA  1 
ATOM 44   C C   . ALA A 1 9   ? -8.993  0.493   10.466  1.00 52.86  ? 371 ALA A C   1 
ATOM 45   O O   . ALA A 1 9   ? -8.530  1.598   10.743  1.00 50.48  ? 371 ALA A O   1 
ATOM 46   C CB  . ALA A 1 9   ? -11.258 0.287   11.505  1.00 37.78  ? 371 ALA A CB  1 
ATOM 47   N N   . PRO A 1 10  ? -8.780  -0.101  9.281   1.00 56.37  ? 372 PRO A N   1 
ATOM 48   C CA  . PRO A 1 10  ? -7.982  0.604   8.276   1.00 45.54  ? 372 PRO A CA  1 
ATOM 49   C C   . PRO A 1 10  ? -8.748  1.753   7.635   1.00 53.44  ? 372 PRO A C   1 
ATOM 50   O O   . PRO A 1 10  ? -9.978  1.772   7.679   1.00 53.45  ? 372 PRO A O   1 
ATOM 51   C CB  . PRO A 1 10  ? -7.679  -0.485  7.249   1.00 46.99  ? 372 PRO A CB  1 
ATOM 52   C CG  . PRO A 1 10  ? -8.838  -1.404  7.340   1.00 42.99  ? 372 PRO A CG  1 
ATOM 53   C CD  . PRO A 1 10  ? -9.245  -1.410  8.789   1.00 51.47  ? 372 PRO A CD  1 
ATOM 54   N N   . SER A 1 11  ? -8.018  2.698   7.053   1.00 48.15  ? 373 SER A N   1 
ATOM 55   C CA  . SER A 1 11  ? -8.621  3.775   6.282   1.00 42.83  ? 373 SER A CA  1 
ATOM 56   C C   . SER A 1 11  ? -8.296  3.561   4.815   1.00 38.91  ? 373 SER A C   1 
ATOM 57   O O   . SER A 1 11  ? -7.230  3.050   4.479   1.00 49.71  ? 373 SER A O   1 
ATOM 58   C CB  . SER A 1 11  ? -8.117  5.140   6.756   1.00 50.59  ? 373 SER A CB  1 
ATOM 59   O OG  . SER A 1 11  ? -8.472  5.375   8.109   1.00 47.39  ? 373 SER A OG  1 
ATOM 60   N N   . MET A 1 12  ? -9.225  3.940   3.949   1.00 42.61  ? 374 MET A N   1 
ATOM 61   C CA  . MET A 1 12  ? -9.060  3.777   2.512   1.00 47.02  ? 374 MET A CA  1 
ATOM 62   C C   . MET A 1 12  ? -9.665  4.969   1.795   1.00 43.05  ? 374 MET A C   1 
ATOM 63   O O   . MET A 1 12  ? -10.720 5.467   2.188   1.00 45.58  ? 374 MET A O   1 
ATOM 64   C CB  . MET A 1 12  ? -9.722  2.484   2.029   1.00 50.24  ? 374 MET A CB  1 
ATOM 65   C CG  . MET A 1 12  ? -8.997  1.215   2.445   1.00 67.20  ? 374 MET A CG  1 
ATOM 66   S SD  . MET A 1 12  ? -10.065 -0.237  2.448   1.00 104.85 ? 374 MET A SD  1 
ATOM 67   C CE  . MET A 1 12  ? -11.067 0.079   3.900   1.00 70.03  ? 374 MET A CE  1 
ATOM 68   N N   . TRP A 1 13  ? -8.995  5.430   0.748   1.00 37.18  ? 375 TRP A N   1 
ATOM 69   C CA  . TRP A 1 13  ? -9.515  6.524   -0.050  1.00 35.77  ? 375 TRP A CA  1 
ATOM 70   C C   . TRP A 1 13  ? -8.899  6.510   -1.438  1.00 42.13  ? 375 TRP A C   1 
ATOM 71   O O   . TRP A 1 13  ? -7.895  5.840   -1.675  1.00 45.56  ? 375 TRP A O   1 
ATOM 72   C CB  . TRP A 1 13  ? -9.258  7.868   0.634   1.00 41.31  ? 375 TRP A CB  1 
ATOM 73   C CG  . TRP A 1 13  ? -7.809  8.244   0.770   1.00 43.72  ? 375 TRP A CG  1 
ATOM 74   C CD1 . TRP A 1 13  ? -7.055  8.946   -0.123  1.00 44.95  ? 375 TRP A CD1 1 
ATOM 75   C CD2 . TRP A 1 13  ? -6.948  7.957   1.881   1.00 42.43  ? 375 TRP A CD2 1 
ATOM 76   N NE1 . TRP A 1 13  ? -5.777  9.108   0.358   1.00 47.42  ? 375 TRP A NE1 1 
ATOM 77   C CE2 . TRP A 1 13  ? -5.687  8.510   1.584   1.00 39.60  ? 375 TRP A CE2 1 
ATOM 78   C CE3 . TRP A 1 13  ? -7.122  7.284   3.092   1.00 41.01  ? 375 TRP A CE3 1 
ATOM 79   C CZ2 . TRP A 1 13  ? -4.606  8.407   2.457   1.00 39.98  ? 375 TRP A CZ2 1 
ATOM 80   C CZ3 . TRP A 1 13  ? -6.048  7.182   3.953   1.00 38.45  ? 375 TRP A CZ3 1 
ATOM 81   C CH2 . TRP A 1 13  ? -4.807  7.743   3.633   1.00 38.10  ? 375 TRP A CH2 1 
ATOM 82   N N   . THR A 1 14  ? -9.535  7.233   -2.353  1.00 44.72  ? 376 THR A N   1 
ATOM 83   C CA  . THR A 1 14  ? -9.032  7.410   -3.707  1.00 42.40  ? 376 THR A CA  1 
ATOM 84   C C   . THR A 1 14  ? -8.732  8.879   -3.968  1.00 49.80  ? 376 THR A C   1 
ATOM 85   O O   . THR A 1 14  ? -9.207  9.762   -3.253  1.00 56.06  ? 376 THR A O   1 
ATOM 86   C CB  . THR A 1 14  ? -10.041 6.938   -4.767  1.00 59.35  ? 376 THR A CB  1 
ATOM 87   O OG1 . THR A 1 14  ? -11.267 7.661   -4.610  1.00 60.81  ? 376 THR A OG1 1 
ATOM 88   C CG2 . THR A 1 14  ? -10.307 5.451   -4.656  1.00 57.63  ? 376 THR A CG2 1 
ATOM 89   N N   . ARG A 1 15  ? -7.926  9.137   -4.982  1.00 53.29  ? 377 ARG A N   1 
ATOM 90   C CA  . ARG A 1 15  ? -7.769  10.487  -5.487  1.00 56.65  ? 377 ARG A CA  1 
ATOM 91   C C   . ARG A 1 15  ? -7.613  10.416  -6.992  1.00 59.85  ? 377 ARG A C   1 
ATOM 92   O O   . ARG A 1 15  ? -7.025  9.476   -7.513  1.00 63.70  ? 377 ARG A O   1 
ATOM 93   C CB  . ARG A 1 15  ? -6.590  11.181  -4.824  1.00 62.64  ? 377 ARG A CB  1 
ATOM 94   C CG  . ARG A 1 15  ? -5.234  10.621  -5.180  1.00 55.92  ? 377 ARG A CG  1 
ATOM 95   C CD  . ARG A 1 15  ? -4.176  11.364  -4.401  1.00 51.36  ? 377 ARG A CD  1 
ATOM 96   N NE  . ARG A 1 15  ? -2.827  10.983  -4.802  1.00 54.79  ? 377 ARG A NE  1 
ATOM 97   C CZ  . ARG A 1 15  ? -2.164  9.939   -4.318  1.00 56.69  ? 377 ARG A CZ  1 
ATOM 98   N NH1 . ARG A 1 15  ? -2.715  9.148   -3.406  1.00 62.84  ? 377 ARG A NH1 1 
ATOM 99   N NH2 . ARG A 1 15  ? -0.939  9.684   -4.753  1.00 57.54  ? 377 ARG A NH2 1 
ATOM 100  N N   . PRO A 1 16  ? -8.153  11.416  -7.697  1.00 59.78  ? 378 PRO A N   1 
ATOM 101  C CA  . PRO A 1 16  ? -8.453  11.309  -9.128  1.00 56.91  ? 378 PRO A CA  1 
ATOM 102  C C   . PRO A 1 16  ? -7.266  11.305  -10.087 1.00 59.40  ? 378 PRO A C   1 
ATOM 103  O O   . PRO A 1 16  ? -7.457  10.833  -11.206 1.00 59.35  ? 378 PRO A O   1 
ATOM 104  C CB  . PRO A 1 16  ? -9.325  12.540  -9.384  1.00 59.73  ? 378 PRO A CB  1 
ATOM 105  C CG  . PRO A 1 16  ? -8.887  13.518  -8.373  1.00 69.45  ? 378 PRO A CG  1 
ATOM 106  C CD  . PRO A 1 16  ? -8.492  12.744  -7.162  1.00 65.60  ? 378 PRO A CD  1 
ATOM 107  N N   . GLN A 1 17  ? -6.085  11.786  -9.704  1.00 64.95  ? 379 GLN A N   1 
ATOM 108  C CA  . GLN A 1 17  ? -5.037  11.915  -10.710 1.00 63.20  ? 379 GLN A CA  1 
ATOM 109  C C   . GLN A 1 17  ? -4.197  10.646  -10.753 1.00 62.79  ? 379 GLN A C   1 
ATOM 110  O O   . GLN A 1 17  ? -3.291  10.436  -9.948  1.00 65.92  ? 379 GLN A O   1 
ATOM 111  C CB  . GLN A 1 17  ? -4.151  13.139  -10.429 1.00 80.46  ? 379 GLN A CB  1 
ATOM 112  C CG  . GLN A 1 17  ? -3.613  13.269  -8.992  1.00 93.59  ? 379 GLN A CG  1 
ATOM 113  C CD  . GLN A 1 17  ? -4.616  13.865  -8.022  1.00 86.54  ? 379 GLN A CD  1 
ATOM 114  O OE1 . GLN A 1 17  ? -5.722  14.239  -8.406  1.00 80.86  ? 379 GLN A OE1 1 
ATOM 115  N NE2 . GLN A 1 17  ? -4.232  13.951  -6.752  1.00 72.30  ? 379 GLN A NE2 1 
ATOM 116  N N   . ILE A 1 18  ? -4.506  9.817   -11.744 1.00 55.60  ? 380 ILE A N   1 
ATOM 117  C CA  . ILE A 1 18  ? -3.802  8.564   -11.972 1.00 55.83  ? 380 ILE A CA  1 
ATOM 118  C C   . ILE A 1 18  ? -2.593  8.744   -12.885 1.00 57.23  ? 380 ILE A C   1 
ATOM 119  O O   . ILE A 1 18  ? -1.531  8.171   -12.644 1.00 60.63  ? 380 ILE A O   1 
ATOM 120  C CB  . ILE A 1 18  ? -4.759  7.488   -12.543 1.00 58.16  ? 380 ILE A CB  1 
ATOM 121  C CG1 . ILE A 1 18  ? -4.012  6.173   -12.755 1.00 49.81  ? 380 ILE A CG1 1 
ATOM 122  C CG2 . ILE A 1 18  ? -5.426  7.955   -13.833 1.00 64.20  ? 380 ILE A CG2 1 
ATOM 123  C CD1 . ILE A 1 18  ? -4.922  5.005   -12.998 1.00 52.10  ? 380 ILE A CD1 1 
ATOM 124  N N   . LYS A 1 19  ? -2.769  9.539   -13.937 1.00 61.73  ? 381 LYS A N   1 
ATOM 125  C CA  . LYS A 1 19  ? -1.723  9.749   -14.930 1.00 60.94  ? 381 LYS A CA  1 
ATOM 126  C C   . LYS A 1 19  ? -0.474  10.336  -14.289 1.00 63.41  ? 381 LYS A C   1 
ATOM 127  O O   . LYS A 1 19  ? 0.645   9.922   -14.586 1.00 66.49  ? 381 LYS A O   1 
ATOM 128  C CB  . LYS A 1 19  ? -2.223  10.669  -16.045 1.00 64.71  ? 381 LYS A CB  1 
ATOM 129  C CG  . LYS A 1 19  ? -3.360  10.085  -16.866 1.00 58.71  ? 381 LYS A CG  1 
ATOM 130  N N   . ASP A 1 20  ? -0.679  11.301  -13.401 1.00 66.87  ? 382 ASP A N   1 
ATOM 131  C CA  . ASP A 1 20  ? 0.424   11.959  -12.717 1.00 65.18  ? 382 ASP A CA  1 
ATOM 132  C C   . ASP A 1 20  ? 1.110   10.997  -11.756 1.00 54.81  ? 382 ASP A C   1 
ATOM 133  O O   . ASP A 1 20  ? 2.331   11.013  -11.612 1.00 54.30  ? 382 ASP A O   1 
ATOM 134  C CB  . ASP A 1 20  ? -0.078  13.191  -11.965 1.00 77.19  ? 382 ASP A CB  1 
ATOM 135  C CG  . ASP A 1 20  ? -0.899  14.113  -12.845 1.00 86.36  ? 382 ASP A CG  1 
ATOM 136  O OD1 . ASP A 1 20  ? -0.356  15.139  -13.302 1.00 93.25  ? 382 ASP A OD1 1 
ATOM 137  O OD2 . ASP A 1 20  ? -2.085  13.804  -13.086 1.00 91.53  ? 382 ASP A OD2 1 
ATOM 138  N N   . PHE A 1 21  ? 0.315   10.162  -11.096 1.00 61.71  ? 383 PHE A N   1 
ATOM 139  C CA  . PHE A 1 21  ? 0.850   9.173   -10.171 1.00 53.30  ? 383 PHE A CA  1 
ATOM 140  C C   . PHE A 1 21  ? 1.770   8.202   -10.904 1.00 52.97  ? 383 PHE A C   1 
ATOM 141  O O   . PHE A 1 21  ? 2.917   8.013   -10.513 1.00 49.19  ? 383 PHE A O   1 
ATOM 142  C CB  . PHE A 1 21  ? -0.286  8.417   -9.481  1.00 51.30  ? 383 PHE A CB  1 
ATOM 143  C CG  . PHE A 1 21  ? 0.182   7.369   -8.509  1.00 58.69  ? 383 PHE A CG  1 
ATOM 144  C CD1 . PHE A 1 21  ? 0.814   7.729   -7.330  1.00 46.19  ? 383 PHE A CD1 1 
ATOM 145  C CD2 . PHE A 1 21  ? -0.024  6.023   -8.770  1.00 40.92  ? 383 PHE A CD2 1 
ATOM 146  C CE1 . PHE A 1 21  ? 1.241   6.768   -6.436  1.00 45.51  ? 383 PHE A CE1 1 
ATOM 147  C CE2 . PHE A 1 21  ? 0.399   5.058   -7.876  1.00 34.84  ? 383 PHE A CE2 1 
ATOM 148  C CZ  . PHE A 1 21  ? 1.033   5.431   -6.708  1.00 37.87  ? 383 PHE A CZ  1 
ATOM 149  N N   . LYS A 1 22  ? 1.263   7.607   -11.979 1.00 53.56  ? 384 LYS A N   1 
ATOM 150  C CA  . LYS A 1 22  ? 2.022   6.623   -12.745 1.00 54.69  ? 384 LYS A CA  1 
ATOM 151  C C   . LYS A 1 22  ? 3.347   7.188   -13.247 1.00 58.85  ? 384 LYS A C   1 
ATOM 152  O O   . LYS A 1 22  ? 4.399   6.580   -13.056 1.00 60.93  ? 384 LYS A O   1 
ATOM 153  C CB  . LYS A 1 22  ? 1.193   6.124   -13.928 1.00 52.67  ? 384 LYS A CB  1 
ATOM 154  C CG  . LYS A 1 22  ? 0.015   5.256   -13.531 1.00 47.48  ? 384 LYS A CG  1 
ATOM 155  C CD  . LYS A 1 22  ? -0.871  4.950   -14.722 1.00 47.51  ? 384 LYS A CD  1 
ATOM 156  C CE  . LYS A 1 22  ? -1.885  3.871   -14.393 1.00 51.33  ? 384 LYS A CE  1 
ATOM 157  N NZ  . LYS A 1 22  ? -2.977  3.816   -15.399 1.00 60.70  ? 384 LYS A NZ  1 
ATOM 158  N N   . GLU A 1 23  ? 3.290   8.352   -13.884 1.00 60.04  ? 385 GLU A N   1 
ATOM 159  C CA  . GLU A 1 23  ? 4.483   8.975   -14.443 1.00 64.04  ? 385 GLU A CA  1 
ATOM 160  C C   . GLU A 1 23  ? 5.494   9.292   -13.348 1.00 56.95  ? 385 GLU A C   1 
ATOM 161  O O   . GLU A 1 23  ? 6.702   9.272   -13.580 1.00 59.88  ? 385 GLU A O   1 
ATOM 162  C CB  . GLU A 1 23  ? 4.109   10.243  -15.211 1.00 64.35  ? 385 GLU A CB  1 
ATOM 163  C CG  . GLU A 1 23  ? 3.303   9.968   -16.473 1.00 76.83  ? 385 GLU A CG  1 
ATOM 164  C CD  . GLU A 1 23  ? 2.845   11.233  -17.172 1.00 84.49  ? 385 GLU A CD  1 
ATOM 165  O OE1 . GLU A 1 23  ? 2.980   12.326  -16.582 1.00 82.41  ? 385 GLU A OE1 1 
ATOM 166  O OE2 . GLU A 1 23  ? 2.345   11.134  -18.313 1.00 91.84  ? 385 GLU A OE2 1 
ATOM 167  N N   . LYS A 1 24  ? 4.990   9.573   -12.152 1.00 54.29  ? 386 LYS A N   1 
ATOM 168  C CA  . LYS A 1 24  ? 5.840   9.834   -10.997 1.00 50.01  ? 386 LYS A CA  1 
ATOM 169  C C   . LYS A 1 24  ? 6.451   8.537   -10.475 1.00 59.40  ? 386 LYS A C   1 
ATOM 170  O O   . LYS A 1 24  ? 7.623   8.495   -10.107 1.00 56.92  ? 386 LYS A O   1 
ATOM 171  C CB  . LYS A 1 24  ? 5.035   10.523  -9.893  1.00 50.63  ? 386 LYS A CB  1 
ATOM 172  C CG  . LYS A 1 24  ? 5.826   10.854  -8.637  1.00 56.75  ? 386 LYS A CG  1 
ATOM 173  C CD  . LYS A 1 24  ? 6.781   12.011  -8.857  1.00 66.05  ? 386 LYS A CD  1 
ATOM 174  C CE  . LYS A 1 24  ? 7.543   12.342  -7.585  1.00 70.03  ? 386 LYS A CE  1 
ATOM 175  N NZ  . LYS A 1 24  ? 8.290   13.625  -7.692  1.00 77.99  ? 386 LYS A NZ  1 
ATOM 176  N N   . ILE A 1 25  ? 5.647   7.481   -10.440 1.00 57.78  ? 387 ILE A N   1 
ATOM 177  C CA  . ILE A 1 25  ? 6.100   6.190   -9.937  1.00 53.35  ? 387 ILE A CA  1 
ATOM 178  C C   . ILE A 1 25  ? 7.019   5.509   -10.951 1.00 55.67  ? 387 ILE A C   1 
ATOM 179  O O   . ILE A 1 25  ? 7.933   4.777   -10.572 1.00 53.42  ? 387 ILE A O   1 
ATOM 180  C CB  . ILE A 1 25  ? 4.901   5.266   -9.611  1.00 49.44  ? 387 ILE A CB  1 
ATOM 181  C CG1 . ILE A 1 25  ? 4.053   5.857   -8.478  1.00 44.32  ? 387 ILE A CG1 1 
ATOM 182  C CG2 . ILE A 1 25  ? 5.376   3.875   -9.234  1.00 42.27  ? 387 ILE A CG2 1 
ATOM 183  C CD1 . ILE A 1 25  ? 4.779   6.029   -7.163  1.00 49.86  ? 387 ILE A CD1 1 
ATOM 184  N N   . GLN A 1 26  ? 6.784   5.769   -12.234 1.00 57.23  ? 388 GLN A N   1 
ATOM 185  C CA  . GLN A 1 26  ? 7.579   5.176   -13.309 1.00 57.08  ? 388 GLN A CA  1 
ATOM 186  C C   . GLN A 1 26  ? 9.070   5.480   -13.193 1.00 64.95  ? 388 GLN A C   1 
ATOM 187  O O   . GLN A 1 26  ? 9.896   4.766   -13.761 1.00 67.56  ? 388 GLN A O   1 
ATOM 188  C CB  . GLN A 1 26  ? 7.081   5.666   -14.669 1.00 64.59  ? 388 GLN A CB  1 
ATOM 189  C CG  . GLN A 1 26  ? 5.932   4.866   -15.255 1.00 61.87  ? 388 GLN A CG  1 
ATOM 190  C CD  . GLN A 1 26  ? 5.397   5.481   -16.535 1.00 68.72  ? 388 GLN A CD  1 
ATOM 191  O OE1 . GLN A 1 26  ? 5.843   6.550   -16.954 1.00 70.44  ? 388 GLN A OE1 1 
ATOM 192  N NE2 . GLN A 1 26  ? 4.439   4.809   -17.164 1.00 60.53  ? 388 GLN A NE2 1 
ATOM 193  N N   . GLN A 1 27  ? 9.411   6.547   -12.474 1.00 74.44  ? 389 GLN A N   1 
ATOM 194  C CA  . GLN A 1 27  ? 10.805  6.943   -12.315 1.00 73.27  ? 389 GLN A CA  1 
ATOM 195  C C   . GLN A 1 27  ? 11.613  5.805   -11.703 1.00 73.67  ? 389 GLN A C   1 
ATOM 196  O O   . GLN A 1 27  ? 12.649  5.413   -12.240 1.00 77.71  ? 389 GLN A O   1 
ATOM 197  C CB  . GLN A 1 27  ? 10.917  8.201   -11.450 1.00 79.09  ? 389 GLN A CB  1 
ATOM 198  C CG  . GLN A 1 27  ? 10.108  9.386   -11.965 1.00 77.52  ? 389 GLN A CG  1 
ATOM 199  C CD  . GLN A 1 27  ? 10.292  9.623   -13.450 1.00 86.49  ? 389 GLN A CD  1 
ATOM 200  O OE1 . GLN A 1 27  ? 9.531   9.109   -14.269 1.00 80.82  ? 389 GLN A OE1 1 
ATOM 201  N NE2 . GLN A 1 27  ? 11.303  10.407  -13.804 1.00 93.71  ? 389 GLN A NE2 1 
ATOM 202  N N   . ASP A 1 28  ? 11.131  5.276   -10.583 1.00 75.62  ? 390 ASP A N   1 
ATOM 203  C CA  . ASP A 1 28  ? 11.713  4.073   -10.003 1.00 70.98  ? 390 ASP A CA  1 
ATOM 204  C C   . ASP A 1 28  ? 11.069  2.863   -10.664 1.00 80.31  ? 390 ASP A C   1 
ATOM 205  O O   . ASP A 1 28  ? 9.865   2.642   -10.535 1.00 74.60  ? 390 ASP A O   1 
ATOM 206  C CB  . ASP A 1 28  ? 11.509  4.041   -8.487  1.00 66.63  ? 390 ASP A CB  1 
ATOM 207  C CG  . ASP A 1 28  ? 12.075  2.786   -7.850  1.00 76.99  ? 390 ASP A CG  1 
ATOM 208  O OD1 . ASP A 1 28  ? 13.002  2.187   -8.433  1.00 71.27  ? 390 ASP A OD1 1 
ATOM 209  O OD2 . ASP A 1 28  ? 11.593  2.398   -6.763  1.00 73.80  ? 390 ASP A OD2 1 
ATOM 210  N N   . ALA A 1 29  ? 11.876  2.077   -11.368 1.00 82.30  ? 391 ALA A N   1 
ATOM 211  C CA  . ALA A 1 29  ? 11.365  0.957   -12.150 1.00 74.72  ? 391 ALA A CA  1 
ATOM 212  C C   . ALA A 1 29  ? 10.920  -0.193  -11.254 1.00 71.10  ? 391 ALA A C   1 
ATOM 213  O O   . ALA A 1 29  ? 10.083  -1.006  -11.647 1.00 70.85  ? 391 ALA A O   1 
ATOM 214  C CB  . ALA A 1 29  ? 12.421  0.480   -13.134 1.00 63.70  ? 391 ALA A CB  1 
ATOM 215  N N   . ASP A 1 30  ? 11.481  -0.254  -10.052 1.00 65.68  ? 392 ASP A N   1 
ATOM 216  C CA  . ASP A 1 30  ? 11.160  -1.314  -9.106  1.00 55.20  ? 392 ASP A CA  1 
ATOM 217  C C   . ASP A 1 30  ? 9.831   -1.055  -8.398  1.00 55.29  ? 392 ASP A C   1 
ATOM 218  O O   . ASP A 1 30  ? 9.296   -1.938  -7.728  1.00 62.20  ? 392 ASP A O   1 
ATOM 219  C CB  . ASP A 1 30  ? 12.283  -1.464  -8.080  1.00 66.61  ? 392 ASP A CB  1 
ATOM 220  C CG  . ASP A 1 30  ? 13.610  -1.831  -8.718  1.00 56.36  ? 392 ASP A CG  1 
ATOM 221  O OD1 . ASP A 1 30  ? 13.601  -2.341  -9.856  1.00 62.02  ? 392 ASP A OD1 1 
ATOM 222  O OD2 . ASP A 1 30  ? 14.660  -1.614  -8.080  1.00 65.11  ? 392 ASP A OD2 1 
ATOM 223  N N   . SER A 1 31  ? 9.303   0.155   -8.551  1.00 60.15  ? 393 SER A N   1 
ATOM 224  C CA  . SER A 1 31  ? 8.002   0.499   -7.990  1.00 50.48  ? 393 SER A CA  1 
ATOM 225  C C   . SER A 1 31  ? 6.882   0.096   -8.944  1.00 43.46  ? 393 SER A C   1 
ATOM 226  O O   . SER A 1 31  ? 5.706   0.316   -8.657  1.00 47.78  ? 393 SER A O   1 
ATOM 227  C CB  . SER A 1 31  ? 7.922   1.998   -7.690  1.00 47.08  ? 393 SER A CB  1 
ATOM 228  O OG  . SER A 1 31  ? 8.789   2.357   -6.628  1.00 52.22  ? 393 SER A OG  1 
ATOM 229  N N   . VAL A 1 32  ? 7.257   -0.486  -10.080 1.00 42.03  ? 394 VAL A N   1 
ATOM 230  C CA  . VAL A 1 32  ? 6.293   -0.965  -11.061 1.00 41.07  ? 394 VAL A CA  1 
ATOM 231  C C   . VAL A 1 32  ? 6.521   -2.450  -11.311 1.00 51.93  ? 394 VAL A C   1 
ATOM 232  O O   . VAL A 1 32  ? 7.605   -2.856  -11.728 1.00 54.08  ? 394 VAL A O   1 
ATOM 233  C CB  . VAL A 1 32  ? 6.399   -0.197  -12.391 1.00 44.83  ? 394 VAL A CB  1 
ATOM 234  C CG1 . VAL A 1 32  ? 5.267   -0.594  -13.322 1.00 49.07  ? 394 VAL A CG1 1 
ATOM 235  C CG2 . VAL A 1 32  ? 6.377   1.302   -12.140 1.00 47.20  ? 394 VAL A CG2 1 
ATOM 236  N N   . ILE A 1 33  ? 5.495   -3.255  -11.046 1.00 41.36  ? 395 ILE A N   1 
ATOM 237  C CA  . ILE A 1 33  ? 5.605   -4.705  -11.168 1.00 47.52  ? 395 ILE A CA  1 
ATOM 238  C C   . ILE A 1 33  ? 4.472   -5.295  -12.002 1.00 44.17  ? 395 ILE A C   1 
ATOM 239  O O   . ILE A 1 33  ? 3.331   -4.834  -11.946 1.00 37.70  ? 395 ILE A O   1 
ATOM 240  C CB  . ILE A 1 33  ? 5.617   -5.381  -9.781  1.00 51.73  ? 395 ILE A CB  1 
ATOM 241  C CG1 . ILE A 1 33  ? 4.386   -4.971  -8.972  1.00 50.69  ? 395 ILE A CG1 1 
ATOM 242  C CG2 . ILE A 1 33  ? 6.885   -5.009  -9.027  1.00 58.60  ? 395 ILE A CG2 1 
ATOM 243  C CD1 . ILE A 1 33  ? 4.293   -5.641  -7.623  1.00 45.69  ? 395 ILE A CD1 1 
ATOM 244  N N   . THR A 1 34  ? 4.808   -6.315  -12.786 1.00 41.38  ? 396 THR A N   1 
ATOM 245  C CA  . THR A 1 34  ? 3.827   -7.027  -13.591 1.00 38.36  ? 396 THR A CA  1 
ATOM 246  C C   . THR A 1 34  ? 3.339   -8.263  -12.851 1.00 43.62  ? 396 THR A C   1 
ATOM 247  O O   . THR A 1 34  ? 4.139   -9.115  -12.464 1.00 53.57  ? 396 THR A O   1 
ATOM 248  C CB  . THR A 1 34  ? 4.410   -7.455  -14.950 1.00 43.33  ? 396 THR A CB  1 
ATOM 249  O OG1 . THR A 1 34  ? 4.884   -6.303  -15.657 1.00 54.29  ? 396 THR A OG1 1 
ATOM 250  C CG2 . THR A 1 34  ? 3.356   -8.159  -15.786 1.00 50.69  ? 396 THR A CG2 1 
ATOM 251  N N   . VAL A 1 35  ? 2.028   -8.355  -12.652 1.00 44.10  ? 397 VAL A N   1 
ATOM 252  C CA  . VAL A 1 35  ? 1.422   -9.533  -12.044 1.00 32.99  ? 397 VAL A CA  1 
ATOM 253  C C   . VAL A 1 35  ? 0.876   -10.433 -13.143 1.00 35.75  ? 397 VAL A C   1 
ATOM 254  O O   . VAL A 1 35  ? -0.009  -10.033 -13.899 1.00 40.76  ? 397 VAL A O   1 
ATOM 255  C CB  . VAL A 1 35  ? 0.289   -9.165  -11.067 1.00 40.23  ? 397 VAL A CB  1 
ATOM 256  C CG1 . VAL A 1 35  ? -0.183  -10.395 -10.308 1.00 36.27  ? 397 VAL A CG1 1 
ATOM 257  C CG2 . VAL A 1 35  ? 0.752   -8.093  -10.098 1.00 36.06  ? 397 VAL A CG2 1 
ATOM 258  N N   . GLY A 1 36  ? 1.409   -11.647 -13.232 1.00 42.20  ? 398 GLY A N   1 
ATOM 259  C CA  . GLY A 1 36  ? 1.038   -12.565 -14.292 1.00 32.98  ? 398 GLY A CA  1 
ATOM 260  C C   . GLY A 1 36  ? -0.384  -13.079 -14.185 1.00 39.61  ? 398 GLY A C   1 
ATOM 261  O O   . GLY A 1 36  ? -1.080  -12.837 -13.198 1.00 40.59  ? 398 GLY A O   1 
ATOM 262  N N   . ARG A 1 37  ? -0.817  -13.792 -15.217 1.00 39.20  ? 399 ARG A N   1 
ATOM 263  C CA  . ARG A 1 37  ? -2.129  -14.422 -15.207 1.00 37.09  ? 399 ARG A CA  1 
ATOM 264  C C   . ARG A 1 37  ? -2.167  -15.448 -14.083 1.00 39.67  ? 399 ARG A C   1 
ATOM 265  O O   . ARG A 1 37  ? -1.290  -16.306 -13.994 1.00 49.14  ? 399 ARG A O   1 
ATOM 266  C CB  . ARG A 1 37  ? -2.440  -15.106 -16.542 1.00 37.93  ? 399 ARG A CB  1 
ATOM 267  C CG  . ARG A 1 37  ? -1.927  -14.389 -17.792 1.00 44.91  ? 399 ARG A CG  1 
ATOM 268  C CD  . ARG A 1 37  ? -2.158  -15.216 -19.054 1.00 51.71  ? 399 ARG A CD  1 
ATOM 269  N NE  . ARG A 1 37  ? -1.740  -16.608 -18.887 1.00 68.77  ? 399 ARG A NE  1 
ATOM 270  C CZ  . ARG A 1 37  ? -1.908  -17.560 -19.799 1.00 86.77  ? 399 ARG A CZ  1 
ATOM 271  N NH1 . ARG A 1 37  ? -2.487  -17.287 -20.962 1.00 79.96  ? 399 ARG A NH1 1 
ATOM 272  N NH2 . ARG A 1 37  ? -1.492  -18.795 -19.547 1.00 70.49  ? 399 ARG A NH2 1 
ATOM 273  N N   . GLY A 1 38  ? -3.171  -15.355 -13.221 1.00 41.76  ? 400 GLY A N   1 
ATOM 274  C CA  . GLY A 1 38  ? -3.347  -16.328 -12.159 1.00 35.16  ? 400 GLY A CA  1 
ATOM 275  C C   . GLY A 1 38  ? -2.337  -16.203 -11.032 1.00 41.66  ? 400 GLY A C   1 
ATOM 276  O O   . GLY A 1 38  ? -2.234  -17.093 -10.189 1.00 42.74  ? 400 GLY A O   1 
ATOM 277  N N   . GLU A 1 39  ? -1.605  -15.092 -11.008 1.00 44.94  ? 401 GLU A N   1 
ATOM 278  C CA  . GLU A 1 39  ? -0.526  -14.892 -10.042 1.00 38.78  ? 401 GLU A CA  1 
ATOM 279  C C   . GLU A 1 39  ? -0.928  -13.995 -8.879  1.00 41.77  ? 401 GLU A C   1 
ATOM 280  O O   . GLU A 1 39  ? -1.750  -13.092 -9.028  1.00 40.65  ? 401 GLU A O   1 
ATOM 281  C CB  . GLU A 1 39  ? 0.701   -14.290 -10.730 1.00 45.81  ? 401 GLU A CB  1 
ATOM 282  C CG  . GLU A 1 39  ? 1.560   -15.298 -11.468 1.00 58.70  ? 401 GLU A CG  1 
ATOM 283  C CD  . GLU A 1 39  ? 2.798   -14.674 -12.081 1.00 66.71  ? 401 GLU A CD  1 
ATOM 284  O OE1 . GLU A 1 39  ? 2.967   -13.441 -11.963 1.00 53.99  ? 401 GLU A OE1 1 
ATOM 285  O OE2 . GLU A 1 39  ? 3.603   -15.418 -12.680 1.00 67.08  ? 401 GLU A OE2 1 
ATOM 286  N N   . VAL A 1 40  ? -0.352  -14.277 -7.715  1.00 42.83  ? 402 VAL A N   1 
ATOM 287  C CA  . VAL A 1 40  ? -0.450  -13.395 -6.559  1.00 35.74  ? 402 VAL A CA  1 
ATOM 288  C C   . VAL A 1 40  ? 0.941   -12.924 -6.153  1.00 40.20  ? 402 VAL A C   1 
ATOM 289  O O   . VAL A 1 40  ? 1.797   -13.734 -5.805  1.00 52.38  ? 402 VAL A O   1 
ATOM 290  C CB  . VAL A 1 40  ? -1.117  -14.090 -5.361  1.00 39.15  ? 402 VAL A CB  1 
ATOM 291  C CG1 . VAL A 1 40  ? -1.086  -13.187 -4.138  1.00 33.99  ? 402 VAL A CG1 1 
ATOM 292  C CG2 . VAL A 1 40  ? -2.544  -14.486 -5.703  1.00 34.30  ? 402 VAL A CG2 1 
ATOM 293  N N   . VAL A 1 41  ? 1.159   -11.614 -6.211  1.00 41.33  ? 403 VAL A N   1 
ATOM 294  C CA  . VAL A 1 41  ? 2.411   -11.017 -5.760  1.00 39.15  ? 403 VAL A CA  1 
ATOM 295  C C   . VAL A 1 41  ? 2.211   -10.375 -4.393  1.00 34.88  ? 403 VAL A C   1 
ATOM 296  O O   . VAL A 1 41  ? 1.336   -9.525  -4.221  1.00 35.24  ? 403 VAL A O   1 
ATOM 297  C CB  . VAL A 1 41  ? 2.936   -9.959  -6.753  1.00 41.56  ? 403 VAL A CB  1 
ATOM 298  C CG1 . VAL A 1 41  ? 4.149   -9.245  -6.179  1.00 34.84  ? 403 VAL A CG1 1 
ATOM 299  C CG2 . VAL A 1 41  ? 3.279   -10.603 -8.090  1.00 39.55  ? 403 VAL A CG2 1 
ATOM 300  N N   . THR A 1 42  ? 3.022   -10.792 -3.428  1.00 37.98  ? 404 THR A N   1 
ATOM 301  C CA  . THR A 1 42  ? 2.937   -10.275 -2.068  1.00 39.23  ? 404 THR A CA  1 
ATOM 302  C C   . THR A 1 42  ? 4.105   -9.341  -1.783  1.00 39.53  ? 404 THR A C   1 
ATOM 303  O O   . THR A 1 42  ? 5.265   -9.742  -1.862  1.00 36.57  ? 404 THR A O   1 
ATOM 304  C CB  . THR A 1 42  ? 2.929   -11.415 -1.028  1.00 35.05  ? 404 THR A CB  1 
ATOM 305  O OG1 . THR A 1 42  ? 1.867   -12.331 -1.321  1.00 39.25  ? 404 THR A OG1 1 
ATOM 306  C CG2 . THR A 1 42  ? 2.738   -10.860 0.371   1.00 34.00  ? 404 THR A CG2 1 
ATOM 307  N N   . VAL A 1 43  ? 3.788   -8.091  -1.456  1.00 47.66  ? 405 VAL A N   1 
ATOM 308  C CA  . VAL A 1 43  ? 4.800   -7.103  -1.097  1.00 35.74  ? 405 VAL A CA  1 
ATOM 309  C C   . VAL A 1 43  ? 4.948   -7.043  0.417   1.00 34.38  ? 405 VAL A C   1 
ATOM 310  O O   . VAL A 1 43  ? 3.997   -6.724  1.127   1.00 38.83  ? 405 VAL A O   1 
ATOM 311  C CB  . VAL A 1 43  ? 4.442   -5.705  -1.629  1.00 33.70  ? 405 VAL A CB  1 
ATOM 312  C CG1 . VAL A 1 43  ? 5.526   -4.702  -1.263  1.00 42.97  ? 405 VAL A CG1 1 
ATOM 313  C CG2 . VAL A 1 43  ? 4.233   -5.747  -3.131  1.00 40.12  ? 405 VAL A CG2 1 
ATOM 314  N N   . ARG A 1 44  ? 6.147   -7.351  0.903   1.00 34.85  ? 406 ARG A N   1 
ATOM 315  C CA  . ARG A 1 44  ? 6.409   -7.395  2.336   1.00 36.38  ? 406 ARG A CA  1 
ATOM 316  C C   . ARG A 1 44  ? 7.117   -6.124  2.791   1.00 44.59  ? 406 ARG A C   1 
ATOM 317  O O   . ARG A 1 44  ? 8.265   -5.874  2.425   1.00 42.18  ? 406 ARG A O   1 
ATOM 318  C CB  . ARG A 1 44  ? 7.252   -8.622  2.692   1.00 44.12  ? 406 ARG A CB  1 
ATOM 319  C CG  . ARG A 1 44  ? 6.699   -9.936  2.151   1.00 61.48  ? 406 ARG A CG  1 
ATOM 320  C CD  . ARG A 1 44  ? 7.570   -11.116 2.557   1.00 71.18  ? 406 ARG A CD  1 
ATOM 321  N NE  . ARG A 1 44  ? 7.610   -11.294 4.008   1.00 60.56  ? 406 ARG A NE  1 
ATOM 322  C CZ  . ARG A 1 44  ? 6.812   -12.107 4.695   1.00 57.32  ? 406 ARG A CZ  1 
ATOM 323  N NH1 . ARG A 1 44  ? 5.893   -12.840 4.077   1.00 52.91  ? 406 ARG A NH1 1 
ATOM 324  N NH2 . ARG A 1 44  ? 6.935   -12.188 6.012   1.00 47.66  ? 406 ARG A NH2 1 
ATOM 325  N N   . VAL A 1 45  ? 6.418   -5.325  3.589   1.00 47.87  ? 407 VAL A N   1 
ATOM 326  C CA  . VAL A 1 45  ? 6.969   -4.082  4.105   1.00 42.63  ? 407 VAL A CA  1 
ATOM 327  C C   . VAL A 1 45  ? 7.795   -4.367  5.357   1.00 52.12  ? 407 VAL A C   1 
ATOM 328  O O   . VAL A 1 45  ? 7.330   -5.078  6.246   1.00 49.64  ? 407 VAL A O   1 
ATOM 329  C CB  . VAL A 1 45  ? 5.856   -3.075  4.441   1.00 49.78  ? 407 VAL A CB  1 
ATOM 330  C CG1 . VAL A 1 45  ? 6.447   -1.728  4.831   1.00 43.93  ? 407 VAL A CG1 1 
ATOM 331  C CG2 . VAL A 1 45  ? 4.911   -2.925  3.262   1.00 40.78  ? 407 VAL A CG2 1 
ATOM 332  N N   . PRO A 1 46  ? 9.019   -3.811  5.439   1.00 56.48  ? 408 PRO A N   1 
ATOM 333  C CA  . PRO A 1 46  ? 9.875   -4.092  6.600   1.00 56.99  ? 408 PRO A CA  1 
ATOM 334  C C   . PRO A 1 46  ? 9.211   -3.745  7.931   1.00 59.44  ? 408 PRO A C   1 
ATOM 335  O O   . PRO A 1 46  ? 8.360   -2.858  7.985   1.00 56.52  ? 408 PRO A O   1 
ATOM 336  C CB  . PRO A 1 46  ? 11.105  -3.206  6.356   1.00 67.85  ? 408 PRO A CB  1 
ATOM 337  C CG  . PRO A 1 46  ? 10.678  -2.194  5.350   1.00 58.22  ? 408 PRO A CG  1 
ATOM 338  C CD  . PRO A 1 46  ? 9.668   -2.883  4.498   1.00 58.04  ? 408 PRO A CD  1 
ATOM 339  N N   . THR A 1 47  ? 9.604   -4.451  8.987   1.00 72.87  ? 409 THR A N   1 
ATOM 340  C CA  . THR A 1 47  ? 9.007   -4.269  10.305  1.00 77.90  ? 409 THR A CA  1 
ATOM 341  C C   . THR A 1 47  ? 9.224   -2.851  10.813  1.00 70.32  ? 409 THR A C   1 
ATOM 342  O O   . THR A 1 47  ? 10.263  -2.245  10.553  1.00 64.88  ? 409 THR A O   1 
ATOM 343  C CB  . THR A 1 47  ? 9.590   -5.257  11.339  1.00 71.56  ? 409 THR A CB  1 
ATOM 344  O OG1 . THR A 1 47  ? 10.951  -4.912  11.623  1.00 76.50  ? 409 THR A OG1 1 
ATOM 345  C CG2 . THR A 1 47  ? 9.528   -6.687  10.824  1.00 79.55  ? 409 THR A CG2 1 
ATOM 346  N N   . HIS A 1 48  ? 8.239   -2.325  11.533  1.00 71.76  ? 410 HIS A N   1 
ATOM 347  C CA  . HIS A 1 48  ? 8.369   -1.017  12.160  1.00 89.11  ? 410 HIS A CA  1 
ATOM 348  C C   . HIS A 1 48  ? 7.756   -1.055  13.560  1.00 92.56  ? 410 HIS A C   1 
ATOM 349  O O   . HIS A 1 48  ? 7.183   -2.066  13.965  1.00 83.73  ? 410 HIS A O   1 
ATOM 350  C CB  . HIS A 1 48  ? 7.701   0.057   11.294  1.00 80.55  ? 410 HIS A CB  1 
ATOM 351  C CG  . HIS A 1 48  ? 8.087   1.457   11.664  1.00 87.60  ? 410 HIS A CG  1 
ATOM 352  N ND1 . HIS A 1 48  ? 9.368   1.805   12.021  1.00 86.09  ? 410 HIS A ND1 1 
ATOM 353  C CD2 . HIS A 1 48  ? 7.348   2.590   11.742  1.00 85.02  ? 410 HIS A CD2 1 
ATOM 354  C CE1 . HIS A 1 48  ? 9.409   3.099   12.300  1.00 89.10  ? 410 HIS A CE1 1 
ATOM 355  N NE2 . HIS A 1 48  ? 8.198   3.595   12.137  1.00 79.85  ? 410 HIS A NE2 1 
ATOM 356  N N   . GLU A 1 49  ? 7.876   0.049   14.292  1.00 91.92  ? 411 GLU A N   1 
ATOM 357  C CA  . GLU A 1 49  ? 7.437   0.111   15.681  1.00 90.98  ? 411 GLU A CA  1 
ATOM 358  C C   . GLU A 1 49  ? 5.928   0.297   15.819  1.00 85.36  ? 411 GLU A C   1 
ATOM 359  O O   . GLU A 1 49  ? 5.268   0.830   14.926  1.00 74.71  ? 411 GLU A O   1 
ATOM 360  C CB  . GLU A 1 49  ? 8.167   1.244   16.408  1.00 88.16  ? 411 GLU A CB  1 
ATOM 361  C CG  . GLU A 1 49  ? 9.659   0.995   16.607  1.00 101.05 ? 411 GLU A CG  1 
ATOM 362  C CD  . GLU A 1 49  ? 10.530  1.732   15.603  1.00 100.57 ? 411 GLU A CD  1 
ATOM 363  O OE1 . GLU A 1 49  ? 10.335  2.953   15.418  1.00 94.32  ? 411 GLU A OE1 1 
ATOM 364  O OE2 . GLU A 1 49  ? 11.419  1.092   15.001  1.00 92.80  ? 411 GLU A OE2 1 
ATOM 365  N N   . GLU A 1 50  ? 5.398   -0.153  16.953  1.00 84.32  ? 412 GLU A N   1 
ATOM 366  C CA  . GLU A 1 50  ? 3.980   -0.016  17.267  1.00 74.99  ? 412 GLU A CA  1 
ATOM 367  C C   . GLU A 1 50  ? 3.546   1.444   17.311  1.00 79.01  ? 412 GLU A C   1 
ATOM 368  O O   . GLU A 1 50  ? 4.328   2.325   17.667  1.00 81.21  ? 412 GLU A O   1 
ATOM 369  C CB  . GLU A 1 50  ? 3.671   -0.683  18.611  1.00 70.97  ? 412 GLU A CB  1 
ATOM 370  C CG  . GLU A 1 50  ? 2.237   -0.492  19.093  1.00 68.94  ? 412 GLU A CG  1 
ATOM 371  C CD  . GLU A 1 50  ? 1.960   -1.193  20.410  1.00 83.04  ? 412 GLU A CD  1 
ATOM 372  O OE1 . GLU A 1 50  ? 2.680   -2.159  20.738  1.00 77.85  ? 412 GLU A OE1 1 
ATOM 373  O OE2 . GLU A 1 50  ? 1.022   -0.771  21.119  1.00 85.22  ? 412 GLU A OE2 1 
ATOM 374  N N   . GLY A 1 51  ? 2.291   1.690   16.950  1.00 65.82  ? 413 GLY A N   1 
ATOM 375  C CA  . GLY A 1 51  ? 1.714   3.017   17.041  1.00 70.69  ? 413 GLY A CA  1 
ATOM 376  C C   . GLY A 1 51  ? 1.925   3.834   15.783  1.00 80.50  ? 413 GLY A C   1 
ATOM 377  O O   . GLY A 1 51  ? 1.210   4.807   15.543  1.00 77.38  ? 413 GLY A O   1 
ATOM 378  N N   . SER A 1 52  ? 2.901   3.438   14.973  1.00 75.34  ? 414 SER A N   1 
ATOM 379  C CA  . SER A 1 52  ? 3.169   4.134   13.724  1.00 59.38  ? 414 SER A CA  1 
ATOM 380  C C   . SER A 1 52  ? 2.051   3.836   12.741  1.00 60.21  ? 414 SER A C   1 
ATOM 381  O O   . SER A 1 52  ? 1.120   3.097   13.055  1.00 61.16  ? 414 SER A O   1 
ATOM 382  C CB  . SER A 1 52  ? 4.516   3.714   13.138  1.00 62.34  ? 414 SER A CB  1 
ATOM 383  O OG  . SER A 1 52  ? 5.575   3.995   14.035  1.00 66.46  ? 414 SER A OG  1 
ATOM 384  N N   . TYR A 1 53  ? 2.152   4.412   11.550  1.00 53.81  ? 415 TYR A N   1 
ATOM 385  C CA  . TYR A 1 53  ? 1.171   4.184   10.500  1.00 55.73  ? 415 TYR A CA  1 
ATOM 386  C C   . TYR A 1 53  ? 1.862   3.751   9.222   1.00 54.44  ? 415 TYR A C   1 
ATOM 387  O O   . TYR A 1 53  ? 2.923   4.266   8.882   1.00 50.07  ? 415 TYR A O   1 
ATOM 388  C CB  . TYR A 1 53  ? 0.348   5.446   10.243  1.00 50.59  ? 415 TYR A CB  1 
ATOM 389  C CG  . TYR A 1 53  ? -0.813  5.634   11.190  1.00 56.62  ? 415 TYR A CG  1 
ATOM 390  C CD1 . TYR A 1 53  ? -0.604  5.875   12.540  1.00 57.62  ? 415 TYR A CD1 1 
ATOM 391  C CD2 . TYR A 1 53  ? -2.122  5.580   10.730  1.00 53.73  ? 415 TYR A CD2 1 
ATOM 392  C CE1 . TYR A 1 53  ? -1.666  6.050   13.408  1.00 53.83  ? 415 TYR A CE1 1 
ATOM 393  C CE2 . TYR A 1 53  ? -3.190  5.754   11.589  1.00 53.61  ? 415 TYR A CE2 1 
ATOM 394  C CZ  . TYR A 1 53  ? -2.957  5.990   12.927  1.00 55.11  ? 415 TYR A CZ  1 
ATOM 395  O OH  . TYR A 1 53  ? -4.016  6.164   13.787  1.00 54.66  ? 415 TYR A OH  1 
ATOM 396  N N   . LEU A 1 54  ? 1.263   2.790   8.529   1.00 59.37  ? 416 LEU A N   1 
ATOM 397  C CA  . LEU A 1 54  ? 1.683   2.448   7.180   1.00 50.07  ? 416 LEU A CA  1 
ATOM 398  C C   . LEU A 1 54  ? 0.760   3.149   6.204   1.00 48.20  ? 416 LEU A C   1 
ATOM 399  O O   . LEU A 1 54  ? -0.453  3.152   6.393   1.00 48.12  ? 416 LEU A O   1 
ATOM 400  C CB  . LEU A 1 54  ? 1.649   0.938   6.943   1.00 49.64  ? 416 LEU A CB  1 
ATOM 401  C CG  . LEU A 1 54  ? 2.082   0.504   5.538   1.00 45.11  ? 416 LEU A CG  1 
ATOM 402  C CD1 . LEU A 1 54  ? 3.591   0.592   5.392   1.00 50.35  ? 416 LEU A CD1 1 
ATOM 403  C CD2 . LEU A 1 54  ? 1.594   -0.895  5.210   1.00 42.46  ? 416 LEU A CD2 1 
ATOM 404  N N   . PHE A 1 55  ? 1.341   3.754   5.175   1.00 43.68  ? 417 PHE A N   1 
ATOM 405  C CA  . PHE A 1 55  ? 0.572   4.330   4.082   1.00 39.19  ? 417 PHE A CA  1 
ATOM 406  C C   . PHE A 1 55  ? 0.918   3.587   2.808   1.00 36.90  ? 417 PHE A C   1 
ATOM 407  O O   . PHE A 1 55  ? 2.083   3.291   2.558   1.00 40.42  ? 417 PHE A O   1 
ATOM 408  C CB  . PHE A 1 55  ? 0.860   5.823   3.929   1.00 48.17  ? 417 PHE A CB  1 
ATOM 409  C CG  . PHE A 1 55  ? 0.454   6.639   5.117   1.00 44.93  ? 417 PHE A CG  1 
ATOM 410  C CD1 . PHE A 1 55  ? 1.357   6.909   6.127   1.00 46.08  ? 417 PHE A CD1 1 
ATOM 411  C CD2 . PHE A 1 55  ? -0.834  7.132   5.226   1.00 43.94  ? 417 PHE A CD2 1 
ATOM 412  C CE1 . PHE A 1 55  ? 0.986   7.656   7.223   1.00 51.14  ? 417 PHE A CE1 1 
ATOM 413  C CE2 . PHE A 1 55  ? -1.212  7.880   6.321   1.00 50.38  ? 417 PHE A CE2 1 
ATOM 414  C CZ  . PHE A 1 55  ? -0.300  8.143   7.321   1.00 43.48  ? 417 PHE A CZ  1 
ATOM 415  N N   . TRP A 1 56  ? -0.104  3.273   2.019   1.00 32.09  ? 418 TRP A N   1 
ATOM 416  C CA  . TRP A 1 56  ? 0.088   2.618   0.735   1.00 27.92  ? 418 TRP A CA  1 
ATOM 417  C C   . TRP A 1 56  ? -0.683  3.353   -0.345  1.00 31.42  ? 418 TRP A C   1 
ATOM 418  O O   . TRP A 1 56  ? -1.724  3.952   -0.082  1.00 36.76  ? 418 TRP A O   1 
ATOM 419  C CB  . TRP A 1 56  ? -0.360  1.151   0.792   1.00 50.12  ? 418 TRP A CB  1 
ATOM 420  C CG  . TRP A 1 56  ? -1.831  0.973   1.033   1.00 33.28  ? 418 TRP A CG  1 
ATOM 421  C CD1 . TRP A 1 56  ? -2.834  1.093   0.117   1.00 29.07  ? 418 TRP A CD1 1 
ATOM 422  C CD2 . TRP A 1 56  ? -2.461  0.635   2.273   1.00 34.23  ? 418 TRP A CD2 1 
ATOM 423  N NE1 . TRP A 1 56  ? -4.049  0.858   0.711   1.00 28.04  ? 418 TRP A NE1 1 
ATOM 424  C CE2 . TRP A 1 56  ? -3.847  0.574   2.035   1.00 32.64  ? 418 TRP A CE2 1 
ATOM 425  C CE3 . TRP A 1 56  ? -1.988  0.381   3.564   1.00 42.96  ? 418 TRP A CE3 1 
ATOM 426  C CZ2 . TRP A 1 56  ? -4.763  0.269   3.037   1.00 38.00  ? 418 TRP A CZ2 1 
ATOM 427  C CZ3 . TRP A 1 56  ? -2.900  0.078   4.558   1.00 34.59  ? 418 TRP A CZ3 1 
ATOM 428  C CH2 . TRP A 1 56  ? -4.270  0.024   4.289   1.00 36.00  ? 418 TRP A CH2 1 
ATOM 429  N N   . GLU A 1 57  ? -0.150  3.311   -1.559  1.00 37.93  ? 419 GLU A N   1 
ATOM 430  C CA  . GLU A 1 57  ? -0.836  3.826   -2.733  1.00 35.82  ? 419 GLU A CA  1 
ATOM 431  C C   . GLU A 1 57  ? -0.605  2.843   -3.864  1.00 33.92  ? 419 GLU A C   1 
ATOM 432  O O   . GLU A 1 57  ? 0.471   2.255   -3.956  1.00 39.94  ? 419 GLU A O   1 
ATOM 433  C CB  . GLU A 1 57  ? -0.319  5.211   -3.123  1.00 37.67  ? 419 GLU A CB  1 
ATOM 434  C CG  . GLU A 1 57  ? -0.212  6.196   -1.977  1.00 48.33  ? 419 GLU A CG  1 
ATOM 435  C CD  . GLU A 1 57  ? 0.708   7.353   -2.299  1.00 42.75  ? 419 GLU A CD  1 
ATOM 436  O OE1 . GLU A 1 57  ? 1.702   7.538   -1.570  1.00 53.86  ? 419 GLU A OE1 1 
ATOM 437  O OE2 . GLU A 1 57  ? 0.439   8.075   -3.281  1.00 39.91  ? 419 GLU A OE2 1 
ATOM 438  N N   . PHE A 1 58  ? -1.600  2.648   -4.722  1.00 27.97  ? 420 PHE A N   1 
ATOM 439  C CA  . PHE A 1 58  ? -1.388  1.812   -5.893  1.00 27.15  ? 420 PHE A CA  1 
ATOM 440  C C   . PHE A 1 58  ? -2.337  2.133   -7.037  1.00 30.02  ? 420 PHE A C   1 
ATOM 441  O O   . PHE A 1 58  ? -3.395  2.728   -6.842  1.00 34.31  ? 420 PHE A O   1 
ATOM 442  C CB  . PHE A 1 58  ? -1.504  0.330   -5.520  1.00 35.28  ? 420 PHE A CB  1 
ATOM 443  C CG  . PHE A 1 58  ? -2.863  -0.072  -5.020  1.00 36.80  ? 420 PHE A CG  1 
ATOM 444  C CD1 . PHE A 1 58  ? -3.233  0.169   -3.709  1.00 28.04  ? 420 PHE A CD1 1 
ATOM 445  C CD2 . PHE A 1 58  ? -3.762  -0.710  -5.855  1.00 34.88  ? 420 PHE A CD2 1 
ATOM 446  C CE1 . PHE A 1 58  ? -4.476  -0.206  -3.246  1.00 35.07  ? 420 PHE A CE1 1 
ATOM 447  C CE2 . PHE A 1 58  ? -5.009  -1.089  -5.397  1.00 31.65  ? 420 PHE A CE2 1 
ATOM 448  C CZ  . PHE A 1 58  ? -5.364  -0.837  -4.092  1.00 28.78  ? 420 PHE A CZ  1 
ATOM 449  N N   . ALA A 1 59  ? -1.931  1.735   -8.235  1.00 34.46  ? 421 ALA A N   1 
ATOM 450  C CA  . ALA A 1 59  ? -2.724  1.935   -9.437  1.00 39.54  ? 421 ALA A CA  1 
ATOM 451  C C   . ALA A 1 59  ? -2.325  0.903   -10.484 1.00 35.18  ? 421 ALA A C   1 
ATOM 452  O O   . ALA A 1 59  ? -1.257  0.303   -10.391 1.00 39.30  ? 421 ALA A O   1 
ATOM 453  C CB  . ALA A 1 59  ? -2.538  3.348   -9.972  1.00 41.67  ? 421 ALA A CB  1 
ATOM 454  N N   . THR A 1 60  ? -3.192  0.696   -11.471 1.00 41.71  ? 422 THR A N   1 
ATOM 455  C CA  . THR A 1 60  ? -2.901  -0.204  -12.586 1.00 39.50  ? 422 THR A CA  1 
ATOM 456  C C   . THR A 1 60  ? -3.241  0.483   -13.899 1.00 40.38  ? 422 THR A C   1 
ATOM 457  O O   . THR A 1 60  ? -3.856  1.545   -13.903 1.00 50.93  ? 422 THR A O   1 
ATOM 458  C CB  . THR A 1 60  ? -3.680  -1.519  -12.486 1.00 40.54  ? 422 THR A CB  1 
ATOM 459  O OG1 . THR A 1 60  ? -5.078  -1.238  -12.356 1.00 47.53  ? 422 THR A OG1 1 
ATOM 460  C CG2 . THR A 1 60  ? -3.202  -2.332  -11.290 1.00 41.97  ? 422 THR A CG2 1 
ATOM 461  N N   . ASP A 1 61  ? -2.830  -0.110  -15.013 1.00 43.74  ? 423 ASP A N   1 
ATOM 462  C CA  . ASP A 1 61  ? -3.029  0.532   -16.303 1.00 52.20  ? 423 ASP A CA  1 
ATOM 463  C C   . ASP A 1 61  ? -4.422  0.307   -16.882 1.00 53.03  ? 423 ASP A C   1 
ATOM 464  O O   . ASP A 1 61  ? -5.257  1.210   -16.859 1.00 63.46  ? 423 ASP A O   1 
ATOM 465  C CB  . ASP A 1 61  ? -1.980  0.038   -17.304 1.00 47.42  ? 423 ASP A CB  1 
ATOM 466  C CG  . ASP A 1 61  ? -0.717  0.881   -17.296 1.00 50.45  ? 423 ASP A CG  1 
ATOM 467  O OD1 . ASP A 1 61  ? -0.816  2.116   -17.140 1.00 55.72  ? 423 ASP A OD1 1 
ATOM 468  O OD2 . ASP A 1 61  ? 0.379   0.306   -17.456 1.00 47.79  ? 423 ASP A OD2 1 
ATOM 469  N N   . ASN A 1 62  ? -4.663  -0.888  -17.411 1.00 48.19  ? 424 ASN A N   1 
ATOM 470  C CA  . ASN A 1 62  ? -5.898  -1.157  -18.145 1.00 52.71  ? 424 ASN A CA  1 
ATOM 471  C C   . ASN A 1 62  ? -6.996  -1.916  -17.403 1.00 55.42  ? 424 ASN A C   1 
ATOM 472  O O   . ASN A 1 62  ? -8.102  -2.051  -17.923 1.00 55.64  ? 424 ASN A O   1 
ATOM 473  C CB  . ASN A 1 62  ? -5.554  -1.928  -19.417 1.00 47.07  ? 424 ASN A CB  1 
ATOM 474  C CG  . ASN A 1 62  ? -4.637  -1.151  -20.332 1.00 49.93  ? 424 ASN A CG  1 
ATOM 475  O OD1 . ASN A 1 62  ? -4.849  0.037   -20.581 1.00 59.40  ? 424 ASN A OD1 1 
ATOM 476  N ND2 . ASN A 1 62  ? -3.601  -1.812  -20.830 1.00 64.58  ? 424 ASN A ND2 1 
ATOM 477  N N   . TYR A 1 63  ? -6.716  -2.389  -16.192 1.00 54.96  ? 425 TYR A N   1 
ATOM 478  C CA  . TYR A 1 63  ? -7.633  -3.315  -15.527 1.00 49.12  ? 425 TYR A CA  1 
ATOM 479  C C   . TYR A 1 63  ? -7.625  -3.205  -14.011 1.00 48.37  ? 425 TYR A C   1 
ATOM 480  O O   . TYR A 1 63  ? -6.716  -2.629  -13.416 1.00 44.12  ? 425 TYR A O   1 
ATOM 481  C CB  . TYR A 1 63  ? -7.301  -4.762  -15.904 1.00 46.24  ? 425 TYR A CB  1 
ATOM 482  C CG  . TYR A 1 63  ? -7.330  -5.060  -17.382 1.00 49.10  ? 425 TYR A CG  1 
ATOM 483  C CD1 . TYR A 1 63  ? -8.515  -5.004  -18.100 1.00 50.69  ? 425 TYR A CD1 1 
ATOM 484  C CD2 . TYR A 1 63  ? -6.173  -5.418  -18.057 1.00 58.11  ? 425 TYR A CD2 1 
ATOM 485  C CE1 . TYR A 1 63  ? -8.542  -5.278  -19.451 1.00 50.81  ? 425 TYR A CE1 1 
ATOM 486  C CE2 . TYR A 1 63  ? -6.191  -5.698  -19.407 1.00 49.41  ? 425 TYR A CE2 1 
ATOM 487  C CZ  . TYR A 1 63  ? -7.379  -5.626  -20.099 1.00 47.89  ? 425 TYR A CZ  1 
ATOM 488  O OH  . TYR A 1 63  ? -7.401  -5.906  -21.444 1.00 61.47  ? 425 TYR A OH  1 
ATOM 489  N N   . ASP A 1 64  ? -8.664  -3.771  -13.405 1.00 41.47  ? 426 ASP A N   1 
ATOM 490  C CA  . ASP A 1 64  ? -8.748  -3.928  -11.962 1.00 38.57  ? 426 ASP A CA  1 
ATOM 491  C C   . ASP A 1 64  ? -7.772  -5.000  -11.494 1.00 45.16  ? 426 ASP A C   1 
ATOM 492  O O   . ASP A 1 64  ? -7.299  -5.806  -12.295 1.00 42.72  ? 426 ASP A O   1 
ATOM 493  C CB  . ASP A 1 64  ? -10.177 -4.296  -11.540 1.00 35.41  ? 426 ASP A CB  1 
ATOM 494  C CG  . ASP A 1 64  ? -10.569 -5.709  -11.945 1.00 39.10  ? 426 ASP A CG  1 
ATOM 495  O OD1 . ASP A 1 64  ? -10.053 -6.216  -12.963 1.00 55.81  ? 426 ASP A OD1 1 
ATOM 496  O OD2 . ASP A 1 64  ? -11.401 -6.314  -11.240 1.00 49.87  ? 426 ASP A OD2 1 
ATOM 497  N N   . ILE A 1 65  ? -7.454  -4.992  -10.204 1.00 44.05  ? 427 ILE A N   1 
ATOM 498  C CA  . ILE A 1 65  ? -6.728  -6.098  -9.597  1.00 39.65  ? 427 ILE A CA  1 
ATOM 499  C C   . ILE A 1 65  ? -7.182  -6.281  -8.154  1.00 35.34  ? 427 ILE A C   1 
ATOM 500  O O   . ILE A 1 65  ? -7.662  -5.342  -7.523  1.00 39.34  ? 427 ILE A O   1 
ATOM 501  C CB  . ILE A 1 65  ? -5.205  -5.883  -9.641  1.00 40.68  ? 427 ILE A CB  1 
ATOM 502  C CG1 . ILE A 1 65  ? -4.482  -7.208  -9.390  1.00 30.06  ? 427 ILE A CG1 1 
ATOM 503  C CG2 . ILE A 1 65  ? -4.786  -4.835  -8.627  1.00 40.94  ? 427 ILE A CG2 1 
ATOM 504  C CD1 . ILE A 1 65  ? -3.002  -7.162  -9.656  1.00 29.17  ? 427 ILE A CD1 1 
ATOM 505  N N   . GLY A 1 66  ? -7.047  -7.500  -7.645  1.00 39.66  ? 428 GLY A N   1 
ATOM 506  C CA  . GLY A 1 66  ? -7.400  -7.794  -6.270  1.00 38.59  ? 428 GLY A CA  1 
ATOM 507  C C   . GLY A 1 66  ? -6.385  -7.205  -5.313  1.00 36.50  ? 428 GLY A C   1 
ATOM 508  O O   . GLY A 1 66  ? -5.183  -7.312  -5.545  1.00 38.75  ? 428 GLY A O   1 
ATOM 509  N N   . PHE A 1 67  ? -6.867  -6.581  -4.241  1.00 39.64  ? 429 PHE A N   1 
ATOM 510  C CA  . PHE A 1 67  ? -5.978  -5.995  -3.244  1.00 29.56  ? 429 PHE A CA  1 
ATOM 511  C C   . PHE A 1 67  ? -6.479  -6.186  -1.821  1.00 33.54  ? 429 PHE A C   1 
ATOM 512  O O   . PHE A 1 67  ? -7.647  -5.943  -1.518  1.00 35.39  ? 429 PHE A O   1 
ATOM 513  C CB  . PHE A 1 67  ? -5.778  -4.503  -3.505  1.00 34.16  ? 429 PHE A CB  1 
ATOM 514  C CG  . PHE A 1 67  ? -4.995  -3.806  -2.427  1.00 30.25  ? 429 PHE A CG  1 
ATOM 515  C CD1 . PHE A 1 67  ? -3.613  -3.860  -2.410  1.00 29.80  ? 429 PHE A CD1 1 
ATOM 516  C CD2 . PHE A 1 67  ? -5.643  -3.107  -1.423  1.00 31.28  ? 429 PHE A CD2 1 
ATOM 517  C CE1 . PHE A 1 67  ? -2.891  -3.224  -1.418  1.00 32.75  ? 429 PHE A CE1 1 
ATOM 518  C CE2 . PHE A 1 67  ? -4.926  -2.469  -0.429  1.00 35.16  ? 429 PHE A CE2 1 
ATOM 519  C CZ  . PHE A 1 67  ? -3.549  -2.528  -0.426  1.00 31.32  ? 429 PHE A CZ  1 
ATOM 520  N N   . GLY A 1 68  ? -5.569  -6.612  -0.950  1.00 28.14  ? 430 GLY A N   1 
ATOM 521  C CA  . GLY A 1 68  ? -5.853  -6.749  0.465   1.00 32.43  ? 430 GLY A CA  1 
ATOM 522  C C   . GLY A 1 68  ? -4.595  -6.528  1.279   1.00 29.29  ? 430 GLY A C   1 
ATOM 523  O O   . GLY A 1 68  ? -3.499  -6.450  0.728   1.00 31.90  ? 430 GLY A O   1 
ATOM 524  N N   . VAL A 1 69  ? -4.751  -6.428  2.595   1.00 34.04  ? 431 VAL A N   1 
ATOM 525  C CA  . VAL A 1 69  ? -3.619  -6.214  3.485   1.00 32.69  ? 431 VAL A CA  1 
ATOM 526  C C   . VAL A 1 69  ? -3.698  -7.140  4.691   1.00 35.20  ? 431 VAL A C   1 
ATOM 527  O O   . VAL A 1 69  ? -4.753  -7.287  5.308   1.00 38.45  ? 431 VAL A O   1 
ATOM 528  C CB  . VAL A 1 69  ? -3.544  -4.751  3.972   1.00 34.39  ? 431 VAL A CB  1 
ATOM 529  C CG1 . VAL A 1 69  ? -2.257  -4.515  4.744   1.00 35.35  ? 431 VAL A CG1 1 
ATOM 530  C CG2 . VAL A 1 69  ? -3.637  -3.789  2.798   1.00 30.35  ? 431 VAL A CG2 1 
ATOM 531  N N   . TYR A 1 70  ? -2.571  -7.770  5.007   1.00 44.41  ? 432 TYR A N   1 
ATOM 532  C CA  . TYR A 1 70  ? -2.449  -8.606  6.194   1.00 38.85  ? 432 TYR A CA  1 
ATOM 533  C C   . TYR A 1 70  ? -1.274  -8.119  7.037   1.00 38.07  ? 432 TYR A C   1 
ATOM 534  O O   . TYR A 1 70  ? -0.385  -7.439  6.528   1.00 39.93  ? 432 TYR A O   1 
ATOM 535  C CB  . TYR A 1 70  ? -2.252  -10.075 5.811   1.00 47.34  ? 432 TYR A CB  1 
ATOM 536  C CG  . TYR A 1 70  ? -3.443  -10.712 5.127   1.00 45.60  ? 432 TYR A CG  1 
ATOM 537  C CD1 . TYR A 1 70  ? -4.365  -11.455 5.849   1.00 43.93  ? 432 TYR A CD1 1 
ATOM 538  C CD2 . TYR A 1 70  ? -3.639  -10.577 3.759   1.00 50.95  ? 432 TYR A CD2 1 
ATOM 539  C CE1 . TYR A 1 70  ? -5.452  -12.042 5.230   1.00 45.71  ? 432 TYR A CE1 1 
ATOM 540  C CE2 . TYR A 1 70  ? -4.723  -11.161 3.131   1.00 44.89  ? 432 TYR A CE2 1 
ATOM 541  C CZ  . TYR A 1 70  ? -5.625  -11.893 3.872   1.00 47.10  ? 432 TYR A CZ  1 
ATOM 542  O OH  . TYR A 1 70  ? -6.708  -12.477 3.256   1.00 56.73  ? 432 TYR A OH  1 
ATOM 543  N N   . PHE A 1 71  ? -1.280  -8.458  8.322   1.00 44.41  ? 433 PHE A N   1 
ATOM 544  C CA  . PHE A 1 71  ? -0.180  -8.112  9.217   1.00 49.90  ? 433 PHE A CA  1 
ATOM 545  C C   . PHE A 1 71  ? 0.419   -9.370  9.833   1.00 44.05  ? 433 PHE A C   1 
ATOM 546  O O   . PHE A 1 71  ? -0.284  -10.152 10.468  1.00 49.09  ? 433 PHE A O   1 
ATOM 547  C CB  . PHE A 1 71  ? -0.655  -7.161  10.316  1.00 48.96  ? 433 PHE A CB  1 
ATOM 548  C CG  . PHE A 1 71  ? 0.438   -6.723  11.250  1.00 53.62  ? 433 PHE A CG  1 
ATOM 549  C CD1 . PHE A 1 71  ? 1.295   -5.693  10.897  1.00 56.36  ? 433 PHE A CD1 1 
ATOM 550  C CD2 . PHE A 1 71  ? 0.608   -7.340  12.478  1.00 48.28  ? 433 PHE A CD2 1 
ATOM 551  C CE1 . PHE A 1 71  ? 2.303   -5.288  11.752  1.00 49.70  ? 433 PHE A CE1 1 
ATOM 552  C CE2 . PHE A 1 71  ? 1.614   -6.938  13.337  1.00 56.46  ? 433 PHE A CE2 1 
ATOM 553  C CZ  . PHE A 1 71  ? 2.461   -5.911  12.972  1.00 55.56  ? 433 PHE A CZ  1 
ATOM 554  N N   . GLU A 1 72  ? 1.722   -9.556  9.636   1.00 46.94  ? 434 GLU A N   1 
ATOM 555  C CA  . GLU A 1 72  ? 2.430   -10.719 10.160  1.00 45.60  ? 434 GLU A CA  1 
ATOM 556  C C   . GLU A 1 72  ? 3.243   -10.349 11.397  1.00 53.98  ? 434 GLU A C   1 
ATOM 557  O O   . GLU A 1 72  ? 4.163   -9.537  11.327  1.00 56.15  ? 434 GLU A O   1 
ATOM 558  C CB  . GLU A 1 72  ? 3.344   -11.311 9.086   1.00 46.16  ? 434 GLU A CB  1 
ATOM 559  C CG  . GLU A 1 72  ? 4.150   -12.510 9.550   1.00 48.92  ? 434 GLU A CG  1 
ATOM 560  C CD  . GLU A 1 72  ? 4.934   -13.154 8.427   1.00 49.10  ? 434 GLU A CD  1 
ATOM 561  O OE1 . GLU A 1 72  ? 4.317   -13.553 7.417   1.00 55.72  ? 434 GLU A OE1 1 
ATOM 562  O OE2 . GLU A 1 72  ? 6.171   -13.261 8.551   1.00 46.74  ? 434 GLU A OE2 1 
ATOM 563  N N   . TRP A 1 73  ? 2.897   -10.955 12.529  1.00 63.37  ? 435 TRP A N   1 
ATOM 564  C CA  . TRP A 1 73  ? 3.566   -10.666 13.794  1.00 68.05  ? 435 TRP A CA  1 
ATOM 565  C C   . TRP A 1 73  ? 4.932   -11.340 13.870  1.00 62.26  ? 435 TRP A C   1 
ATOM 566  O O   . TRP A 1 73  ? 5.117   -12.445 13.361  1.00 61.80  ? 435 TRP A O   1 
ATOM 567  C CB  . TRP A 1 73  ? 2.699   -11.119 14.970  1.00 62.91  ? 435 TRP A CB  1 
ATOM 568  C CG  . TRP A 1 73  ? 1.393   -10.394 15.075  1.00 52.75  ? 435 TRP A CG  1 
ATOM 569  C CD1 . TRP A 1 73  ? 0.264   -10.630 14.348  1.00 52.55  ? 435 TRP A CD1 1 
ATOM 570  C CD2 . TRP A 1 73  ? 1.077   -9.316  15.964  1.00 46.83  ? 435 TRP A CD2 1 
ATOM 571  N NE1 . TRP A 1 73  ? -0.733  -9.767  14.726  1.00 48.66  ? 435 TRP A NE1 1 
ATOM 572  C CE2 . TRP A 1 73  ? -0.259  -8.949  15.717  1.00 45.36  ? 435 TRP A CE2 1 
ATOM 573  C CE3 . TRP A 1 73  ? 1.796   -8.625  16.945  1.00 52.26  ? 435 TRP A CE3 1 
ATOM 574  C CZ2 . TRP A 1 73  ? -0.892  -7.922  16.415  1.00 50.38  ? 435 TRP A CZ2 1 
ATOM 575  C CZ3 . TRP A 1 73  ? 1.165   -7.608  17.635  1.00 44.97  ? 435 TRP A CZ3 1 
ATOM 576  C CH2 . TRP A 1 73  ? -0.165  -7.265  17.367  1.00 48.05  ? 435 TRP A CH2 1 
ATOM 577  N N   . THR A 1 74  ? 5.882   -10.671 14.514  1.00 71.86  ? 436 THR A N   1 
ATOM 578  C CA  . THR A 1 74  ? 7.227   -11.211 14.679  1.00 79.22  ? 436 THR A CA  1 
ATOM 579  C C   . THR A 1 74  ? 7.251   -12.329 15.715  1.00 80.49  ? 436 THR A C   1 
ATOM 580  O O   . THR A 1 74  ? 7.791   -12.161 16.809  1.00 69.95  ? 436 THR A O   1 
ATOM 581  C CB  . THR A 1 74  ? 8.223   -10.119 15.103  1.00 82.24  ? 436 THR A CB  1 
ATOM 582  O OG1 . THR A 1 74  ? 7.716   -9.429  16.252  1.00 90.66  ? 436 THR A OG1 1 
ATOM 583  C CG2 . THR A 1 74  ? 8.447   -9.127  13.972  1.00 75.55  ? 436 THR A CG2 1 
ATOM 584  N N   . PRO A 1 112 ? 3.522   -18.572 12.660  1.00 73.13  ? 474 PRO A N   1 
ATOM 585  C CA  . PRO A 1 112 ? 3.349   -17.410 11.782  1.00 59.14  ? 474 PRO A CA  1 
ATOM 586  C C   . PRO A 1 112 ? 1.932   -16.843 11.848  1.00 60.19  ? 474 PRO A C   1 
ATOM 587  O O   . PRO A 1 112 ? 1.089   -17.183 11.017  1.00 56.53  ? 474 PRO A O   1 
ATOM 588  C CB  . PRO A 1 112 ? 3.655   -17.981 10.397  1.00 59.87  ? 474 PRO A CB  1 
ATOM 589  C CG  . PRO A 1 112 ? 3.238   -19.408 10.493  1.00 62.71  ? 474 PRO A CG  1 
ATOM 590  C CD  . PRO A 1 112 ? 3.561   -19.835 11.900  1.00 58.81  ? 474 PRO A CD  1 
ATOM 591  N N   . LEU A 1 113 ? 1.676   -15.987 12.832  1.00 54.64  ? 475 LEU A N   1 
ATOM 592  C CA  . LEU A 1 113 ? 0.350   -15.413 13.025  1.00 54.31  ? 475 LEU A CA  1 
ATOM 593  C C   . LEU A 1 113 ? 0.073   -14.289 12.040  1.00 50.10  ? 475 LEU A C   1 
ATOM 594  O O   . LEU A 1 113 ? 0.847   -13.339 11.939  1.00 51.41  ? 475 LEU A O   1 
ATOM 595  C CB  . LEU A 1 113 ? 0.193   -14.882 14.452  1.00 61.22  ? 475 LEU A CB  1 
ATOM 596  C CG  . LEU A 1 113 ? 0.010   -15.895 15.582  1.00 73.70  ? 475 LEU A CG  1 
ATOM 597  C CD1 . LEU A 1 113 ? -0.138  -15.161 16.905  1.00 60.89  ? 475 LEU A CD1 1 
ATOM 598  C CD2 . LEU A 1 113 ? -1.190  -16.798 15.336  1.00 71.04  ? 475 LEU A CD2 1 
ATOM 599  N N   . LEU A 1 114 ? -1.043  -14.403 11.324  1.00 52.31  ? 476 LEU A N   1 
ATOM 600  C CA  . LEU A 1 114 ? -1.486  -13.365 10.403  1.00 41.14  ? 476 LEU A CA  1 
ATOM 601  C C   . LEU A 1 114 ? -2.815  -12.778 10.855  1.00 42.35  ? 476 LEU A C   1 
ATOM 602  O O   . LEU A 1 114 ? -3.648  -13.474 11.433  1.00 44.54  ? 476 LEU A O   1 
ATOM 603  C CB  . LEU A 1 114 ? -1.626  -13.918 8.984   1.00 45.19  ? 476 LEU A CB  1 
ATOM 604  C CG  . LEU A 1 114 ? -0.395  -14.529 8.313   1.00 43.58  ? 476 LEU A CG  1 
ATOM 605  C CD1 . LEU A 1 114 ? -0.653  -14.685 6.823   1.00 47.62  ? 476 LEU A CD1 1 
ATOM 606  C CD2 . LEU A 1 114 ? 0.854   -13.701 8.554   1.00 56.31  ? 476 LEU A CD2 1 
ATOM 607  N N   . ASP A 1 115 ? -2.998  -11.490 10.590  1.00 46.38  ? 477 ASP A N   1 
ATOM 608  C CA  . ASP A 1 115 ? -4.268  -10.817 10.828  1.00 38.12  ? 477 ASP A CA  1 
ATOM 609  C C   . ASP A 1 115 ? -4.767  -10.212 9.529   1.00 38.28  ? 477 ASP A C   1 
ATOM 610  O O   . ASP A 1 115 ? -3.974  -9.786  8.695   1.00 47.19  ? 477 ASP A O   1 
ATOM 611  C CB  . ASP A 1 115 ? -4.124  -9.733  11.899  1.00 38.62  ? 477 ASP A CB  1 
ATOM 612  C CG  . ASP A 1 115 ? -4.407  -10.249 13.297  1.00 46.71  ? 477 ASP A CG  1 
ATOM 613  O OD1 . ASP A 1 115 ? -5.395  -10.993 13.472  1.00 48.26  ? 477 ASP A OD1 1 
ATOM 614  O OD2 . ASP A 1 115 ? -3.642  -9.910  14.223  1.00 47.02  ? 477 ASP A OD2 1 
ATOM 615  N N   . GLU A 1 116 ? -6.084  -10.178 9.362   1.00 38.02  ? 478 GLU A N   1 
ATOM 616  C CA  . GLU A 1 116 ? -6.684  -9.620  8.162   1.00 33.57  ? 478 GLU A CA  1 
ATOM 617  C C   . GLU A 1 116 ? -7.007  -8.153  8.401   1.00 51.18  ? 478 GLU A C   1 
ATOM 618  O O   . GLU A 1 116 ? -7.913  -7.823  9.169   1.00 49.26  ? 478 GLU A O   1 
ATOM 619  C CB  . GLU A 1 116 ? -7.948  -10.396 7.786   1.00 34.39  ? 478 GLU A CB  1 
ATOM 620  C CG  . GLU A 1 116 ? -8.476  -10.105 6.395   1.00 32.28  ? 478 GLU A CG  1 
ATOM 621  C CD  . GLU A 1 116 ? -9.822  -10.757 6.133   1.00 40.65  ? 478 GLU A CD  1 
ATOM 622  O OE1 . GLU A 1 116 ? -10.631 -10.861 7.077   1.00 43.13  ? 478 GLU A OE1 1 
ATOM 623  O OE2 . GLU A 1 116 ? -10.072 -11.169 4.982   1.00 46.56  ? 478 GLU A OE2 1 
ATOM 624  N N   . ILE A 1 117 ? -6.264  -7.275  7.734   1.00 39.49  ? 479 ILE A N   1 
ATOM 625  C CA  . ILE A 1 117 ? -6.445  -5.839  7.886   1.00 29.94  ? 479 ILE A CA  1 
ATOM 626  C C   . ILE A 1 117 ? -7.455  -5.354  6.859   1.00 35.00  ? 479 ILE A C   1 
ATOM 627  O O   . ILE A 1 117 ? -8.518  -4.842  7.205   1.00 45.40  ? 479 ILE A O   1 
ATOM 628  C CB  . ILE A 1 117 ? -5.122  -5.074  7.710   1.00 33.03  ? 479 ILE A CB  1 
ATOM 629  C CG1 . ILE A 1 117 ? -4.006  -5.736  8.522   1.00 33.44  ? 479 ILE A CG1 1 
ATOM 630  C CG2 . ILE A 1 117 ? -5.294  -3.619  8.115   1.00 39.06  ? 479 ILE A CG2 1 
ATOM 631  C CD1 . ILE A 1 117 ? -4.311  -5.874  9.993   1.00 36.62  ? 479 ILE A CD1 1 
ATOM 632  N N   . VAL A 1 118 ? -7.091  -5.509  5.592   1.00 36.36  ? 480 VAL A N   1 
ATOM 633  C CA  . VAL A 1 118 ? -7.980  -5.219  4.480   1.00 33.15  ? 480 VAL A CA  1 
ATOM 634  C C   . VAL A 1 118 ? -8.247  -6.519  3.729   1.00 37.14  ? 480 VAL A C   1 
ATOM 635  O O   . VAL A 1 118 ? -7.327  -7.085  3.142   1.00 42.11  ? 480 VAL A O   1 
ATOM 636  C CB  . VAL A 1 118 ? -7.368  -4.174  3.532   1.00 29.97  ? 480 VAL A CB  1 
ATOM 637  C CG1 . VAL A 1 118 ? -8.287  -3.908  2.357   1.00 33.25  ? 480 VAL A CG1 1 
ATOM 638  C CG2 . VAL A 1 118 ? -7.080  -2.889  4.288   1.00 36.07  ? 480 VAL A CG2 1 
ATOM 639  N N   . PRO A 1 119 ? -9.497  -7.016  3.762   1.00 38.75  ? 481 PRO A N   1 
ATOM 640  C CA  . PRO A 1 119 ? -9.761  -8.260  3.031   1.00 40.92  ? 481 PRO A CA  1 
ATOM 641  C C   . PRO A 1 119 ? -9.508  -8.086  1.543   1.00 41.38  ? 481 PRO A C   1 
ATOM 642  O O   . PRO A 1 119 ? -9.778  -7.014  1.003   1.00 43.10  ? 481 PRO A O   1 
ATOM 643  C CB  . PRO A 1 119 ? -11.242 -8.537  3.317   1.00 32.88  ? 481 PRO A CB  1 
ATOM 644  C CG  . PRO A 1 119 ? -11.812 -7.237  3.724   1.00 36.09  ? 481 PRO A CG  1 
ATOM 645  C CD  . PRO A 1 119 ? -10.712 -6.498  4.413   1.00 44.09  ? 481 PRO A CD  1 
ATOM 646  N N   . VAL A 1 120 ? -8.979  -9.117  0.894   1.00 35.47  ? 482 VAL A N   1 
ATOM 647  C CA  . VAL A 1 120 ? -8.664  -9.020  -0.521  1.00 35.55  ? 482 VAL A CA  1 
ATOM 648  C C   . VAL A 1 120 ? -9.946  -8.891  -1.329  1.00 37.23  ? 482 VAL A C   1 
ATOM 649  O O   . VAL A 1 120 ? -10.867 -9.693  -1.189  1.00 41.27  ? 482 VAL A O   1 
ATOM 650  C CB  . VAL A 1 120 ? -7.864  -10.235 -1.018  1.00 34.69  ? 482 VAL A CB  1 
ATOM 651  C CG1 . VAL A 1 120 ? -7.536  -10.077 -2.490  1.00 42.30  ? 482 VAL A CG1 1 
ATOM 652  C CG2 . VAL A 1 120 ? -6.590  -10.396 -0.211  1.00 46.33  ? 482 VAL A CG2 1 
ATOM 653  N N   . TYR A 1 121 ? -9.993  -7.863  -2.166  1.00 46.14  ? 483 TYR A N   1 
ATOM 654  C CA  . TYR A 1 121 ? -11.138 -7.617  -3.026  1.00 39.06  ? 483 TYR A CA  1 
ATOM 655  C C   . TYR A 1 121 ? -10.669 -6.855  -4.255  1.00 38.63  ? 483 TYR A C   1 
ATOM 656  O O   . TYR A 1 121 ? -9.636  -6.190  -4.220  1.00 38.77  ? 483 TYR A O   1 
ATOM 657  C CB  . TYR A 1 121 ? -12.219 -6.832  -2.282  1.00 44.30  ? 483 TYR A CB  1 
ATOM 658  C CG  . TYR A 1 121 ? -13.582 -6.906  -2.934  1.00 65.54  ? 483 TYR A CG  1 
ATOM 659  C CD1 . TYR A 1 121 ? -14.393 -8.020  -2.762  1.00 66.12  ? 483 TYR A CD1 1 
ATOM 660  C CD2 . TYR A 1 121 ? -14.060 -5.862  -3.714  1.00 65.82  ? 483 TYR A CD2 1 
ATOM 661  C CE1 . TYR A 1 121 ? -15.639 -8.095  -3.354  1.00 78.82  ? 483 TYR A CE1 1 
ATOM 662  C CE2 . TYR A 1 121 ? -15.307 -5.928  -4.311  1.00 60.61  ? 483 TYR A CE2 1 
ATOM 663  C CZ  . TYR A 1 121 ? -16.092 -7.046  -4.127  1.00 81.99  ? 483 TYR A CZ  1 
ATOM 664  O OH  . TYR A 1 121 ? -17.334 -7.120  -4.715  1.00 84.47  ? 483 TYR A OH  1 
ATOM 665  N N   . ARG A 1 122 ? -11.429 -6.954  -5.339  1.00 39.58  ? 484 ARG A N   1 
ATOM 666  C CA  . ARG A 1 122 ? -11.064 -6.283  -6.577  1.00 40.87  ? 484 ARG A CA  1 
ATOM 667  C C   . ARG A 1 122 ? -11.428 -4.805  -6.512  1.00 49.91  ? 484 ARG A C   1 
ATOM 668  O O   . ARG A 1 122 ? -12.484 -4.429  -6.004  1.00 51.16  ? 484 ARG A O   1 
ATOM 669  C CB  . ARG A 1 122 ? -11.739 -6.963  -7.767  1.00 37.62  ? 484 ARG A CB  1 
ATOM 670  C CG  . ARG A 1 122 ? -11.163 -8.344  -8.059  1.00 42.23  ? 484 ARG A CG  1 
ATOM 671  C CD  . ARG A 1 122 ? -12.082 -9.191  -8.920  1.00 39.30  ? 484 ARG A CD  1 
ATOM 672  N NE  . ARG A 1 122 ? -12.330 -8.595  -10.228 1.00 44.18  ? 484 ARG A NE  1 
ATOM 673  C CZ  . ARG A 1 122 ? -12.901 -9.232  -11.245 1.00 44.84  ? 484 ARG A CZ  1 
ATOM 674  N NH1 . ARG A 1 122 ? -13.282 -10.496 -11.117 1.00 51.02  ? 484 ARG A NH1 1 
ATOM 675  N NH2 . ARG A 1 122 ? -13.086 -8.606  -12.398 1.00 54.33  ? 484 ARG A NH2 1 
ATOM 676  N N   . ARG A 1 123 ? -10.526 -3.976  -7.023  1.00 43.03  ? 485 ARG A N   1 
ATOM 677  C CA  . ARG A 1 123 ? -10.670 -2.528  -6.979  1.00 43.00  ? 485 ARG A CA  1 
ATOM 678  C C   . ARG A 1 123 ? -10.441 -1.999  -8.374  1.00 44.57  ? 485 ARG A C   1 
ATOM 679  O O   . ARG A 1 123 ? -9.580  -2.520  -9.078  1.00 47.16  ? 485 ARG A O   1 
ATOM 680  C CB  . ARG A 1 123 ? -9.656  -1.895  -6.022  1.00 46.01  ? 485 ARG A CB  1 
ATOM 681  C CG  . ARG A 1 123 ? -9.155  -2.789  -4.894  1.00 43.07  ? 485 ARG A CG  1 
ATOM 682  C CD  . ARG A 1 123 ? -10.144 -2.856  -3.748  1.00 48.59  ? 485 ARG A CD  1 
ATOM 683  N NE  . ARG A 1 123 ? -9.642  -3.680  -2.654  1.00 47.46  ? 485 ARG A NE  1 
ATOM 684  C CZ  . ARG A 1 123 ? -10.144 -3.683  -1.424  1.00 40.71  ? 485 ARG A CZ  1 
ATOM 685  N NH1 . ARG A 1 123 ? -11.167 -2.897  -1.115  1.00 50.96  ? 485 ARG A NH1 1 
ATOM 686  N NH2 . ARG A 1 123 ? -9.618  -4.471  -0.497  1.00 40.42  ? 485 ARG A NH2 1 
ATOM 687  N N   . ASP A 1 124 ? -11.150 -0.949  -8.781  1.00 47.97  ? 486 ASP A N   1 
ATOM 688  C CA  . ASP A 1 124 ? -10.802 -0.355  -10.058 1.00 53.24  ? 486 ASP A CA  1 
ATOM 689  C C   . ASP A 1 124 ? -9.775  0.710   -9.754  1.00 50.60  ? 486 ASP A C   1 
ATOM 690  O O   . ASP A 1 124 ? -10.108 1.871   -9.545  1.00 57.12  ? 486 ASP A O   1 
ATOM 691  C CB  . ASP A 1 124 ? -12.027 0.261   -10.736 1.00 56.25  ? 486 ASP A CB  1 
ATOM 692  C CG  . ASP A 1 124 ? -13.201 -0.688  -10.797 1.00 51.68  ? 486 ASP A CG  1 
ATOM 693  O OD1 . ASP A 1 124 ? -13.036 -1.814  -11.310 1.00 57.88  ? 486 ASP A OD1 1 
ATOM 694  O OD2 . ASP A 1 124 ? -14.290 -0.306  -10.323 1.00 58.51  ? 486 ASP A OD2 1 
ATOM 695  N N   . CYS A 1 125 ? -8.513  0.315   -9.852  1.00 50.60  ? 487 CYS A N   1 
ATOM 696  C CA  . CYS A 1 125 ? -7.402  1.204   -9.573  1.00 47.50  ? 487 CYS A CA  1 
ATOM 697  C C   . CYS A 1 125 ? -6.827  1.704   -10.888 1.00 52.68  ? 487 CYS A C   1 
ATOM 698  O O   . CYS A 1 125 ? -5.867  2.472   -10.913 1.00 58.83  ? 487 CYS A O   1 
ATOM 699  C CB  . CYS A 1 125 ? -6.350  0.497   -8.716  1.00 38.17  ? 487 CYS A CB  1 
ATOM 700  S SG  . CYS A 1 125 ? -6.111  -1.240  -9.098  1.00 45.89  ? 487 CYS A SG  1 
ATOM 701  N N   . HIS A 1 126 ? -7.418  1.234   -11.982 1.00 53.89  ? 488 HIS A N   1 
ATOM 702  C CA  . HIS A 1 126 ? -7.096  1.728   -13.311 1.00 53.47  ? 488 HIS A CA  1 
ATOM 703  C C   . HIS A 1 126 ? -7.833  3.037   -13.585 1.00 47.62  ? 488 HIS A C   1 
ATOM 704  O O   . HIS A 1 126 ? -7.378  3.858   -14.377 1.00 53.84  ? 488 HIS A O   1 
ATOM 705  C CB  . HIS A 1 126 ? -7.431  0.676   -14.381 1.00 52.09  ? 488 HIS A CB  1 
ATOM 706  C CG  . HIS A 1 126 ? -8.829  0.135   -14.300 1.00 45.59  ? 488 HIS A CG  1 
ATOM 707  N ND1 . HIS A 1 126 ? -9.260  -0.667  -13.269 1.00 56.03  ? 488 HIS A ND1 1 
ATOM 708  C CD2 . HIS A 1 126 ? -9.880  0.260   -15.147 1.00 45.75  ? 488 HIS A CD2 1 
ATOM 709  C CE1 . HIS A 1 126 ? -10.524 -1.002  -13.471 1.00 46.54  ? 488 HIS A CE1 1 
ATOM 710  N NE2 . HIS A 1 126 ? -10.921 -0.452  -14.601 1.00 55.23  ? 488 HIS A NE2 1 
ATOM 711  N N   . GLU A 1 127 ? -8.977  3.218   -12.934 1.00 52.60  ? 489 GLU A N   1 
ATOM 712  C CA  . GLU A 1 127 ? -9.752  4.449   -13.056 1.00 49.95  ? 489 GLU A CA  1 
ATOM 713  C C   . GLU A 1 127 ? -9.226  5.556   -12.143 1.00 46.56  ? 489 GLU A C   1 
ATOM 714  O O   . GLU A 1 127 ? -9.199  6.725   -12.527 1.00 54.08  ? 489 GLU A O   1 
ATOM 715  C CB  . GLU A 1 127 ? -11.223 4.168   -12.753 1.00 51.97  ? 489 GLU A CB  1 
ATOM 716  C CG  . GLU A 1 127 ? -11.884 3.255   -13.774 1.00 51.17  ? 489 GLU A CG  1 
ATOM 717  C CD  . GLU A 1 127 ? -13.250 2.769   -13.338 1.00 67.20  ? 489 GLU A CD  1 
ATOM 718  O OE1 . GLU A 1 127 ? -13.722 3.195   -12.263 1.00 76.71  ? 489 GLU A OE1 1 
ATOM 719  O OE2 . GLU A 1 127 ? -13.853 1.957   -14.071 1.00 68.36  ? 489 GLU A OE2 1 
ATOM 720  N N   . GLU A 1 128 ? -8.816  5.179   -10.936 1.00 58.01  ? 490 GLU A N   1 
ATOM 721  C CA  . GLU A 1 128 ? -8.339  6.130   -9.937  1.00 45.14  ? 490 GLU A CA  1 
ATOM 722  C C   . GLU A 1 128 ? -7.204  5.536   -9.114  1.00 46.58  ? 490 GLU A C   1 
ATOM 723  O O   . GLU A 1 128 ? -7.065  4.319   -9.032  1.00 56.20  ? 490 GLU A O   1 
ATOM 724  C CB  . GLU A 1 128 ? -9.477  6.545   -9.004  1.00 52.83  ? 490 GLU A CB  1 
ATOM 725  C CG  . GLU A 1 128 ? -10.576 7.354   -9.663  1.00 64.17  ? 490 GLU A CG  1 
ATOM 726  C CD  . GLU A 1 128 ? -11.701 7.684   -8.704  1.00 67.34  ? 490 GLU A CD  1 
ATOM 727  O OE1 . GLU A 1 128 ? -11.836 6.980   -7.681  1.00 62.77  ? 490 GLU A OE1 1 
ATOM 728  O OE2 . GLU A 1 128 ? -12.447 8.650   -8.968  1.00 83.25  ? 490 GLU A OE2 1 
ATOM 729  N N   . VAL A 1 129 ? -6.400  6.395   -8.498  1.00 41.92  ? 491 VAL A N   1 
ATOM 730  C CA  . VAL A 1 129 ? -5.374  5.939   -7.571  1.00 41.03  ? 491 VAL A CA  1 
ATOM 731  C C   . VAL A 1 129 ? -6.024  5.518   -6.263  1.00 50.77  ? 491 VAL A C   1 
ATOM 732  O O   . VAL A 1 129 ? -6.810  6.271   -5.692  1.00 48.21  ? 491 VAL A O   1 
ATOM 733  C CB  . VAL A 1 129 ? -4.327  7.028   -7.277  1.00 48.65  ? 491 VAL A CB  1 
ATOM 734  C CG1 . VAL A 1 129 ? -3.273  6.505   -6.307  1.00 42.74  ? 491 VAL A CG1 1 
ATOM 735  C CG2 . VAL A 1 129 ? -3.679  7.507   -8.561  1.00 56.97  ? 491 VAL A CG2 1 
ATOM 736  N N   . TYR A 1 130 ? -5.697  4.317   -5.797  1.00 45.24  ? 492 TYR A N   1 
ATOM 737  C CA  . TYR A 1 130 ? -6.196  3.830   -4.517  1.00 34.57  ? 492 TYR A CA  1 
ATOM 738  C C   . TYR A 1 130 ? -5.142  4.000   -3.439  1.00 34.43  ? 492 TYR A C   1 
ATOM 739  O O   . TYR A 1 130 ? -3.971  3.694   -3.648  1.00 41.74  ? 492 TYR A O   1 
ATOM 740  C CB  . TYR A 1 130 ? -6.620  2.369   -4.624  1.00 37.35  ? 492 TYR A CB  1 
ATOM 741  C CG  . TYR A 1 130 ? -8.030  2.219   -5.134  1.00 42.16  ? 492 TYR A CG  1 
ATOM 742  C CD1 . TYR A 1 130 ? -8.398  2.756   -6.354  1.00 54.12  ? 492 TYR A CD1 1 
ATOM 743  C CD2 . TYR A 1 130 ? -8.995  1.558   -4.390  1.00 46.44  ? 492 TYR A CD2 1 
ATOM 744  C CE1 . TYR A 1 130 ? -9.682  2.638   -6.822  1.00 48.08  ? 492 TYR A CE1 1 
ATOM 745  C CE2 . TYR A 1 130 ? -10.289 1.434   -4.856  1.00 44.82  ? 492 TYR A CE2 1 
ATOM 746  C CZ  . TYR A 1 130 ? -10.625 1.974   -6.076  1.00 48.34  ? 492 TYR A CZ  1 
ATOM 747  O OH  . TYR A 1 130 ? -11.910 1.856   -6.555  1.00 55.89  ? 492 TYR A OH  1 
ATOM 748  N N   . ALA A 1 131 ? -5.571  4.502   -2.288  1.00 38.71  ? 493 ALA A N   1 
ATOM 749  C CA  . ALA A 1 131 ? -4.672  4.736   -1.169  1.00 34.22  ? 493 ALA A CA  1 
ATOM 750  C C   . ALA A 1 131 ? -5.369  4.405   0.140   1.00 35.48  ? 493 ALA A C   1 
ATOM 751  O O   . ALA A 1 131 ? -6.595  4.398   0.219   1.00 40.13  ? 493 ALA A O   1 
ATOM 752  C CB  . ALA A 1 131 ? -4.193  6.174   -1.167  1.00 40.77  ? 493 ALA A CB  1 
ATOM 753  N N   . GLY A 1 132 ? -4.582  4.121   1.169   1.00 33.17  ? 494 GLY A N   1 
ATOM 754  C CA  . GLY A 1 132 ? -5.132  3.808   2.469   1.00 32.15  ? 494 GLY A CA  1 
ATOM 755  C C   . GLY A 1 132 ? -4.063  3.822   3.539   1.00 39.33  ? 494 GLY A C   1 
ATOM 756  O O   . GLY A 1 132 ? -2.898  4.108   3.258   1.00 38.99  ? 494 GLY A O   1 
ATOM 757  N N   . SER A 1 133 ? -4.457  3.512   4.768   1.00 34.66  ? 495 SER A N   1 
ATOM 758  C CA  . SER A 1 133 ? -3.524  3.517   5.884   1.00 41.98  ? 495 SER A CA  1 
ATOM 759  C C   . SER A 1 133 ? -3.968  2.581   6.997   1.00 41.56  ? 495 SER A C   1 
ATOM 760  O O   . SER A 1 133 ? -5.135  2.207   7.081   1.00 42.24  ? 495 SER A O   1 
ATOM 761  C CB  . SER A 1 133 ? -3.375  4.931   6.440   1.00 45.21  ? 495 SER A CB  1 
ATOM 762  O OG  . SER A 1 133 ? -4.600  5.377   6.990   1.00 42.94  ? 495 SER A OG  1 
ATOM 763  N N   . HIS A 1 134 ? -3.024  2.200   7.848   1.00 43.02  ? 496 HIS A N   1 
ATOM 764  C CA  . HIS A 1 134 ? -3.349  1.441   9.043   1.00 44.08  ? 496 HIS A CA  1 
ATOM 765  C C   . HIS A 1 134 ? -2.329  1.712   10.139  1.00 49.88  ? 496 HIS A C   1 
ATOM 766  O O   . HIS A 1 134 ? -1.150  1.928   9.863   1.00 43.93  ? 496 HIS A O   1 
ATOM 767  C CB  . HIS A 1 134 ? -3.410  -0.054  8.735   1.00 47.43  ? 496 HIS A CB  1 
ATOM 768  C CG  . HIS A 1 134 ? -3.831  -0.889  9.904   1.00 41.67  ? 496 HIS A CG  1 
ATOM 769  N ND1 . HIS A 1 134 ? -2.982  -1.771  10.532  1.00 42.47  ? 496 HIS A ND1 1 
ATOM 770  C CD2 . HIS A 1 134 ? -5.010  -0.964  10.565  1.00 46.05  ? 496 HIS A CD2 1 
ATOM 771  C CE1 . HIS A 1 134 ? -3.621  -2.362  11.526  1.00 44.99  ? 496 HIS A CE1 1 
ATOM 772  N NE2 . HIS A 1 134 ? -4.853  -1.889  11.568  1.00 47.86  ? 496 HIS A NE2 1 
ATOM 773  N N   . GLN A 1 135 ? -2.797  1.691   11.383  1.00 51.36  ? 497 GLN A N   1 
ATOM 774  C CA  . GLN A 1 135 ? -1.937  1.909   12.538  1.00 56.13  ? 497 GLN A CA  1 
ATOM 775  C C   . GLN A 1 135 ? -1.288  0.599   12.970  1.00 50.38  ? 497 GLN A C   1 
ATOM 776  O O   . GLN A 1 135 ? -1.970  -0.412  13.121  1.00 54.08  ? 497 GLN A O   1 
ATOM 777  C CB  . GLN A 1 135 ? -2.743  2.507   13.692  1.00 60.94  ? 497 GLN A CB  1 
ATOM 778  C CG  . GLN A 1 135 ? -1.909  2.899   14.899  1.00 64.12  ? 497 GLN A CG  1 
ATOM 779  C CD  . GLN A 1 135 ? -2.747  3.476   16.021  1.00 58.39  ? 497 GLN A CD  1 
ATOM 780  O OE1 . GLN A 1 135 ? -3.928  3.773   15.840  1.00 56.74  ? 497 GLN A OE1 1 
ATOM 781  N NE2 . GLN A 1 135 ? -2.141  3.633   17.190  1.00 66.92  ? 497 GLN A NE2 1 
ATOM 782  N N   . TYR A 1 136 ? 0.025   0.625   13.171  1.00 55.34  ? 498 TYR A N   1 
ATOM 783  C CA  . TYR A 1 136 ? 0.763   -0.570  13.567  1.00 51.98  ? 498 TYR A CA  1 
ATOM 784  C C   . TYR A 1 136 ? 0.222   -1.148  14.874  1.00 54.15  ? 498 TYR A C   1 
ATOM 785  O O   . TYR A 1 136 ? 0.286   -0.490  15.911  1.00 63.56  ? 498 TYR A O   1 
ATOM 786  C CB  . TYR A 1 136 ? 2.251   -0.251  13.719  1.00 58.72  ? 498 TYR A CB  1 
ATOM 787  C CG  . TYR A 1 136 ? 3.020   -0.264  12.417  1.00 64.43  ? 498 TYR A CG  1 
ATOM 788  C CD1 . TYR A 1 136 ? 2.974   0.818   11.549  1.00 66.57  ? 498 TYR A CD1 1 
ATOM 789  C CD2 . TYR A 1 136 ? 3.795   -1.357  12.060  1.00 75.29  ? 498 TYR A CD2 1 
ATOM 790  C CE1 . TYR A 1 136 ? 3.676   0.809   10.359  1.00 69.83  ? 498 TYR A CE1 1 
ATOM 791  C CE2 . TYR A 1 136 ? 4.500   -1.376  10.872  1.00 83.51  ? 498 TYR A CE2 1 
ATOM 792  C CZ  . TYR A 1 136 ? 4.437   -0.291  10.026  1.00 74.87  ? 498 TYR A CZ  1 
ATOM 793  O OH  . TYR A 1 136 ? 5.142   -0.309  8.843   1.00 64.46  ? 498 TYR A OH  1 
ATOM 794  N N   . PRO A 1 137 ? -0.316  -2.381  14.835  1.00 56.91  ? 499 PRO A N   1 
ATOM 795  C CA  . PRO A 1 137 ? -0.770  -3.003  16.083  1.00 53.63  ? 499 PRO A CA  1 
ATOM 796  C C   . PRO A 1 137 ? 0.402   -3.382  16.975  1.00 57.16  ? 499 PRO A C   1 
ATOM 797  O O   . PRO A 1 137 ? 0.276   -3.432  18.197  1.00 57.86  ? 499 PRO A O   1 
ATOM 798  C CB  . PRO A 1 137 ? -1.520  -4.257  15.611  1.00 56.18  ? 499 PRO A CB  1 
ATOM 799  C CG  . PRO A 1 137 ? -1.702  -4.097  14.143  1.00 55.67  ? 499 PRO A CG  1 
ATOM 800  C CD  . PRO A 1 137 ? -0.574  -3.250  13.676  1.00 57.41  ? 499 PRO A CD  1 
ATOM 801  N N   . GLY A 1 138 ? 1.538   -3.655  16.344  1.00 51.22  ? 500 GLY A N   1 
ATOM 802  C CA  . GLY A 1 138 ? 2.739   -4.057  17.045  1.00 50.73  ? 500 GLY A CA  1 
ATOM 803  C C   . GLY A 1 138 ? 3.889   -4.174  16.070  1.00 56.36  ? 500 GLY A C   1 
ATOM 804  O O   . GLY A 1 138 ? 3.788   -3.726  14.930  1.00 59.60  ? 500 GLY A O   1 
ATOM 805  N N   . ARG A 1 139 ? 4.986   -4.778  16.511  1.00 56.74  ? 501 ARG A N   1 
ATOM 806  C CA  . ARG A 1 139 ? 6.129   -5.001  15.638  1.00 63.56  ? 501 ARG A CA  1 
ATOM 807  C C   . ARG A 1 139 ? 5.845   -6.168  14.702  1.00 68.78  ? 501 ARG A C   1 
ATOM 808  O O   . ARG A 1 139 ? 5.548   -7.275  15.152  1.00 67.35  ? 501 ARG A O   1 
ATOM 809  C CB  . ARG A 1 139 ? 7.392   -5.269  16.457  1.00 70.69  ? 501 ARG A CB  1 
ATOM 810  C CG  . ARG A 1 139 ? 8.609   -5.628  15.617  1.00 74.79  ? 501 ARG A CG  1 
ATOM 811  C CD  . ARG A 1 139 ? 9.872   -5.730  16.457  1.00 86.19  ? 501 ARG A CD  1 
ATOM 812  N NE  . ARG A 1 139 ? 10.231  -4.452  17.074  1.00 88.85  ? 501 ARG A NE  1 
ATOM 813  C CZ  . ARG A 1 139 ? 10.143  -4.175  18.374  1.00 93.59  ? 501 ARG A CZ  1 
ATOM 814  N NH1 . ARG A 1 139 ? 9.712   -5.082  19.243  1.00 97.75  ? 501 ARG A NH1 1 
ATOM 815  N NH2 . ARG A 1 139 ? 10.499  -2.975  18.812  1.00 96.09  ? 501 ARG A NH2 1 
ATOM 816  N N   . GLY A 1 140 ? 5.932   -5.920  13.401  1.00 73.38  ? 502 GLY A N   1 
ATOM 817  C CA  . GLY A 1 140 ? 5.668   -6.959  12.424  1.00 65.06  ? 502 GLY A CA  1 
ATOM 818  C C   . GLY A 1 140 ? 5.688   -6.473  10.991  1.00 64.16  ? 502 GLY A C   1 
ATOM 819  O O   . GLY A 1 140 ? 5.781   -5.276  10.722  1.00 75.93  ? 502 GLY A O   1 
ATOM 820  N N   . VAL A 1 141 ? 5.589   -7.426  10.070  1.00 55.22  ? 503 VAL A N   1 
ATOM 821  C CA  . VAL A 1 141 ? 5.633   -7.153  8.641   1.00 49.98  ? 503 VAL A CA  1 
ATOM 822  C C   . VAL A 1 141 ? 4.234   -6.995  8.056   1.00 51.71  ? 503 VAL A C   1 
ATOM 823  O O   . VAL A 1 141 ? 3.346   -7.805  8.319   1.00 47.99  ? 503 VAL A O   1 
ATOM 824  C CB  . VAL A 1 141 ? 6.363   -8.287  7.894   1.00 44.36  ? 503 VAL A CB  1 
ATOM 825  C CG1 . VAL A 1 141 ? 6.183   -8.155  6.390   1.00 47.72  ? 503 VAL A CG1 1 
ATOM 826  C CG2 . VAL A 1 141 ? 7.832   -8.308  8.272   1.00 55.59  ? 503 VAL A CG2 1 
ATOM 827  N N   . TYR A 1 142 ? 4.042   -5.946  7.262   1.00 48.41  ? 504 TYR A N   1 
ATOM 828  C CA  . TYR A 1 142 ? 2.803   -5.781  6.512   1.00 38.17  ? 504 TYR A CA  1 
ATOM 829  C C   . TYR A 1 142 ? 2.907   -6.513  5.188   1.00 40.72  ? 504 TYR A C   1 
ATOM 830  O O   . TYR A 1 142 ? 3.956   -6.504  4.548   1.00 43.77  ? 504 TYR A O   1 
ATOM 831  C CB  . TYR A 1 142 ? 2.493   -4.306  6.273   1.00 38.74  ? 504 TYR A CB  1 
ATOM 832  C CG  . TYR A 1 142 ? 1.692   -3.674  7.384   1.00 47.28  ? 504 TYR A CG  1 
ATOM 833  C CD1 . TYR A 1 142 ? 0.307   -3.756  7.396   1.00 37.94  ? 504 TYR A CD1 1 
ATOM 834  C CD2 . TYR A 1 142 ? 2.319   -2.997  8.419   1.00 47.44  ? 504 TYR A CD2 1 
ATOM 835  C CE1 . TYR A 1 142 ? -0.431  -3.183  8.410   1.00 40.29  ? 504 TYR A CE1 1 
ATOM 836  C CE2 . TYR A 1 142 ? 1.589   -2.421  9.436   1.00 44.08  ? 504 TYR A CE2 1 
ATOM 837  C CZ  . TYR A 1 142 ? 0.216   -2.516  9.426   1.00 49.50  ? 504 TYR A CZ  1 
ATOM 838  O OH  . TYR A 1 142 ? -0.513  -1.943  10.439  1.00 53.08  ? 504 TYR A OH  1 
ATOM 839  N N   . LEU A 1 143 ? 1.814   -7.156  4.790   1.00 40.55  ? 505 LEU A N   1 
ATOM 840  C CA  . LEU A 1 143 ? 1.758   -7.876  3.528   1.00 36.53  ? 505 LEU A CA  1 
ATOM 841  C C   . LEU A 1 143 ? 0.714   -7.248  2.623   1.00 40.18  ? 505 LEU A C   1 
ATOM 842  O O   . LEU A 1 143 ? -0.483  -7.346  2.886   1.00 36.41  ? 505 LEU A O   1 
ATOM 843  C CB  . LEU A 1 143 ? 1.426   -9.351  3.758   1.00 46.55  ? 505 LEU A CB  1 
ATOM 844  C CG  . LEU A 1 143 ? 2.304   -10.125 4.744   1.00 45.79  ? 505 LEU A CG  1 
ATOM 845  C CD1 . LEU A 1 143 ? 1.809   -11.552 4.863   1.00 38.70  ? 505 LEU A CD1 1 
ATOM 846  C CD2 . LEU A 1 143 ? 3.760   -10.105 4.320   1.00 53.52  ? 505 LEU A CD2 1 
ATOM 847  N N   . LEU A 1 144 ? 1.172   -6.608  1.553   1.00 44.64  ? 506 LEU A N   1 
ATOM 848  C CA  . LEU A 1 144 ? 0.271   -6.054  0.556   1.00 39.00  ? 506 LEU A CA  1 
ATOM 849  C C   . LEU A 1 144 ? 0.069   -7.087  -0.539  1.00 29.22  ? 506 LEU A C   1 
ATOM 850  O O   . LEU A 1 144 ? 1.009   -7.455  -1.239  1.00 40.86  ? 506 LEU A O   1 
ATOM 851  C CB  . LEU A 1 144 ? 0.824   -4.751  -0.024  1.00 34.34  ? 506 LEU A CB  1 
ATOM 852  C CG  . LEU A 1 144 ? 1.303   -3.717  0.998   1.00 39.36  ? 506 LEU A CG  1 
ATOM 853  C CD1 . LEU A 1 144 ? 1.883   -2.500  0.298   1.00 32.78  ? 506 LEU A CD1 1 
ATOM 854  C CD2 . LEU A 1 144 ? 0.172   -3.310  1.925   1.00 36.64  ? 506 LEU A CD2 1 
ATOM 855  N N   . LYS A 1 145 ? -1.163  -7.564  -0.666  1.00 38.05  ? 507 LYS A N   1 
ATOM 856  C CA  . LYS A 1 145 ? -1.495  -8.592  -1.642  1.00 36.03  ? 507 LYS A CA  1 
ATOM 857  C C   . LYS A 1 145 ? -2.011  -7.970  -2.922  1.00 31.35  ? 507 LYS A C   1 
ATOM 858  O O   . LYS A 1 145 ? -3.033  -7.298  -2.908  1.00 35.46  ? 507 LYS A O   1 
ATOM 859  C CB  . LYS A 1 145 ? -2.551  -9.544  -1.081  1.00 36.31  ? 507 LYS A CB  1 
ATOM 860  C CG  . LYS A 1 145 ? -2.083  -10.390 0.087   1.00 39.41  ? 507 LYS A CG  1 
ATOM 861  C CD  . LYS A 1 145 ? -1.163  -11.501 -0.373  1.00 46.46  ? 507 LYS A CD  1 
ATOM 862  C CE  . LYS A 1 145 ? -0.855  -12.464 0.757   1.00 44.13  ? 507 LYS A CE  1 
ATOM 863  N NZ  . LYS A 1 145 ? 0.145   -13.487 0.354   1.00 53.48  ? 507 LYS A NZ  1 
ATOM 864  N N   . PHE A 1 146 ? -1.302  -8.186  -4.024  1.00 28.74  ? 508 PHE A N   1 
ATOM 865  C CA  . PHE A 1 146 ? -1.843  -7.859  -5.334  1.00 32.43  ? 508 PHE A CA  1 
ATOM 866  C C   . PHE A 1 146 ? -2.239  -9.166  -6.000  1.00 32.50  ? 508 PHE A C   1 
ATOM 867  O O   . PHE A 1 146 ? -1.391  -9.939  -6.445  1.00 31.18  ? 508 PHE A O   1 
ATOM 868  C CB  . PHE A 1 146 ? -0.828  -7.065  -6.158  1.00 30.68  ? 508 PHE A CB  1 
ATOM 869  C CG  . PHE A 1 146 ? -0.499  -5.730  -5.555  1.00 31.20  ? 508 PHE A CG  1 
ATOM 870  C CD1 . PHE A 1 146 ? -1.402  -4.684  -5.632  1.00 32.34  ? 508 PHE A CD1 1 
ATOM 871  C CD2 . PHE A 1 146 ? 0.694   -5.529  -4.885  1.00 29.33  ? 508 PHE A CD2 1 
ATOM 872  C CE1 . PHE A 1 146 ? -1.115  -3.460  -5.066  1.00 28.63  ? 508 PHE A CE1 1 
ATOM 873  C CE2 . PHE A 1 146 ? 0.986   -4.306  -4.317  1.00 29.72  ? 508 PHE A CE2 1 
ATOM 874  C CZ  . PHE A 1 146 ? 0.080   -3.271  -4.409  1.00 34.83  ? 508 PHE A CZ  1 
ATOM 875  N N   . ASP A 1 147 ? -3.547  -9.390  -6.066  1.00 35.15  ? 509 ASP A N   1 
ATOM 876  C CA  . ASP A 1 147 ? -4.086  -10.710 -6.358  1.00 38.09  ? 509 ASP A CA  1 
ATOM 877  C C   . ASP A 1 147 ? -4.748  -10.736 -7.728  1.00 34.34  ? 509 ASP A C   1 
ATOM 878  O O   . ASP A 1 147 ? -5.840  -10.202 -7.920  1.00 35.27  ? 509 ASP A O   1 
ATOM 879  C CB  . ASP A 1 147 ? -5.083  -11.099 -5.262  1.00 41.55  ? 509 ASP A CB  1 
ATOM 880  C CG  . ASP A 1 147 ? -5.415  -12.577 -5.259  1.00 37.10  ? 509 ASP A CG  1 
ATOM 881  O OD1 . ASP A 1 147 ? -5.529  -13.173 -6.347  1.00 42.63  ? 509 ASP A OD1 1 
ATOM 882  O OD2 . ASP A 1 147 ? -5.566  -13.141 -4.157  1.00 47.39  ? 509 ASP A OD2 1 
ATOM 883  N N   . ASN A 1 148 ? -4.056  -11.360 -8.676  1.00 37.50  ? 510 ASN A N   1 
ATOM 884  C CA  . ASN A 1 148 ? -4.548  -11.538 -10.036 1.00 39.97  ? 510 ASN A CA  1 
ATOM 885  C C   . ASN A 1 148 ? -5.101  -12.940 -10.293 1.00 33.83  ? 510 ASN A C   1 
ATOM 886  O O   . ASN A 1 148 ? -5.427  -13.280 -11.426 1.00 48.39  ? 510 ASN A O   1 
ATOM 887  C CB  . ASN A 1 148 ? -3.438  -11.223 -11.037 1.00 37.58  ? 510 ASN A CB  1 
ATOM 888  C CG  . ASN A 1 148 ? -3.974  -10.884 -12.408 1.00 33.40  ? 510 ASN A CG  1 
ATOM 889  O OD1 . ASN A 1 148 ? -5.028  -10.266 -12.540 1.00 33.83  ? 510 ASN A OD1 1 
ATOM 890  N ND2 . ASN A 1 148 ? -3.254  -11.297 -13.442 1.00 38.15  ? 510 ASN A ND2 1 
ATOM 891  N N   . SER A 1 149 ? -5.173  -13.756 -9.248  1.00 33.67  ? 511 SER A N   1 
ATOM 892  C CA  . SER A 1 149 ? -5.441  -15.189 -9.389  1.00 43.44  ? 511 SER A CA  1 
ATOM 893  C C   . SER A 1 149 ? -6.722  -15.525 -10.160 1.00 47.53  ? 511 SER A C   1 
ATOM 894  O O   . SER A 1 149 ? -6.872  -16.636 -10.666 1.00 46.37  ? 511 SER A O   1 
ATOM 895  C CB  . SER A 1 149 ? -5.511  -15.835 -8.007  1.00 35.76  ? 511 SER A CB  1 
ATOM 896  O OG  . SER A 1 149 ? -6.491  -15.205 -7.206  1.00 53.11  ? 511 SER A OG  1 
ATOM 897  N N   . TYR A 1 150 ? -7.640  -14.569 -10.248 1.00 51.50  ? 512 TYR A N   1 
ATOM 898  C CA  . TYR A 1 150 ? -8.909  -14.776 -10.937 1.00 41.06  ? 512 TYR A CA  1 
ATOM 899  C C   . TYR A 1 150 ? -8.795  -14.558 -12.445 1.00 48.75  ? 512 TYR A C   1 
ATOM 900  O O   . TYR A 1 150 ? -9.690  -14.933 -13.202 1.00 46.39  ? 512 TYR A O   1 
ATOM 901  C CB  . TYR A 1 150 ? -9.970  -13.837 -10.370 1.00 36.56  ? 512 TYR A CB  1 
ATOM 902  C CG  . TYR A 1 150 ? -9.632  -12.375 -10.557 1.00 42.35  ? 512 TYR A CG  1 
ATOM 903  C CD1 . TYR A 1 150 ? -8.881  -11.689 -9.614  1.00 41.08  ? 512 TYR A CD1 1 
ATOM 904  C CD2 . TYR A 1 150 ? -10.058 -11.685 -11.682 1.00 40.09  ? 512 TYR A CD2 1 
ATOM 905  C CE1 . TYR A 1 150 ? -8.564  -10.358 -9.785  1.00 40.57  ? 512 TYR A CE1 1 
ATOM 906  C CE2 . TYR A 1 150 ? -9.749  -10.355 -11.860 1.00 42.40  ? 512 TYR A CE2 1 
ATOM 907  C CZ  . TYR A 1 150 ? -9.001  -9.695  -10.911 1.00 40.74  ? 512 TYR A CZ  1 
ATOM 908  O OH  . TYR A 1 150 ? -8.693  -8.368  -11.087 1.00 40.99  ? 512 TYR A OH  1 
ATOM 909  N N   . SER A 1 151 ? -7.695  -13.949 -12.875 1.00 54.18  ? 513 SER A N   1 
ATOM 910  C CA  . SER A 1 151 ? -7.525  -13.553 -14.269 1.00 37.52  ? 513 SER A CA  1 
ATOM 911  C C   . SER A 1 151 ? -6.801  -14.618 -15.075 1.00 40.60  ? 513 SER A C   1 
ATOM 912  O O   . SER A 1 151 ? -5.621  -14.879 -14.857 1.00 47.96  ? 513 SER A O   1 
ATOM 913  C CB  . SER A 1 151 ? -6.754  -12.236 -14.352 1.00 42.68  ? 513 SER A CB  1 
ATOM 914  O OG  . SER A 1 151 ? -6.393  -11.944 -15.689 1.00 52.16  ? 513 SER A OG  1 
ATOM 915  N N   . LEU A 1 152 ? -7.516  -15.226 -16.013 1.00 50.33  ? 514 LEU A N   1 
ATOM 916  C CA  . LEU A 1 152 ? -6.950  -16.278 -16.844 1.00 42.44  ? 514 LEU A CA  1 
ATOM 917  C C   . LEU A 1 152 ? -6.078  -15.731 -17.968 1.00 39.69  ? 514 LEU A C   1 
ATOM 918  O O   . LEU A 1 152 ? -4.988  -16.241 -18.215 1.00 52.19  ? 514 LEU A O   1 
ATOM 919  C CB  . LEU A 1 152 ? -8.069  -17.134 -17.443 1.00 45.94  ? 514 LEU A CB  1 
ATOM 920  C CG  . LEU A 1 152 ? -8.916  -17.934 -16.451 1.00 52.14  ? 514 LEU A CG  1 
ATOM 921  C CD1 . LEU A 1 152 ? -10.123 -18.556 -17.140 1.00 46.14  ? 514 LEU A CD1 1 
ATOM 922  C CD2 . LEU A 1 152 ? -8.077  -19.005 -15.778 1.00 61.23  ? 514 LEU A CD2 1 
ATOM 923  N N   . TRP A 1 153 ? -6.600  -14.738 -18.681 1.00 36.17  ? 515 TRP A N   1 
ATOM 924  C CA  . TRP A 1 153 ? -5.964  -14.225 -19.893 1.00 36.50  ? 515 TRP A CA  1 
ATOM 925  C C   . TRP A 1 153 ? -5.199  -12.902 -19.784 1.00 41.68  ? 515 TRP A C   1 
ATOM 926  O O   . TRP A 1 153 ? -4.588  -12.475 -20.762 1.00 50.17  ? 515 TRP A O   1 
ATOM 927  C CB  . TRP A 1 153 ? -7.042  -14.092 -20.961 1.00 42.11  ? 515 TRP A CB  1 
ATOM 928  C CG  . TRP A 1 153 ? -7.996  -15.223 -20.879 1.00 37.82  ? 515 TRP A CG  1 
ATOM 929  C CD1 . TRP A 1 153 ? -9.244  -15.204 -20.335 1.00 41.68  ? 515 TRP A CD1 1 
ATOM 930  C CD2 . TRP A 1 153 ? -7.767  -16.563 -21.318 1.00 44.28  ? 515 TRP A CD2 1 
ATOM 931  N NE1 . TRP A 1 153 ? -9.814  -16.450 -20.419 1.00 42.17  ? 515 TRP A NE1 1 
ATOM 932  C CE2 . TRP A 1 153 ? -8.928  -17.302 -21.023 1.00 41.27  ? 515 TRP A CE2 1 
ATOM 933  C CE3 . TRP A 1 153 ? -6.695  -17.209 -21.942 1.00 37.94  ? 515 TRP A CE3 1 
ATOM 934  C CZ2 . TRP A 1 153 ? -9.050  -18.653 -21.331 1.00 46.56  ? 515 TRP A CZ2 1 
ATOM 935  C CZ3 . TRP A 1 153 ? -6.817  -18.549 -22.246 1.00 50.73  ? 515 TRP A CZ3 1 
ATOM 936  C CH2 . TRP A 1 153 ? -7.985  -19.257 -21.942 1.00 50.25  ? 515 TRP A CH2 1 
ATOM 937  N N   . ARG A 1 154 ? -5.216  -12.261 -18.619 1.00 42.45  ? 516 ARG A N   1 
ATOM 938  C CA  . ARG A 1 154 ? -4.733  -10.882 -18.511 1.00 39.44  ? 516 ARG A CA  1 
ATOM 939  C C   . ARG A 1 154 ? -3.696  -10.676 -17.414 1.00 39.98  ? 516 ARG A C   1 
ATOM 940  O O   . ARG A 1 154 ? -3.969  -10.906 -16.237 1.00 43.57  ? 516 ARG A O   1 
ATOM 941  C CB  . ARG A 1 154 ? -5.906  -9.930  -18.261 1.00 48.52  ? 516 ARG A CB  1 
ATOM 942  C CG  . ARG A 1 154 ? -7.094  -10.116 -19.192 1.00 52.40  ? 516 ARG A CG  1 
ATOM 943  C CD  . ARG A 1 154 ? -6.807  -9.610  -20.589 1.00 50.70  ? 516 ARG A CD  1 
ATOM 944  N NE  . ARG A 1 154 ? -7.978  -9.735  -21.453 1.00 61.07  ? 516 ARG A NE  1 
ATOM 945  C CZ  . ARG A 1 154 ? -8.066  -9.224  -22.676 1.00 57.90  ? 516 ARG A CZ  1 
ATOM 946  N NH1 . ARG A 1 154 ? -7.052  -8.541  -23.191 1.00 56.47  ? 516 ARG A NH1 1 
ATOM 947  N NH2 . ARG A 1 154 ? -9.173  -9.392  -23.385 1.00 48.68  ? 516 ARG A NH2 1 
ATOM 948  N N   . SER A 1 155 ? -2.505  -10.239 -17.811 1.00 44.35  ? 517 SER A N   1 
ATOM 949  C CA  . SER A 1 155 ? -1.505  -9.753  -16.867 1.00 39.66  ? 517 SER A CA  1 
ATOM 950  C C   . SER A 1 155 ? -1.824  -8.314  -16.473 1.00 38.94  ? 517 SER A C   1 
ATOM 951  O O   . SER A 1 155 ? -2.471  -7.592  -17.229 1.00 42.99  ? 517 SER A O   1 
ATOM 952  C CB  . SER A 1 155 ? -0.103  -9.840  -17.469 1.00 33.75  ? 517 SER A CB  1 
ATOM 953  O OG  . SER A 1 155 ? 0.259   -11.187 -17.713 1.00 55.14  ? 517 SER A OG  1 
ATOM 954  N N   . LYS A 1 156 ? -1.372  -7.908  -15.291 1.00 45.64  ? 518 LYS A N   1 
ATOM 955  C CA  . LYS A 1 156 ? -1.615  -6.558  -14.785 1.00 38.83  ? 518 LYS A CA  1 
ATOM 956  C C   . LYS A 1 156 ? -0.306  -5.854  -14.450 1.00 38.77  ? 518 LYS A C   1 
ATOM 957  O O   . LYS A 1 156 ? 0.613   -6.463  -13.906 1.00 42.72  ? 518 LYS A O   1 
ATOM 958  C CB  . LYS A 1 156 ? -2.499  -6.598  -13.537 1.00 39.60  ? 518 LYS A CB  1 
ATOM 959  C CG  . LYS A 1 156 ? -3.694  -7.536  -13.622 1.00 43.36  ? 518 LYS A CG  1 
ATOM 960  C CD  . LYS A 1 156 ? -4.768  -7.000  -14.549 1.00 40.97  ? 518 LYS A CD  1 
ATOM 961  C CE  . LYS A 1 156 ? -5.947  -7.953  -14.630 1.00 43.15  ? 518 LYS A CE  1 
ATOM 962  N NZ  . LYS A 1 156 ? -6.504  -8.268  -13.286 1.00 46.27  ? 518 LYS A NZ  1 
ATOM 963  N N   . SER A 1 157 ? -0.233  -4.566  -14.774 1.00 37.61  ? 519 SER A N   1 
ATOM 964  C CA  . SER A 1 157 ? 0.891   -3.729  -14.373 1.00 36.14  ? 519 SER A CA  1 
ATOM 965  C C   . SER A 1 157 ? 0.492   -2.930  -13.145 1.00 39.55  ? 519 SER A C   1 
ATOM 966  O O   . SER A 1 157 ? -0.502  -2.209  -13.175 1.00 43.56  ? 519 SER A O   1 
ATOM 967  C CB  . SER A 1 157 ? 1.312   -2.790  -15.504 1.00 33.69  ? 519 SER A CB  1 
ATOM 968  O OG  . SER A 1 157 ? 1.731   -3.520  -16.642 1.00 47.95  ? 519 SER A OG  1 
ATOM 969  N N   . VAL A 1 158 ? 1.265   -3.066  -12.071 1.00 37.27  ? 520 VAL A N   1 
ATOM 970  C CA  . VAL A 1 158 ? 0.942   -2.424  -10.801 1.00 39.35  ? 520 VAL A CA  1 
ATOM 971  C C   . VAL A 1 158 ? 1.975   -1.370  -10.418 1.00 41.44  ? 520 VAL A C   1 
ATOM 972  O O   . VAL A 1 158 ? 3.151   -1.675  -10.235 1.00 40.86  ? 520 VAL A O   1 
ATOM 973  C CB  . VAL A 1 158 ? 0.842   -3.460  -9.663  1.00 40.43  ? 520 VAL A CB  1 
ATOM 974  C CG1 . VAL A 1 158 ? 0.622   -2.770  -8.327  1.00 39.17  ? 520 VAL A CG1 1 
ATOM 975  C CG2 . VAL A 1 158 ? -0.277  -4.443  -9.940  1.00 36.07  ? 520 VAL A CG2 1 
ATOM 976  N N   . TYR A 1 159 ? 1.513   -0.129  -10.304 1.00 43.28  ? 521 TYR A N   1 
ATOM 977  C CA  . TYR A 1 159 ? 2.326   0.977   -9.816  1.00 34.57  ? 521 TYR A CA  1 
ATOM 978  C C   . TYR A 1 159 ? 2.015   1.179   -8.341  1.00 37.66  ? 521 TYR A C   1 
ATOM 979  O O   . TYR A 1 159 ? 0.867   1.438   -8.000  1.00 42.67  ? 521 TYR A O   1 
ATOM 980  C CB  . TYR A 1 159 ? 2.024   2.261   -10.593 1.00 44.36  ? 521 TYR A CB  1 
ATOM 981  C CG  . TYR A 1 159 ? 2.122   2.132   -12.098 1.00 48.76  ? 521 TYR A CG  1 
ATOM 982  C CD1 . TYR A 1 159 ? 1.139   1.474   -12.827 1.00 44.21  ? 521 TYR A CD1 1 
ATOM 983  C CD2 . TYR A 1 159 ? 3.188   2.688   -12.792 1.00 53.52  ? 521 TYR A CD2 1 
ATOM 984  C CE1 . TYR A 1 159 ? 1.226   1.360   -14.201 1.00 44.54  ? 521 TYR A CE1 1 
ATOM 985  C CE2 . TYR A 1 159 ? 3.281   2.582   -14.163 1.00 47.58  ? 521 TYR A CE2 1 
ATOM 986  C CZ  . TYR A 1 159 ? 2.299   1.919   -14.864 1.00 53.31  ? 521 TYR A CZ  1 
ATOM 987  O OH  . TYR A 1 159 ? 2.394   1.815   -16.230 1.00 56.44  ? 521 TYR A OH  1 
ATOM 988  N N   . TYR A 1 160 ? 3.015   1.061   -7.469  1.00 33.39  ? 522 TYR A N   1 
ATOM 989  C CA  . TYR A 1 160 ? 2.771   1.169   -6.029  1.00 33.24  ? 522 TYR A CA  1 
ATOM 990  C C   . TYR A 1 160 ? 3.823   1.991   -5.292  1.00 39.99  ? 522 TYR A C   1 
ATOM 991  O O   . TYR A 1 160 ? 4.932   2.196   -5.782  1.00 44.41  ? 522 TYR A O   1 
ATOM 992  C CB  . TYR A 1 160 ? 2.687   -0.226  -5.401  1.00 44.44  ? 522 TYR A CB  1 
ATOM 993  C CG  . TYR A 1 160 ? 4.016   -0.928  -5.271  1.00 35.98  ? 522 TYR A CG  1 
ATOM 994  C CD1 . TYR A 1 160 ? 4.645   -1.473  -6.379  1.00 38.17  ? 522 TYR A CD1 1 
ATOM 995  C CD2 . TYR A 1 160 ? 4.637   -1.055  -4.038  1.00 33.66  ? 522 TYR A CD2 1 
ATOM 996  C CE1 . TYR A 1 160 ? 5.858   -2.117  -6.265  1.00 47.79  ? 522 TYR A CE1 1 
ATOM 997  C CE2 . TYR A 1 160 ? 5.851   -1.698  -3.913  1.00 33.31  ? 522 TYR A CE2 1 
ATOM 998  C CZ  . TYR A 1 160 ? 6.457   -2.227  -5.031  1.00 39.24  ? 522 TYR A CZ  1 
ATOM 999  O OH  . TYR A 1 160 ? 7.666   -2.869  -4.917  1.00 43.88  ? 522 TYR A OH  1 
ATOM 1000 N N   . ARG A 1 161 ? 3.444   2.469   -4.110  1.00 42.45  ? 523 ARG A N   1 
ATOM 1001 C CA  . ARG A 1 161 ? 4.334   3.230   -3.245  1.00 38.63  ? 523 ARG A CA  1 
ATOM 1002 C C   . ARG A 1 161 ? 3.907   3.064   -1.786  1.00 38.69  ? 523 ARG A C   1 
ATOM 1003 O O   . ARG A 1 161 ? 2.717   2.926   -1.503  1.00 39.06  ? 523 ARG A O   1 
ATOM 1004 C CB  . ARG A 1 161 ? 4.321   4.708   -3.642  1.00 50.80  ? 523 ARG A CB  1 
ATOM 1005 C CG  . ARG A 1 161 ? 5.328   5.571   -2.908  1.00 36.22  ? 523 ARG A CG  1 
ATOM 1006 C CD  . ARG A 1 161 ? 4.885   7.021   -2.881  1.00 51.95  ? 523 ARG A CD  1 
ATOM 1007 N NE  . ARG A 1 161 ? 4.866   7.642   -4.202  1.00 53.55  ? 523 ARG A NE  1 
ATOM 1008 C CZ  . ARG A 1 161 ? 4.177   8.738   -4.505  1.00 46.80  ? 523 ARG A CZ  1 
ATOM 1009 N NH1 . ARG A 1 161 ? 3.425   9.336   -3.592  1.00 48.51  ? 523 ARG A NH1 1 
ATOM 1010 N NH2 . ARG A 1 161 ? 4.229   9.234   -5.732  1.00 67.49  ? 523 ARG A NH2 1 
ATOM 1011 N N   . VAL A 1 162 ? 4.871   3.085   -0.866  1.00 35.46  ? 524 VAL A N   1 
ATOM 1012 C CA  . VAL A 1 162 ? 4.566   2.992   0.560   1.00 39.03  ? 524 VAL A CA  1 
ATOM 1013 C C   . VAL A 1 162 ? 5.408   3.935   1.422   1.00 43.12  ? 524 VAL A C   1 
ATOM 1014 O O   . VAL A 1 162 ? 6.599   4.126   1.177   1.00 39.33  ? 524 VAL A O   1 
ATOM 1015 C CB  . VAL A 1 162 ? 4.765   1.553   1.091   1.00 39.81  ? 524 VAL A CB  1 
ATOM 1016 C CG1 . VAL A 1 162 ? 3.651   0.649   0.608   1.00 46.78  ? 524 VAL A CG1 1 
ATOM 1017 C CG2 . VAL A 1 162 ? 6.118   1.004   0.676   1.00 50.75  ? 524 VAL A CG2 1 
ATOM 1018 N N   . TYR A 1 163 ? 4.764   4.516   2.431   1.00 46.11  ? 525 TYR A N   1 
ATOM 1019 C CA  . TYR A 1 163 ? 5.440   5.292   3.467   1.00 46.50  ? 525 TYR A CA  1 
ATOM 1020 C C   . TYR A 1 163 ? 5.127   4.725   4.844   1.00 44.10  ? 525 TYR A C   1 
ATOM 1021 O O   . TYR A 1 163 ? 4.184   3.950   4.999   1.00 53.47  ? 525 TYR A O   1 
ATOM 1022 C CB  . TYR A 1 163 ? 5.003   6.758   3.463   1.00 44.17  ? 525 TYR A CB  1 
ATOM 1023 C CG  . TYR A 1 163 ? 5.198   7.536   2.187   1.00 40.46  ? 525 TYR A CG  1 
ATOM 1024 C CD1 . TYR A 1 163 ? 6.336   8.305   1.989   1.00 44.99  ? 525 TYR A CD1 1 
ATOM 1025 C CD2 . TYR A 1 163 ? 4.222   7.547   1.204   1.00 34.66  ? 525 TYR A CD2 1 
ATOM 1026 C CE1 . TYR A 1 163 ? 6.508   9.040   0.835   1.00 45.97  ? 525 TYR A CE1 1 
ATOM 1027 C CE2 . TYR A 1 163 ? 4.383   8.281   0.048   1.00 44.21  ? 525 TYR A CE2 1 
ATOM 1028 C CZ  . TYR A 1 163 ? 5.528   9.026   -0.130  1.00 41.74  ? 525 TYR A CZ  1 
ATOM 1029 O OH  . TYR A 1 163 ? 5.689   9.757   -1.283  1.00 45.48  ? 525 TYR A OH  1 
ATOM 1030 N N   . TYR A 1 164 ? 5.908   5.117   5.846   1.00 46.17  ? 526 TYR A N   1 
ATOM 1031 C CA  . TYR A 1 164 ? 5.453   5.006   7.228   1.00 56.66  ? 526 TYR A CA  1 
ATOM 1032 C C   . TYR A 1 164 ? 5.811   6.273   7.993   1.00 50.51  ? 526 TYR A C   1 
ATOM 1033 O O   . TYR A 1 164 ? 6.640   7.063   7.547   1.00 50.83  ? 526 TYR A O   1 
ATOM 1034 C CB  . TYR A 1 164 ? 6.033   3.763   7.931   1.00 56.58  ? 526 TYR A CB  1 
ATOM 1035 C CG  . TYR A 1 164 ? 7.534   3.744   8.191   1.00 66.69  ? 526 TYR A CG  1 
ATOM 1036 C CD1 . TYR A 1 164 ? 8.157   4.735   8.944   1.00 78.23  ? 526 TYR A CD1 1 
ATOM 1037 C CD2 . TYR A 1 164 ? 8.316   2.697   7.728   1.00 74.07  ? 526 TYR A CD2 1 
ATOM 1038 C CE1 . TYR A 1 164 ? 9.515   4.703   9.188   1.00 79.42  ? 526 TYR A CE1 1 
ATOM 1039 C CE2 . TYR A 1 164 ? 9.677   2.656   7.972   1.00 78.84  ? 526 TYR A CE2 1 
ATOM 1040 C CZ  . TYR A 1 164 ? 10.270  3.660   8.704   1.00 86.96  ? 526 TYR A CZ  1 
ATOM 1041 O OH  . TYR A 1 164 ? 11.623  3.626   8.951   1.00 95.55  ? 526 TYR A OH  1 
ATOM 1042 N N   . THR A 1 165 ? 5.181   6.453   9.150   1.00 57.09  ? 527 THR A N   1 
ATOM 1043 C CA  . THR A 1 165 ? 5.498   7.567   10.034  1.00 54.46  ? 527 THR A CA  1 
ATOM 1044 C C   . THR A 1 165 ? 6.626   7.189   10.983  1.00 59.50  ? 527 THR A C   1 
ATOM 1045 O O   . THR A 1 165 ? 6.667   6.068   11.488  1.00 60.67  ? 527 THR A O   1 
ATOM 1046 C CB  . THR A 1 165 ? 4.282   7.995   10.868  1.00 50.37  ? 527 THR A CB  1 
ATOM 1047 O OG1 . THR A 1 165 ? 3.924   6.937   11.764  1.00 60.43  ? 527 THR A OG1 1 
ATOM 1048 C CG2 . THR A 1 165 ? 3.104   8.320   9.974   1.00 47.90  ? 527 THR A CG2 1 
ATOM 1049 N N   . ARG A 1 166 ? 7.541   8.122   11.221  1.00 75.97  ? 528 ARG A N   1 
ATOM 1050 C CA  . ARG A 1 166 ? 8.599   7.910   12.201  1.00 72.75  ? 528 ARG A CA  1 
ATOM 1051 C C   . ARG A 1 166 ? 8.021   7.897   13.610  1.00 76.23  ? 528 ARG A C   1 
ATOM 1052 O O   . ARG A 1 166 ? 7.563   8.924   14.108  1.00 79.64  ? 528 ARG A O   1 
ATOM 1053 C CB  . ARG A 1 166 ? 9.674   8.991   12.088  1.00 65.37  ? 528 ARG A CB  1 
ATOM 1054 C CG  . ARG A 1 166 ? 10.765  8.691   11.077  1.00 66.88  ? 528 ARG A CG  1 
ATOM 1055 C CD  . ARG A 1 166 ? 12.012  9.515   11.365  1.00 69.80  ? 528 ARG A CD  1 
ATOM 1056 N NE  . ARG A 1 166 ? 13.123  9.178   10.475  1.00 77.14  ? 528 ARG A NE  1 
ATOM 1057 C CZ  . ARG A 1 166 ? 13.368  9.774   9.311   1.00 82.17  ? 528 ARG A CZ  1 
ATOM 1058 N NH1 . ARG A 1 166 ? 12.581  10.748  8.870   1.00 74.81  ? 528 ARG A NH1 1 
ATOM 1059 N NH2 . ARG A 1 166 ? 14.406  9.391   8.580   1.00 86.02  ? 528 ARG A NH2 1 
ATOM 1060 N N   . PRO B 2 16  ? 4.653   15.827  16.150  1.00 70.41  ? 16  PRO B N   1 
ATOM 1061 C CA  . PRO B 2 16  ? 3.559   15.632  15.192  1.00 61.97  ? 16  PRO B CA  1 
ATOM 1062 C C   . PRO B 2 16  ? 2.944   14.237  15.318  1.00 66.63  ? 16  PRO B C   1 
ATOM 1063 O O   . PRO B 2 16  ? 3.532   13.270  14.834  1.00 71.34  ? 16  PRO B O   1 
ATOM 1064 C CB  . PRO B 2 16  ? 4.239   15.825  13.829  1.00 56.47  ? 16  PRO B CB  1 
ATOM 1065 C CG  . PRO B 2 16  ? 5.481   16.594  14.123  1.00 74.21  ? 16  PRO B CG  1 
ATOM 1066 C CD  . PRO B 2 16  ? 5.921   16.159  15.481  1.00 69.44  ? 16  PRO B CD  1 
ATOM 1067 N N   . PRO B 2 17  ? 1.781   14.129  15.979  1.00 62.92  ? 17  PRO B N   1 
ATOM 1068 C CA  . PRO B 2 17  ? 1.151   12.817  16.161  1.00 63.98  ? 17  PRO B CA  1 
ATOM 1069 C C   . PRO B 2 17  ? 0.882   12.113  14.832  1.00 61.94  ? 17  PRO B C   1 
ATOM 1070 O O   . PRO B 2 17  ? 0.421   12.764  13.895  1.00 62.29  ? 17  PRO B O   1 
ATOM 1071 C CB  . PRO B 2 17  ? -0.162  13.152  16.876  1.00 72.24  ? 17  PRO B CB  1 
ATOM 1072 C CG  . PRO B 2 17  ? 0.093   14.449  17.551  1.00 69.75  ? 17  PRO B CG  1 
ATOM 1073 C CD  . PRO B 2 17  ? 1.016   15.200  16.643  1.00 66.22  ? 17  PRO B CD  1 
ATOM 1074 N N   . PRO B 2 18  ? 1.177   10.805  14.742  1.00 57.17  ? 18  PRO B N   1 
ATOM 1075 C CA  . PRO B 2 18  ? 0.886   10.084  13.500  1.00 55.12  ? 18  PRO B CA  1 
ATOM 1076 C C   . PRO B 2 18  ? -0.600  10.098  13.157  1.00 55.74  ? 18  PRO B C   1 
ATOM 1077 O O   . PRO B 2 18  ? -0.963  10.108  11.981  1.00 51.07  ? 18  PRO B O   1 
ATOM 1078 C CB  . PRO B 2 18  ? 1.365   8.661   13.799  1.00 59.68  ? 18  PRO B CB  1 
ATOM 1079 C CG  . PRO B 2 18  ? 2.378   8.819   14.871  1.00 60.28  ? 18  PRO B CG  1 
ATOM 1080 C CD  . PRO B 2 18  ? 1.891   9.955   15.711  1.00 52.83  ? 18  PRO B CD  1 
ATOM 1081 N N   . GLU B 2 19  ? -1.442  10.100  14.184  1.00 56.56  ? 19  GLU B N   1 
ATOM 1082 C CA  . GLU B 2 19  ? -2.885  10.129  13.993  1.00 57.26  ? 19  GLU B CA  1 
ATOM 1083 C C   . GLU B 2 19  ? -3.302  11.388  13.241  1.00 57.26  ? 19  GLU B C   1 
ATOM 1084 O O   . GLU B 2 19  ? -4.262  11.376  12.473  1.00 59.52  ? 19  GLU B O   1 
ATOM 1085 C CB  . GLU B 2 19  ? -3.604  10.058  15.341  1.00 60.74  ? 19  GLU B CB  1 
ATOM 1086 C CG  . GLU B 2 19  ? -3.145  8.911   16.228  1.00 62.02  ? 19  GLU B CG  1 
ATOM 1087 N N   . CYS B 2 20  ? -2.568  12.473  13.465  1.00 60.05  ? 20  CYS B N   1 
ATOM 1088 C CA  . CYS B 2 20  ? -2.869  13.750  12.829  1.00 59.75  ? 20  CYS B CA  1 
ATOM 1089 C C   . CYS B 2 20  ? -2.367  13.785  11.388  1.00 53.25  ? 20  CYS B C   1 
ATOM 1090 O O   . CYS B 2 20  ? -3.031  14.337  10.510  1.00 53.21  ? 20  CYS B O   1 
ATOM 1091 C CB  . CYS B 2 20  ? -2.259  14.897  13.635  1.00 64.77  ? 20  CYS B CB  1 
ATOM 1092 S SG  . CYS B 2 20  ? -2.973  15.071  15.290  1.00 70.61  ? 20  CYS B SG  1 
ATOM 1093 N N   . ILE B 2 21  ? -1.196  13.203  11.149  1.00 54.97  ? 21  ILE B N   1 
ATOM 1094 C CA  . ILE B 2 21  ? -0.696  13.030  9.789   1.00 53.87  ? 21  ILE B CA  1 
ATOM 1095 C C   . ILE B 2 21  ? -1.702  12.223  8.980   1.00 57.41  ? 21  ILE B C   1 
ATOM 1096 O O   . ILE B 2 21  ? -2.015  12.556  7.837   1.00 51.59  ? 21  ILE B O   1 
ATOM 1097 C CB  . ILE B 2 21  ? 0.665   12.306  9.757   1.00 57.26  ? 21  ILE B CB  1 
ATOM 1098 C CG1 . ILE B 2 21  ? 1.757   13.162  10.407  1.00 55.63  ? 21  ILE B CG1 1 
ATOM 1099 C CG2 . ILE B 2 21  ? 1.048   11.952  8.323   1.00 53.23  ? 21  ILE B CG2 1 
ATOM 1100 C CD1 . ILE B 2 21  ? 2.102   14.429  9.641   1.00 70.02  ? 21  ILE B CD1 1 
ATOM 1101 N N   . ASN B 2 22  ? -2.202  11.156  9.594   1.00 53.50  ? 22  ASN B N   1 
ATOM 1102 C CA  . ASN B 2 22  ? -3.154  10.271  8.944   1.00 51.21  ? 22  ASN B CA  1 
ATOM 1103 C C   . ASN B 2 22  ? -4.428  11.006  8.555   1.00 50.50  ? 22  ASN B C   1 
ATOM 1104 O O   . ASN B 2 22  ? -4.878  10.919  7.414   1.00 52.05  ? 22  ASN B O   1 
ATOM 1105 C CB  . ASN B 2 22  ? -3.486  9.093   9.861   1.00 50.46  ? 22  ASN B CB  1 
ATOM 1106 C CG  . ASN B 2 22  ? -4.420  8.097   9.213   1.00 45.59  ? 22  ASN B CG  1 
ATOM 1107 O OD1 . ASN B 2 22  ? -4.049  7.410   8.264   1.00 53.68  ? 22  ASN B OD1 1 
ATOM 1108 N ND2 . ASN B 2 22  ? -5.639  8.008   9.728   1.00 56.39  ? 22  ASN B ND2 1 
ATOM 1109 N N   . ASP B 2 23  ? -4.994  11.741  9.507   1.00 56.64  ? 23  ASP B N   1 
ATOM 1110 C CA  . ASP B 2 23  ? -6.235  12.475  9.281   1.00 55.52  ? 23  ASP B CA  1 
ATOM 1111 C C   . ASP B 2 23  ? -6.084  13.478  8.141   1.00 48.92  ? 23  ASP B C   1 
ATOM 1112 O O   . ASP B 2 23  ? -6.994  13.656  7.333   1.00 50.01  ? 23  ASP B O   1 
ATOM 1113 C CB  . ASP B 2 23  ? -6.667  13.192  10.562  1.00 47.07  ? 23  ASP B CB  1 
ATOM 1114 C CG  . ASP B 2 23  ? -7.956  13.971  10.391  1.00 55.38  ? 23  ASP B CG  1 
ATOM 1115 O OD1 . ASP B 2 23  ? -7.886  15.192  10.142  1.00 67.19  ? 23  ASP B OD1 1 
ATOM 1116 O OD2 . ASP B 2 23  ? -9.041  13.363  10.504  1.00 64.26  ? 23  ASP B OD2 1 
ATOM 1117 N N   . ALA B 2 24  ? -4.925  14.124  8.076   1.00 48.83  ? 24  ALA B N   1 
ATOM 1118 C CA  . ALA B 2 24  ? -4.657  15.104  7.032   1.00 47.68  ? 24  ALA B CA  1 
ATOM 1119 C C   . ALA B 2 24  ? -4.635  14.456  5.653   1.00 48.82  ? 24  ALA B C   1 
ATOM 1120 O O   . ALA B 2 24  ? -5.263  14.948  4.717   1.00 51.28  ? 24  ALA B O   1 
ATOM 1121 C CB  . ALA B 2 24  ? -3.340  15.810  7.297   1.00 48.41  ? 24  ALA B CB  1 
ATOM 1122 N N   . LEU B 2 25  ? -3.915  13.346  5.535   1.00 61.61  ? 25  LEU B N   1 
ATOM 1123 C CA  . LEU B 2 25  ? -3.726  12.695  4.244   1.00 51.19  ? 25  LEU B CA  1 
ATOM 1124 C C   . LEU B 2 25  ? -5.020  12.178  3.631   1.00 45.96  ? 25  LEU B C   1 
ATOM 1125 O O   . LEU B 2 25  ? -5.074  11.940  2.437   1.00 48.59  ? 25  LEU B O   1 
ATOM 1126 C CB  . LEU B 2 25  ? -2.737  11.534  4.369   1.00 48.88  ? 25  LEU B CB  1 
ATOM 1127 C CG  . LEU B 2 25  ? -1.264  11.858  4.119   1.00 51.29  ? 25  LEU B CG  1 
ATOM 1128 C CD1 . LEU B 2 25  ? -0.404  10.639  4.394   1.00 43.74  ? 25  LEU B CD1 1 
ATOM 1129 C CD2 . LEU B 2 25  ? -1.048  12.341  2.695   1.00 58.76  ? 25  LEU B CD2 1 
ATOM 1130 N N   . GLN B 2 26  ? -6.060  11.987  4.431   1.00 52.40  ? 26  GLN B N   1 
ATOM 1131 C CA  . GLN B 2 26  ? -7.324  11.519  3.875   1.00 56.87  ? 26  GLN B CA  1 
ATOM 1132 C C   . GLN B 2 26  ? -8.009  12.638  3.102   1.00 56.09  ? 26  GLN B C   1 
ATOM 1133 O O   . GLN B 2 26  ? -8.457  12.441  1.973   1.00 70.01  ? 26  GLN B O   1 
ATOM 1134 C CB  . GLN B 2 26  ? -8.241  10.986  4.976   1.00 53.35  ? 26  GLN B CB  1 
ATOM 1135 C CG  . GLN B 2 26  ? -7.609  9.869   5.788   1.00 52.49  ? 26  GLN B CG  1 
ATOM 1136 C CD  . GLN B 2 26  ? -8.608  9.083   6.612   1.00 54.85  ? 26  GLN B CD  1 
ATOM 1137 O OE1 . GLN B 2 26  ? -9.780  8.975   6.255   1.00 67.07  ? 26  GLN B OE1 1 
ATOM 1138 N NE2 . GLN B 2 26  ? -8.144  8.522   7.721   1.00 57.40  ? 26  GLN B NE2 1 
ATOM 1139 N N   . ALA B 2 27  ? -8.088  13.814  3.715   1.00 60.72  ? 27  ALA B N   1 
ATOM 1140 C CA  . ALA B 2 27  ? -8.776  14.949  3.112   1.00 53.28  ? 27  ALA B CA  1 
ATOM 1141 C C   . ALA B 2 27  ? -8.019  15.588  1.946   1.00 55.77  ? 27  ALA B C   1 
ATOM 1142 O O   . ALA B 2 27  ? -8.540  15.691  0.835   1.00 58.95  ? 27  ALA B O   1 
ATOM 1143 C CB  . ALA B 2 27  ? -9.046  15.998  4.177   1.00 49.09  ? 27  ALA B CB  1 
ATOM 1144 N N   . VAL B 2 28  ? -6.789  16.018  2.213   1.00 47.74  ? 28  VAL B N   1 
ATOM 1145 C CA  . VAL B 2 28  ? -6.039  16.876  1.293   1.00 52.30  ? 28  VAL B CA  1 
ATOM 1146 C C   . VAL B 2 28  ? -5.020  16.165  0.389   1.00 47.91  ? 28  VAL B C   1 
ATOM 1147 O O   . VAL B 2 28  ? -4.197  16.834  -0.234  1.00 66.40  ? 28  VAL B O   1 
ATOM 1148 C CB  . VAL B 2 28  ? -5.323  18.008  2.066   1.00 48.90  ? 28  VAL B CB  1 
ATOM 1149 C CG1 . VAL B 2 28  ? -6.356  18.958  2.653   1.00 46.14  ? 28  VAL B CG1 1 
ATOM 1150 C CG2 . VAL B 2 28  ? -4.422  17.461  3.151   1.00 51.29  ? 28  VAL B CG2 1 
ATOM 1151 N N   . ASP B 2 29  ? -5.058  14.834  0.329   1.00 54.11  ? 29  ASP B N   1 
ATOM 1152 C CA  . ASP B 2 29  ? -3.973  14.049  -0.279  1.00 50.59  ? 29  ASP B CA  1 
ATOM 1153 C C   . ASP B 2 29  ? -3.504  14.570  -1.630  1.00 48.58  ? 29  ASP B C   1 
ATOM 1154 O O   . ASP B 2 29  ? -4.299  14.813  -2.538  1.00 41.99  ? 29  ASP B O   1 
ATOM 1155 C CB  . ASP B 2 29  ? -4.412  12.596  -0.480  1.00 49.51  ? 29  ASP B CB  1 
ATOM 1156 C CG  . ASP B 2 29  ? -3.238  11.644  -0.672  1.00 52.96  ? 29  ASP B CG  1 
ATOM 1157 O OD1 . ASP B 2 29  ? -2.105  11.985  -0.274  1.00 52.06  ? 29  ASP B OD1 1 
ATOM 1158 O OD2 . ASP B 2 29  ? -3.451  10.544  -1.222  1.00 55.29  ? 29  ASP B OD2 1 
ATOM 1159 N N   . SER B 2 30  ? -2.193  14.745  -1.734  1.00 47.00  ? 30  SER B N   1 
ATOM 1160 C CA  . SER B 2 30  ? -1.547  15.154  -2.969  1.00 46.67  ? 30  SER B CA  1 
ATOM 1161 C C   . SER B 2 30  ? -0.076  14.783  -2.887  1.00 48.42  ? 30  SER B C   1 
ATOM 1162 O O   . SER B 2 30  ? 0.432   14.485  -1.806  1.00 47.46  ? 30  SER B O   1 
ATOM 1163 C CB  . SER B 2 30  ? -1.708  16.654  -3.205  1.00 52.51  ? 30  SER B CB  1 
ATOM 1164 O OG  . SER B 2 30  ? -0.863  17.391  -2.340  1.00 54.37  ? 30  SER B OG  1 
ATOM 1165 N N   . GLN B 2 31  ? 0.606   14.787  -4.026  1.00 49.94  ? 31  GLN B N   1 
ATOM 1166 C CA  . GLN B 2 31  ? 2.048   14.584  -4.041  1.00 49.24  ? 31  GLN B CA  1 
ATOM 1167 C C   . GLN B 2 31  ? 2.743   15.660  -3.206  1.00 54.14  ? 31  GLN B C   1 
ATOM 1168 O O   . GLN B 2 31  ? 3.721   15.385  -2.514  1.00 54.68  ? 31  GLN B O   1 
ATOM 1169 C CB  . GLN B 2 31  ? 2.576   14.602  -5.476  1.00 48.23  ? 31  GLN B CB  1 
ATOM 1170 C CG  . GLN B 2 31  ? 4.075   14.373  -5.592  1.00 51.21  ? 31  GLN B CG  1 
ATOM 1171 C CD  . GLN B 2 31  ? 4.495   12.998  -5.114  1.00 48.07  ? 31  GLN B CD  1 
ATOM 1172 O OE1 . GLN B 2 31  ? 3.919   11.986  -5.511  1.00 48.85  ? 31  GLN B OE1 1 
ATOM 1173 N NE2 . GLN B 2 31  ? 5.506   12.956  -4.254  1.00 45.24  ? 31  GLN B NE2 1 
ATOM 1174 N N   . GLU B 2 32  ? 2.221   16.881  -3.266  1.00 56.21  ? 32  GLU B N   1 
ATOM 1175 C CA  . GLU B 2 32  ? 2.827   18.013  -2.573  1.00 52.94  ? 32  GLU B CA  1 
ATOM 1176 C C   . GLU B 2 32  ? 2.808   17.834  -1.059  1.00 51.11  ? 32  GLU B C   1 
ATOM 1177 O O   . GLU B 2 32  ? 3.814   18.057  -0.387  1.00 51.41  ? 32  GLU B O   1 
ATOM 1178 C CB  . GLU B 2 32  ? 2.114   19.314  -2.946  1.00 54.55  ? 32  GLU B CB  1 
ATOM 1179 C CG  . GLU B 2 32  ? 2.396   19.812  -4.357  1.00 51.68  ? 32  GLU B CG  1 
ATOM 1180 C CD  . GLU B 2 32  ? 1.652   19.034  -5.429  1.00 69.54  ? 32  GLU B CD  1 
ATOM 1181 O OE1 . GLU B 2 32  ? 1.002   18.020  -5.100  1.00 70.71  ? 32  GLU B OE1 1 
ATOM 1182 O OE2 . GLU B 2 32  ? 1.715   19.444  -6.607  1.00 90.89  ? 32  GLU B OE2 1 
ATOM 1183 N N   . VAL B 2 33  ? 1.658   17.437  -0.523  1.00 52.03  ? 33  VAL B N   1 
ATOM 1184 C CA  . VAL B 2 33  ? 1.524   17.236  0.914   1.00 44.42  ? 33  VAL B CA  1 
ATOM 1185 C C   . VAL B 2 33  ? 2.447   16.118  1.380   1.00 46.27  ? 33  VAL B C   1 
ATOM 1186 O O   . VAL B 2 33  ? 3.064   16.211  2.438   1.00 54.20  ? 33  VAL B O   1 
ATOM 1187 C CB  . VAL B 2 33  ? 0.075   16.895  1.308   1.00 43.15  ? 33  VAL B CB  1 
ATOM 1188 C CG1 . VAL B 2 33  ? -0.020  16.640  2.801   1.00 42.45  ? 33  VAL B CG1 1 
ATOM 1189 C CG2 . VAL B 2 33  ? -0.864  18.018  0.904   1.00 53.64  ? 33  VAL B CG2 1 
ATOM 1190 N N   . ARG B 2 34  ? 2.538   15.060  0.581   1.00 52.97  ? 34  ARG B N   1 
ATOM 1191 C CA  . ARG B 2 34  ? 3.400   13.935  0.912   1.00 46.43  ? 34  ARG B CA  1 
ATOM 1192 C C   . ARG B 2 34  ? 4.862   14.361  0.864   1.00 48.80  ? 34  ARG B C   1 
ATOM 1193 O O   . ARG B 2 34  ? 5.669   13.929  1.686   1.00 47.87  ? 34  ARG B O   1 
ATOM 1194 C CB  . ARG B 2 34  ? 3.141   12.762  -0.037  1.00 46.10  ? 34  ARG B CB  1 
ATOM 1195 C CG  . ARG B 2 34  ? 1.828   12.040  0.249   1.00 51.56  ? 34  ARG B CG  1 
ATOM 1196 C CD  . ARG B 2 34  ? 1.503   10.975  -0.787  1.00 41.03  ? 34  ARG B CD  1 
ATOM 1197 N NE  . ARG B 2 34  ? 0.192   10.373  -0.544  1.00 53.43  ? 34  ARG B NE  1 
ATOM 1198 C CZ  . ARG B 2 34  ? -0.022  9.287   0.194   1.00 38.98  ? 34  ARG B CZ  1 
ATOM 1199 N NH1 . ARG B 2 34  ? 0.987   8.654   0.779   1.00 42.63  ? 34  ARG B NH1 1 
ATOM 1200 N NH2 . ARG B 2 34  ? -1.254  8.827   0.350   1.00 46.57  ? 34  ARG B NH2 1 
ATOM 1201 N N   . ASP B 2 35  ? 5.196   15.220  -0.094  1.00 50.39  ? 35  ASP B N   1 
ATOM 1202 C CA  . ASP B 2 35  ? 6.540   15.776  -0.171  1.00 45.67  ? 35  ASP B CA  1 
ATOM 1203 C C   . ASP B 2 35  ? 6.834   16.622  1.062   1.00 51.22  ? 35  ASP B C   1 
ATOM 1204 O O   . ASP B 2 35  ? 7.918   16.536  1.636   1.00 48.38  ? 35  ASP B O   1 
ATOM 1205 C CB  . ASP B 2 35  ? 6.711   16.616  -1.439  1.00 45.50  ? 35  ASP B CB  1 
ATOM 1206 C CG  . ASP B 2 35  ? 6.745   15.776  -2.698  1.00 48.56  ? 35  ASP B CG  1 
ATOM 1207 O OD1 . ASP B 2 35  ? 6.971   14.553  -2.597  1.00 54.73  ? 35  ASP B OD1 1 
ATOM 1208 O OD2 . ASP B 2 35  ? 6.555   16.343  -3.794  1.00 53.33  ? 35  ASP B OD2 1 
ATOM 1209 N N   . TYR B 2 36  ? 5.858   17.429  1.471   1.00 49.53  ? 36  TYR B N   1 
ATOM 1210 C CA  . TYR B 2 36  ? 6.017   18.299  2.632   1.00 49.83  ? 36  TYR B CA  1 
ATOM 1211 C C   . TYR B 2 36  ? 6.303   17.489  3.891   1.00 51.89  ? 36  TYR B C   1 
ATOM 1212 O O   . TYR B 2 36  ? 7.220   17.808  4.647   1.00 48.37  ? 36  TYR B O   1 
ATOM 1213 C CB  . TYR B 2 36  ? 4.766   19.158  2.831   1.00 49.34  ? 36  TYR B CB  1 
ATOM 1214 C CG  . TYR B 2 36  ? 4.768   19.969  4.109   1.00 48.81  ? 36  TYR B CG  1 
ATOM 1215 C CD1 . TYR B 2 36  ? 5.636   21.038  4.275   1.00 52.85  ? 36  TYR B CD1 1 
ATOM 1216 C CD2 . TYR B 2 36  ? 3.892   19.673  5.145   1.00 49.68  ? 36  TYR B CD2 1 
ATOM 1217 C CE1 . TYR B 2 36  ? 5.639   21.783  5.441   1.00 52.21  ? 36  TYR B CE1 1 
ATOM 1218 C CE2 . TYR B 2 36  ? 3.887   20.414  6.314   1.00 42.51  ? 36  TYR B CE2 1 
ATOM 1219 C CZ  . TYR B 2 36  ? 4.762   21.467  6.454   1.00 48.64  ? 36  TYR B CZ  1 
ATOM 1220 O OH  . TYR B 2 36  ? 4.760   22.207  7.614   1.00 49.53  ? 36  TYR B OH  1 
ATOM 1221 N N   . CYS B 2 37  ? 5.518   16.439  4.107   1.00 59.45  ? 37  CYS B N   1 
ATOM 1222 C CA  . CYS B 2 37  ? 5.678   15.592  5.284   1.00 48.41  ? 37  CYS B CA  1 
ATOM 1223 C C   . CYS B 2 37  ? 6.999   14.830  5.250   1.00 43.78  ? 37  CYS B C   1 
ATOM 1224 O O   . CYS B 2 37  ? 7.597   14.570  6.295   1.00 49.18  ? 37  CYS B O   1 
ATOM 1225 C CB  . CYS B 2 37  ? 4.512   14.611  5.395   1.00 46.05  ? 37  CYS B CB  1 
ATOM 1226 S SG  . CYS B 2 37  ? 2.914   15.392  5.712   1.00 57.68  ? 37  CYS B SG  1 
ATOM 1227 N N   . GLU B 2 38  ? 7.453   14.473  4.054   1.00 43.55  ? 38  GLU B N   1 
ATOM 1228 C CA  . GLU B 2 38  ? 8.708   13.742  3.909   1.00 44.18  ? 38  GLU B CA  1 
ATOM 1229 C C   . GLU B 2 38  ? 9.904   14.663  4.144   1.00 55.12  ? 38  GLU B C   1 
ATOM 1230 O O   . GLU B 2 38  ? 10.932  14.228  4.663   1.00 44.29  ? 38  GLU B O   1 
ATOM 1231 C CB  . GLU B 2 38  ? 8.806   13.095  2.526   1.00 39.94  ? 38  GLU B CB  1 
ATOM 1232 C CG  . GLU B 2 38  ? 9.935   12.078  2.412   1.00 41.47  ? 38  GLU B CG  1 
ATOM 1233 C CD  . GLU B 2 38  ? 10.010  11.417  1.049   1.00 43.91  ? 38  GLU B CD  1 
ATOM 1234 O OE1 . GLU B 2 38  ? 9.120   11.666  0.208   1.00 60.99  ? 38  GLU B OE1 1 
ATOM 1235 O OE2 . GLU B 2 38  ? 10.963  10.646  0.817   1.00 42.87  ? 38  GLU B OE2 1 
ATOM 1236 N N   . LYS B 2 39  ? 9.771   15.932  3.761   1.00 56.98  ? 39  LYS B N   1 
ATOM 1237 C CA  . LYS B 2 39  ? 10.824  16.913  4.004   1.00 49.51  ? 39  LYS B CA  1 
ATOM 1238 C C   . LYS B 2 39  ? 10.997  17.152  5.498   1.00 46.94  ? 39  LYS B C   1 
ATOM 1239 O O   . LYS B 2 39  ? 12.117  17.214  6.001   1.00 53.41  ? 39  LYS B O   1 
ATOM 1240 C CB  . LYS B 2 39  ? 10.519  18.240  3.304   1.00 56.02  ? 39  LYS B CB  1 
ATOM 1241 C CG  . LYS B 2 39  ? 10.721  18.229  1.795   1.00 56.51  ? 39  LYS B CG  1 
ATOM 1242 C CD  . LYS B 2 39  ? 10.871  19.645  1.247   1.00 75.97  ? 39  LYS B CD  1 
ATOM 1243 C CE  . LYS B 2 39  ? 10.053  19.863  -0.020  1.00 81.61  ? 39  LYS B CE  1 
ATOM 1244 N NZ  . LYS B 2 39  ? 8.644   20.250  0.280   1.00 70.05  ? 39  LYS B NZ  1 
ATOM 1245 N N   . LYS B 2 40  ? 9.877   17.280  6.201   1.00 47.87  ? 40  LYS B N   1 
ATOM 1246 C CA  . LYS B 2 40  ? 9.896   17.554  7.634   1.00 49.32  ? 40  LYS B CA  1 
ATOM 1247 C C   . LYS B 2 40  ? 10.342  16.333  8.436   1.00 50.83  ? 40  LYS B C   1 
ATOM 1248 O O   . LYS B 2 40  ? 10.562  16.423  9.643   1.00 60.64  ? 40  LYS B O   1 
ATOM 1249 C CB  . LYS B 2 40  ? 8.512   18.010  8.102   1.00 56.40  ? 40  LYS B CB  1 
ATOM 1250 C CG  . LYS B 2 40  ? 8.023   19.293  7.441   1.00 61.88  ? 40  LYS B CG  1 
ATOM 1251 C CD  . LYS B 2 40  ? 8.713   20.532  8.003   1.00 56.42  ? 40  LYS B CD  1 
ATOM 1252 C CE  . LYS B 2 40  ? 8.125   20.939  9.347   1.00 65.38  ? 40  LYS B CE  1 
ATOM 1253 N NZ  . LYS B 2 40  ? 8.722   22.204  9.864   1.00 70.91  ? 40  LYS B NZ  1 
ATOM 1254 N N   . GLY B 2 41  ? 10.473  15.195  7.761   1.00 61.05  ? 41  GLY B N   1 
ATOM 1255 C CA  . GLY B 2 41  ? 10.951  13.979  8.395   1.00 53.46  ? 41  GLY B CA  1 
ATOM 1256 C C   . GLY B 2 41  ? 9.852   13.207  9.098   1.00 56.76  ? 41  GLY B C   1 
ATOM 1257 O O   . GLY B 2 41  ? 10.126  12.302  9.886   1.00 58.19  ? 41  GLY B O   1 
ATOM 1258 N N   . TRP B 2 42  ? 8.604   13.560  8.813   1.00 49.17  ? 42  TRP B N   1 
ATOM 1259 C CA  . TRP B 2 42  ? 7.464   12.927  9.463   1.00 49.92  ? 42  TRP B CA  1 
ATOM 1260 C C   . TRP B 2 42  ? 7.158   11.565  8.849   1.00 49.09  ? 42  TRP B C   1 
ATOM 1261 O O   . TRP B 2 42  ? 6.847   10.616  9.568   1.00 54.52  ? 42  TRP B O   1 
ATOM 1262 C CB  . TRP B 2 42  ? 6.242   13.839  9.383   1.00 48.71  ? 42  TRP B CB  1 
ATOM 1263 C CG  . TRP B 2 42  ? 6.470   15.167  10.031  1.00 53.65  ? 42  TRP B CG  1 
ATOM 1264 C CD1 . TRP B 2 42  ? 7.418   15.471  10.966  1.00 59.37  ? 42  TRP B CD1 1 
ATOM 1265 C CD2 . TRP B 2 42  ? 5.748   16.378  9.785   1.00 59.05  ? 42  TRP B CD2 1 
ATOM 1266 N NE1 . TRP B 2 42  ? 7.329   16.795  11.318  1.00 56.38  ? 42  TRP B NE1 1 
ATOM 1267 C CE2 . TRP B 2 42  ? 6.310   17.375  10.609  1.00 62.50  ? 42  TRP B CE2 1 
ATOM 1268 C CE3 . TRP B 2 42  ? 4.680   16.719  8.950   1.00 55.80  ? 42  TRP B CE3 1 
ATOM 1269 C CZ2 . TRP B 2 42  ? 5.841   18.684  10.623  1.00 63.14  ? 42  TRP B CZ2 1 
ATOM 1270 C CZ3 . TRP B 2 42  ? 4.215   18.019  8.965   1.00 62.10  ? 42  TRP B CZ3 1 
ATOM 1271 C CH2 . TRP B 2 42  ? 4.795   18.987  9.796   1.00 63.39  ? 42  TRP B CH2 1 
ATOM 1272 N N   . ILE B 2 43  ? 7.248   11.474  7.524   1.00 43.37  ? 43  ILE B N   1 
ATOM 1273 C CA  . ILE B 2 43  ? 7.058   10.204  6.829   1.00 52.22  ? 43  ILE B CA  1 
ATOM 1274 C C   . ILE B 2 43  ? 8.311   9.829   6.042   1.00 47.06  ? 43  ILE B C   1 
ATOM 1275 O O   . ILE B 2 43  ? 9.108   10.691  5.677   1.00 50.86  ? 43  ILE B O   1 
ATOM 1276 C CB  . ILE B 2 43  ? 5.842   10.247  5.872   1.00 48.54  ? 43  ILE B CB  1 
ATOM 1277 C CG1 . ILE B 2 43  ? 6.066   11.244  4.732   1.00 46.97  ? 43  ILE B CG1 1 
ATOM 1278 C CG2 . ILE B 2 43  ? 4.579   10.602  6.642   1.00 54.63  ? 43  ILE B CG2 1 
ATOM 1279 C CD1 . ILE B 2 43  ? 4.990   11.195  3.669   1.00 40.02  ? 43  ILE B CD1 1 
ATOM 1280 N N   . VAL B 2 44  ? 8.469   8.534   5.789   1.00 44.51  ? 44  VAL B N   1 
ATOM 1281 C CA  . VAL B 2 44  ? 9.638   8.005   5.096   1.00 49.66  ? 44  VAL B CA  1 
ATOM 1282 C C   . VAL B 2 44  ? 9.209   7.073   3.973   1.00 46.33  ? 44  VAL B C   1 
ATOM 1283 O O   . VAL B 2 44  ? 8.336   6.234   4.170   1.00 51.16  ? 44  VAL B O   1 
ATOM 1284 C CB  . VAL B 2 44  ? 10.559  7.237   6.061   1.00 47.94  ? 44  VAL B CB  1 
ATOM 1285 C CG1 . VAL B 2 44  ? 11.794  6.738   5.337   1.00 51.94  ? 44  VAL B CG1 1 
ATOM 1286 C CG2 . VAL B 2 44  ? 10.941  8.114   7.243   1.00 55.44  ? 44  VAL B CG2 1 
ATOM 1287 N N   . ASN B 2 45  ? 9.837   7.199   2.808   1.00 43.38  ? 45  ASN B N   1 
ATOM 1288 C CA  . ASN B 2 45  ? 9.476   6.369   1.665   1.00 39.80  ? 45  ASN B CA  1 
ATOM 1289 C C   . ASN B 2 45  ? 10.338  5.111   1.637   1.00 42.22  ? 45  ASN B C   1 
ATOM 1290 O O   . ASN B 2 45  ? 11.524  5.159   1.315   1.00 44.22  ? 45  ASN B O   1 
ATOM 1291 C CB  . ASN B 2 45  ? 9.639   7.167   0.369   1.00 39.11  ? 45  ASN B CB  1 
ATOM 1292 C CG  . ASN B 2 45  ? 9.098   6.440   -0.846  1.00 39.44  ? 45  ASN B CG  1 
ATOM 1293 O OD1 . ASN B 2 45  ? 9.199   5.220   -0.959  1.00 45.88  ? 45  ASN B OD1 1 
ATOM 1294 N ND2 . ASN B 2 45  ? 8.523   7.198   -1.769  1.00 41.33  ? 45  ASN B ND2 1 
ATOM 1295 N N   . ILE B 2 46  ? 9.707   3.989   1.973   1.00 42.66  ? 46  ILE B N   1 
ATOM 1296 C CA  . ILE B 2 46  ? 10.378  2.695   2.112   1.00 44.12  ? 46  ILE B CA  1 
ATOM 1297 C C   . ILE B 2 46  ? 10.201  1.760   0.917   1.00 41.05  ? 46  ILE B C   1 
ATOM 1298 O O   . ILE B 2 46  ? 10.635  0.610   0.965   1.00 49.01  ? 46  ILE B O   1 
ATOM 1299 C CB  . ILE B 2 46  ? 9.886   1.959   3.371   1.00 55.30  ? 46  ILE B CB  1 
ATOM 1300 C CG1 . ILE B 2 46  ? 8.374   1.721   3.292   1.00 49.92  ? 46  ILE B CG1 1 
ATOM 1301 C CG2 . ILE B 2 46  ? 10.259  2.749   4.614   1.00 53.69  ? 46  ILE B CG2 1 
ATOM 1302 C CD1 . ILE B 2 46  ? 7.762   1.227   4.568   1.00 51.93  ? 46  ILE B CD1 1 
ATOM 1303 N N   . THR B 2 47  ? 9.544   2.241   -0.132  1.00 38.07  ? 47  THR B N   1 
ATOM 1304 C CA  . THR B 2 47  ? 9.149   1.392   -1.256  1.00 37.26  ? 47  THR B CA  1 
ATOM 1305 C C   . THR B 2 47  ? 10.290  0.538   -1.811  1.00 50.07  ? 47  THR B C   1 
ATOM 1306 O O   . THR B 2 47  ? 10.068  -0.585  -2.263  1.00 49.73  ? 47  THR B O   1 
ATOM 1307 C CB  . THR B 2 47  ? 8.578   2.237   -2.402  1.00 37.14  ? 47  THR B CB  1 
ATOM 1308 O OG1 . THR B 2 47  ? 7.546   3.093   -1.898  1.00 43.41  ? 47  THR B OG1 1 
ATOM 1309 C CG2 . THR B 2 47  ? 8.006   1.347   -3.493  1.00 41.35  ? 47  THR B CG2 1 
ATOM 1310 N N   . SER B 2 48  ? 11.509  1.066   -1.769  1.00 45.19  ? 48  SER B N   1 
ATOM 1311 C CA  . SER B 2 48  ? 12.664  0.363   -2.317  1.00 39.27  ? 48  SER B CA  1 
ATOM 1312 C C   . SER B 2 48  ? 13.152  -0.765  -1.408  1.00 41.09  ? 48  SER B C   1 
ATOM 1313 O O   . SER B 2 48  ? 13.897  -1.640  -1.847  1.00 51.48  ? 48  SER B O   1 
ATOM 1314 C CB  . SER B 2 48  ? 13.805  1.350   -2.567  1.00 49.85  ? 48  SER B CB  1 
ATOM 1315 O OG  . SER B 2 48  ? 14.190  1.998   -1.367  1.00 59.93  ? 48  SER B OG  1 
ATOM 1316 N N   . GLN B 2 49  ? 12.729  -0.742  -0.148  1.00 40.54  ? 49  GLN B N   1 
ATOM 1317 C CA  . GLN B 2 49  ? 13.229  -1.678  0.859   1.00 46.90  ? 49  GLN B CA  1 
ATOM 1318 C C   . GLN B 2 49  ? 12.343  -2.910  1.069   1.00 48.14  ? 49  GLN B C   1 
ATOM 1319 O O   . GLN B 2 49  ? 12.590  -3.708  1.970   1.00 50.95  ? 49  GLN B O   1 
ATOM 1320 C CB  . GLN B 2 49  ? 13.413  -0.941  2.185   1.00 56.40  ? 49  GLN B CB  1 
ATOM 1321 C CG  . GLN B 2 49  ? 14.643  -0.051  2.201   1.00 51.74  ? 49  GLN B CG  1 
ATOM 1322 C CD  . GLN B 2 49  ? 14.510  1.114   3.155   1.00 55.94  ? 49  GLN B CD  1 
ATOM 1323 O OE1 . GLN B 2 49  ? 14.504  0.938   4.372   1.00 52.51  ? 49  GLN B OE1 1 
ATOM 1324 N NE2 . GLN B 2 49  ? 14.400  2.317   2.603   1.00 72.71  ? 49  GLN B NE2 1 
ATOM 1325 N N   . VAL B 2 50  ? 11.302  -3.051  0.258   1.00 50.78  ? 50  VAL B N   1 
ATOM 1326 C CA  . VAL B 2 50  ? 10.376  -4.172  0.387   1.00 43.46  ? 50  VAL B CA  1 
ATOM 1327 C C   . VAL B 2 50  ? 10.933  -5.490  -0.162  1.00 52.85  ? 50  VAL B C   1 
ATOM 1328 O O   . VAL B 2 50  ? 11.856  -5.496  -0.977  1.00 45.93  ? 50  VAL B O   1 
ATOM 1329 C CB  . VAL B 2 50  ? 9.047   -3.876  -0.334  1.00 42.09  ? 50  VAL B CB  1 
ATOM 1330 C CG1 . VAL B 2 50  ? 8.411   -2.609  0.216   1.00 43.80  ? 50  VAL B CG1 1 
ATOM 1331 C CG2 . VAL B 2 50  ? 9.270   -3.753  -1.830  1.00 45.01  ? 50  VAL B CG2 1 
ATOM 1332 N N   . GLN B 2 51  ? 10.361  -6.599  0.304   1.00 53.65  ? 51  GLN B N   1 
ATOM 1333 C CA  . GLN B 2 51  ? 10.571  -7.920  -0.293  1.00 42.51  ? 51  GLN B CA  1 
ATOM 1334 C C   . GLN B 2 51  ? 9.361   -8.285  -1.143  1.00 43.27  ? 51  GLN B C   1 
ATOM 1335 O O   . GLN B 2 51  ? 8.241   -7.897  -0.816  1.00 45.78  ? 51  GLN B O   1 
ATOM 1336 C CB  . GLN B 2 51  ? 10.775  -8.995  0.775   1.00 45.21  ? 51  GLN B CB  1 
ATOM 1337 C CG  . GLN B 2 51  ? 12.134  -9.017  1.438   1.00 44.96  ? 51  GLN B CG  1 
ATOM 1338 C CD  . GLN B 2 51  ? 12.256  -10.158 2.433   1.00 53.01  ? 51  GLN B CD  1 
ATOM 1339 O OE1 . GLN B 2 51  ? 11.419  -11.059 2.464   1.00 54.41  ? 51  GLN B OE1 1 
ATOM 1340 N NE2 . GLN B 2 51  ? 13.301  -10.125 3.249   1.00 70.95  ? 51  GLN B NE2 1 
ATOM 1341 N N   . THR B 2 52  ? 9.582   -9.023  -2.228  1.00 48.62  ? 52  THR B N   1 
ATOM 1342 C CA  . THR B 2 52  ? 8.477   -9.515  -3.050  1.00 49.82  ? 52  THR B CA  1 
ATOM 1343 C C   . THR B 2 52  ? 8.457   -11.039 -3.128  1.00 48.44  ? 52  THR B C   1 
ATOM 1344 O O   . THR B 2 52  ? 9.496   -11.686 -3.270  1.00 50.15  ? 52  THR B O   1 
ATOM 1345 C CB  . THR B 2 52  ? 8.532   -8.951  -4.478  1.00 44.74  ? 52  THR B CB  1 
ATOM 1346 O OG1 . THR B 2 52  ? 9.685   -9.457  -5.159  1.00 61.47  ? 52  THR B OG1 1 
ATOM 1347 C CG2 . THR B 2 52  ? 8.572   -7.432  -4.449  1.00 43.19  ? 52  THR B CG2 1 
ATOM 1348 N N   . GLU B 2 53  ? 7.252   -11.590 -3.034  1.00 49.33  ? 53  GLU B N   1 
ATOM 1349 C CA  . GLU B 2 53  ? 7.013   -13.026 -3.099  1.00 52.04  ? 53  GLU B CA  1 
ATOM 1350 C C   . GLU B 2 53  ? 5.923   -13.294 -4.135  1.00 53.17  ? 53  GLU B C   1 
ATOM 1351 O O   . GLU B 2 53  ? 4.851   -12.695 -4.075  1.00 55.41  ? 53  GLU B O   1 
ATOM 1352 C CB  . GLU B 2 53  ? 6.616   -13.554 -1.715  1.00 54.68  ? 53  GLU B CB  1 
ATOM 1353 C CG  . GLU B 2 53  ? 5.937   -14.917 -1.688  1.00 71.02  ? 53  GLU B CG  1 
ATOM 1354 C CD  . GLU B 2 53  ? 5.333   -15.229 -0.331  1.00 83.61  ? 53  GLU B CD  1 
ATOM 1355 O OE1 . GLU B 2 53  ? 5.726   -14.578 0.661   1.00 81.49  ? 53  GLU B OE1 1 
ATOM 1356 O OE2 . GLU B 2 53  ? 4.458   -16.116 -0.258  1.00 71.49  ? 53  GLU B OE2 1 
ATOM 1357 N N   . ARG B 2 54  ? 6.204   -14.190 -5.079  1.00 57.62  ? 54  ARG B N   1 
ATOM 1358 C CA  . ARG B 2 54  ? 5.299   -14.452 -6.199  1.00 45.62  ? 54  ARG B CA  1 
ATOM 1359 C C   . ARG B 2 54  ? 4.823   -15.903 -6.228  1.00 49.23  ? 54  ARG B C   1 
ATOM 1360 O O   . ARG B 2 54  ? 5.617   -16.821 -6.432  1.00 48.40  ? 54  ARG B O   1 
ATOM 1361 C CB  . ARG B 2 54  ? 5.992   -14.107 -7.520  1.00 42.29  ? 54  ARG B CB  1 
ATOM 1362 C CG  . ARG B 2 54  ? 5.098   -14.208 -8.744  1.00 48.87  ? 54  ARG B CG  1 
ATOM 1363 C CD  . ARG B 2 54  ? 5.894   -14.010 -10.025 1.00 58.68  ? 54  ARG B CD  1 
ATOM 1364 N NE  . ARG B 2 54  ? 6.620   -12.740 -10.039 1.00 52.98  ? 54  ARG B NE  1 
ATOM 1365 C CZ  . ARG B 2 54  ? 6.179   -11.616 -10.598 1.00 45.49  ? 54  ARG B CZ  1 
ATOM 1366 N NH1 . ARG B 2 54  ? 5.000   -11.575 -11.207 1.00 55.34  ? 54  ARG B NH1 1 
ATOM 1367 N NH2 . ARG B 2 54  ? 6.925   -10.522 -10.549 1.00 48.62  ? 54  ARG B NH2 1 
ATOM 1368 N N   . ASN B 2 55  ? 3.521   -16.098 -6.038  1.00 48.27  ? 55  ASN B N   1 
ATOM 1369 C CA  . ASN B 2 55  ? 2.926   -17.431 -6.020  1.00 57.68  ? 55  ASN B CA  1 
ATOM 1370 C C   . ASN B 2 55  ? 1.918   -17.634 -7.146  1.00 55.81  ? 55  ASN B C   1 
ATOM 1371 O O   . ASN B 2 55  ? 1.368   -16.673 -7.681  1.00 45.92  ? 55  ASN B O   1 
ATOM 1372 C CB  . ASN B 2 55  ? 2.247   -17.691 -4.674  1.00 55.66  ? 55  ASN B CB  1 
ATOM 1373 C CG  . ASN B 2 55  ? 3.240   -17.893 -3.547  1.00 73.41  ? 55  ASN B CG  1 
ATOM 1374 O OD1 . ASN B 2 55  ? 3.183   -17.211 -2.525  1.00 79.70  ? 55  ASN B OD1 1 
ATOM 1375 N ND2 . ASN B 2 55  ? 4.158   -18.836 -3.728  1.00 72.18  ? 55  ASN B ND2 1 
ATOM 1376 N N   . ILE B 2 56  ? 1.689   -18.896 -7.501  1.00 77.78  ? 56  ILE B N   1 
ATOM 1377 C CA  . ILE B 2 56  ? 0.707   -19.255 -8.519  1.00 70.97  ? 56  ILE B CA  1 
ATOM 1378 C C   . ILE B 2 56  ? -0.184  -20.388 -8.020  1.00 61.70  ? 56  ILE B C   1 
ATOM 1379 O O   . ILE B 2 56  ? -1.406  -20.256 -7.980  1.00 64.78  ? 56  ILE B O   1 
ATOM 1380 C CB  . ILE B 2 56  ? 1.376   -19.687 -9.836  1.00 59.96  ? 56  ILE B CB  1 
ATOM 1381 C CG1 . ILE B 2 56  ? 2.489   -18.707 -10.222 1.00 77.67  ? 56  ILE B CG1 1 
ATOM 1382 C CG2 . ILE B 2 56  ? 0.342   -19.786 -10.946 1.00 66.44  ? 56  ILE B CG2 1 
ATOM 1383 C CD1 . ILE B 2 56  ? 3.864   -19.100 -9.714  1.00 77.99  ? 56  ILE B CD1 1 
# 
